data_9QPY
#
_entry.id   9QPY
#
_cell.length_a   1.00
_cell.length_b   1.00
_cell.length_c   1.00
_cell.angle_alpha   90.00
_cell.angle_beta   90.00
_cell.angle_gamma   90.00
#
_symmetry.space_group_name_H-M   'P 1'
#
loop_
_entity.id
_entity.type
_entity.pdbx_description
1 polymer 'Complement C4-A'
2 polymer 'Anti-C4b nanobody B12'
3 polymer 'Complement C2'
4 non-polymer 2-acetamido-2-deoxy-beta-D-glucopyranose
5 non-polymer 'MAGNESIUM ION'
#
loop_
_entity_poly.entity_id
_entity_poly.type
_entity_poly.pdbx_seq_one_letter_code
_entity_poly.pdbx_strand_id
1 'polypeptide(L)'
;MRLLWGLIWASSFFTLSLQKPRLLLFSPSVVHLGVPLSVGVQLQDVPRGQVVKGSVFLRNPSRNNVPCSPKVDFTLSSER
DFALLSLQVPLKDAKSCGLHQLLRGPEVQLVAHSPWLKDSLSRTTNIQGINLLFSSRRGHLFLQTDQPIYNPGQRVRYRV
FALDQKMRPSTDTITVMVENSHGLRVRKKEVYMPSSIFQDDFVIPDISEPGTWKISARFSDGLESNSSTQFEVKKYVLPN
FEVKITPGKPYILTVPGHLDEMQLDIQARYIYGKPVQGVAYVRFGLLDEDGKKTFFRGLESQTKLVNGQSHISLSKAEFQ
DALEKLNMGITDLQGLRLYVAAAIIESPGGEMEEAELTSWYFVSSPFSLDLSKTKRHLVPGAPFLLQALVREMSGSPASG
IPVKVSATVSSPGSVPEVQDIQQNTDGSGQVSIPIIIPQTISELQLSVSAGSPHPAIARLTVAAPPSGGPGFLSIERPDS
RPPRVGDTLNLNLRAVGSGATFSHYYYMILSRGQIVFMNREPKRTLTSVSVFVDHHLAPSFYFVAFYYHGDHPVANSLRV
DVQAGACEGKLELSVDGAKQYRNGESVKLHLETDSLALVALGALDTALYAAGSKSHKPLNMGKVFEAMNSYDLGCGPGGG
DSALQVFQAAGLAFSDGDQWTLSRKRLSCPKEKTTRKKRNVNFQKAINEKLGQYASPTAKRCCQDGVTRLPMMRSCEQRA
ARVQQPDCREPFLSCCQFAESLRKKSRDKGQAGLQRALEILQEEDLIDEDDIPVRSFFPENWLWRVETVDRFQILTLWLP
DSLTTWEIHGLSLSKTKGLCVATPVQLRVFREFHLHLRLPMSVRRFEQLELRPVLYNYLDKNLTVSVHVSPVEGLCLAGG
GGLAQQVLVPAGSARPVAFSVVPTAAAAVSLKVVARGSFEFPVGDAVSKVLQIEKEGAIHREELVYELNPLDHRGRTLEI
PGNSDPNMIPDGDFNSYVRVTASDPLDTLGSEGALSPGGVASLLRLPRGCGEQTMIYLAPTLAASRYLDKTEQWSTLPPE
TKDHAVDLIQKGYMRIQQFRKADGSYAAWLSRDSSTWLTAFVLKVLSLAQEQVGGSPEKLQETSNWLLSQQQADGSFQDP
CPVLDRSMQGGLVGNDETVALTAFVTIALHHGLAVFQDEGAEPLKQRVEASISKANSFLGEKASAGLLGAHAAAITAYAL
SLTKAPVDLLGVAHNNLMAMAQETGDNLYWGSVTGSQSNAVSPTPAPRNPSDPMPQAPALWIETTAYALLHLLLHEGKAE
MADQASAWLTRQGSFQGGFRSTQDTVIALDALSAYWIASHTTEERGLNVTLSSTGRNGFKSHALQLNNRQIRGLEEELQF
SLGSKINVKVGGNSKGTLKVLRTYNVLDMKNTTCQDLQIEVTVKGHVEYTMEANEDYEDYEYDELPAKDDPDAPLQPVTP
LQLFEGRRNRRRREAPKVVEEQESRVHYTVCIWRNGKVGLSGMAIADVTLLSGFHALRADLEKLTSLSDRYVSHFETEGP
HVLLYFDSVPTSRECVGFEAVQEVPVGLVQPASATLYDYYNPERRCSVFYGAPSKSRLLATLCSAEVCQCAEGKCPRQRR
ALERGLQDEDGYRMKFACYYPRVEYGFQVKVLREDSRAAFRLFETKITQVLHFTKDVKAAANQMRNFLVRASCRLRLEPG
KEYLIMGLDGATYDLEGHPQYLLDSNSWIEEMPSERLCRSTRQRAACAQLNDFLQEYGTQGCQV
;
A,B,C
2 'polypeptide(L)'
;EVQLVESGGGLVQAGGSLRLSCVASERTYMAWFRQAPGKEREFVAAITSSGMMTEYAPSVKGRFTISRDNAKNTVYLQMN
SLKPEDTAVYYCAADLRQRFGERVTEYDYWGQGTQVTVSS
;
D
3 'polypeptide(L)'
;MGPLMVLFCLLFLYPGLADSAPSCPQNVNISGGTFTLSHGWAPGSLLTYSCPQGLYPSPASRLCKSSGQWQTPGATRSLS
KAVCKPVRCPAPVSFENGIYTPRLGSYPVGGNVSFECEDGFILRGSPVRQCRPNGMWDGETAVCDNGAGHCPNPGISLGA
VRTGFRFGHGDKVRYRCSSNLVLTGSSERECQGNGVWSGTEPICRQPYSYDFPEDVAPALGTSFSHMLGATNPTQKTKES
LGRKIQIQRSGHLNLYLLLDCSQSVSENDFLIFKESASLMVDRIFSFEINVSVAIITFASEPKVLMSVLNDNSRDMTEVI
SSLENANYKDHENGTGTNTYAALNSVYLMMNNQMRLLGMETMAWQEIRHAIILLTDGKSNMGGSPKTAVDHIREILNINQ
KRNDYLDIYAIGVGKLDVDWRELNELGSKKDGERHAFILQDTKALHQVFEHMLDVSKLTDTICGVGNMSANASDQERTPW
HVTIKPKSQETCRGALISDQWVLTAAHCFRDGNDHSLWRVNVGDPKSQWGKEFLIEKAVISPGFDVFAKKNQGILEFYGD
DIALLKLAQKVKMSTHARPICLPCTMEANLALRRPQGSTCRDHENELLNKQSVPAHFVALNGSKLNINLKMGVEWTSCAE
VVSQEKTMFPNLTDVREVVTDQFLCSGTQEDESPCKGEAGGAVFLERRFRFFQVGLVSWGLYNPCLGSADKNSRKRAPRS
KVPPPRDFHINLFRMQPWLRQHLGDVLNFLPL
;
E
#
# COMPACT_ATOMS: atom_id res chain seq x y z
N LYS A 20 -2.86 -64.49 -11.02
CA LYS A 20 -1.75 -63.61 -10.61
C LYS A 20 -2.30 -62.29 -10.07
N PRO A 21 -2.81 -62.31 -8.84
CA PRO A 21 -3.36 -61.08 -8.26
C PRO A 21 -2.29 -60.03 -8.03
N ARG A 22 -2.71 -58.77 -8.07
CA ARG A 22 -1.80 -57.65 -7.82
C ARG A 22 -2.53 -56.60 -6.98
N LEU A 23 -1.74 -55.76 -6.33
CA LEU A 23 -2.24 -54.61 -5.58
C LEU A 23 -1.90 -53.34 -6.32
N LEU A 24 -2.86 -52.43 -6.42
CA LEU A 24 -2.69 -51.18 -7.14
C LEU A 24 -2.66 -50.04 -6.15
N LEU A 25 -1.63 -49.19 -6.24
CA LEU A 25 -1.52 -48.01 -5.40
C LEU A 25 -1.64 -46.77 -6.27
N PHE A 26 -2.59 -45.92 -5.93
CA PHE A 26 -2.93 -44.75 -6.73
C PHE A 26 -2.88 -43.52 -5.83
N SER A 27 -2.15 -42.50 -6.26
CA SER A 27 -2.00 -41.28 -5.47
C SER A 27 -1.44 -40.20 -6.38
N PRO A 28 -1.81 -38.94 -6.15
CA PRO A 28 -1.23 -37.85 -6.94
C PRO A 28 0.28 -37.80 -6.75
N SER A 29 0.99 -37.46 -7.83
CA SER A 29 2.44 -37.50 -7.80
C SER A 29 3.03 -36.51 -6.79
N VAL A 30 2.30 -35.47 -6.42
CA VAL A 30 2.75 -34.49 -5.45
C VAL A 30 1.72 -34.40 -4.34
N VAL A 31 2.17 -34.57 -3.09
CA VAL A 31 1.31 -34.39 -1.94
C VAL A 31 1.57 -33.02 -1.35
N HIS A 32 0.59 -32.50 -0.63
CA HIS A 32 0.68 -31.20 0.00
C HIS A 32 0.55 -31.36 1.51
N LEU A 33 1.47 -30.75 2.25
CA LEU A 33 1.44 -30.81 3.70
C LEU A 33 0.20 -30.08 4.22
N GLY A 34 -0.38 -30.60 5.30
CA GLY A 34 -1.48 -29.95 5.96
C GLY A 34 -2.84 -30.15 5.34
N VAL A 35 -2.95 -30.95 4.29
CA VAL A 35 -4.23 -31.21 3.64
C VAL A 35 -4.41 -32.71 3.54
N PRO A 36 -5.63 -33.24 3.68
CA PRO A 36 -5.83 -34.68 3.47
C PRO A 36 -5.43 -35.09 2.06
N LEU A 37 -4.88 -36.30 1.97
CA LEU A 37 -4.37 -36.85 0.73
C LEU A 37 -5.30 -37.94 0.22
N SER A 38 -5.64 -37.89 -1.05
CA SER A 38 -6.48 -38.92 -1.67
C SER A 38 -5.58 -40.04 -2.19
N VAL A 39 -5.85 -41.27 -1.75
CA VAL A 39 -5.09 -42.43 -2.17
C VAL A 39 -6.06 -43.51 -2.60
N GLY A 40 -5.76 -44.17 -3.72
CA GLY A 40 -6.61 -45.21 -4.27
C GLY A 40 -5.91 -46.55 -4.24
N VAL A 41 -6.61 -47.55 -3.70
CA VAL A 41 -6.13 -48.92 -3.64
C VAL A 41 -7.12 -49.82 -4.38
N GLN A 42 -6.58 -50.74 -5.18
CA GLN A 42 -7.40 -51.57 -6.05
C GLN A 42 -6.98 -53.03 -5.92
N LEU A 43 -7.93 -53.92 -6.17
CA LEU A 43 -7.68 -55.35 -6.25
C LEU A 43 -8.09 -55.85 -7.62
N GLN A 44 -7.35 -56.84 -8.12
CA GLN A 44 -7.64 -57.42 -9.43
C GLN A 44 -7.13 -58.85 -9.46
N ASP A 45 -7.72 -59.64 -10.36
CA ASP A 45 -7.38 -61.05 -10.52
C ASP A 45 -7.51 -61.80 -9.19
N VAL A 46 -8.55 -61.46 -8.44
CA VAL A 46 -8.78 -62.02 -7.12
C VAL A 46 -9.63 -63.28 -7.24
N PRO A 47 -9.32 -64.34 -6.51
CA PRO A 47 -10.15 -65.56 -6.58
C PRO A 47 -11.56 -65.38 -6.06
N ARG A 48 -11.90 -64.17 -5.61
CA ARG A 48 -13.25 -63.76 -5.24
C ARG A 48 -13.68 -64.40 -3.91
N GLY A 49 -12.86 -65.30 -3.37
CA GLY A 49 -13.22 -65.98 -2.14
C GLY A 49 -12.36 -65.56 -0.96
N GLN A 50 -11.72 -64.40 -1.04
CA GLN A 50 -10.80 -63.96 -0.01
C GLN A 50 -10.96 -62.47 0.22
N VAL A 51 -10.69 -62.04 1.45
CA VAL A 51 -10.75 -60.63 1.84
C VAL A 51 -9.38 -60.21 2.35
N VAL A 52 -8.90 -59.06 1.91
CA VAL A 52 -7.61 -58.54 2.31
C VAL A 52 -7.80 -57.44 3.35
N LYS A 53 -6.76 -57.18 4.11
CA LYS A 53 -6.75 -56.09 5.07
C LYS A 53 -5.32 -55.58 5.23
N GLY A 54 -5.19 -54.26 5.29
CA GLY A 54 -3.88 -53.65 5.44
C GLY A 54 -4.05 -52.16 5.59
N SER A 55 -2.92 -51.50 5.87
CA SER A 55 -2.91 -50.08 6.17
C SER A 55 -1.93 -49.36 5.25
N VAL A 56 -2.16 -48.06 5.09
CA VAL A 56 -1.29 -47.20 4.31
C VAL A 56 -0.88 -46.01 5.17
N PHE A 57 0.35 -45.54 4.96
CA PHE A 57 0.88 -44.41 5.71
C PHE A 57 2.10 -43.89 4.97
N LEU A 58 2.61 -42.76 5.44
CA LEU A 58 3.81 -42.14 4.88
C LEU A 58 4.98 -42.42 5.82
N ARG A 59 6.14 -42.74 5.25
CA ARG A 59 7.36 -42.93 6.02
C ARG A 59 8.55 -42.44 5.23
N ASN A 60 9.57 -41.97 5.94
CA ASN A 60 10.78 -41.43 5.33
C ASN A 60 11.91 -42.42 5.50
N PRO A 61 12.48 -42.95 4.42
CA PRO A 61 13.56 -43.95 4.56
C PRO A 61 14.78 -43.44 5.31
N SER A 62 15.12 -42.16 5.15
CA SER A 62 16.36 -41.63 5.72
C SER A 62 16.31 -41.51 7.23
N ARG A 63 15.14 -41.62 7.85
CA ARG A 63 15.05 -41.52 9.30
C ARG A 63 14.49 -42.82 9.87
N ASN A 64 15.02 -43.95 9.39
CA ASN A 64 14.71 -45.27 9.92
C ASN A 64 13.23 -45.60 9.81
N ASN A 65 12.59 -45.14 8.73
CA ASN A 65 11.23 -45.53 8.38
C ASN A 65 10.25 -45.24 9.51
N VAL A 66 10.43 -44.12 10.20
CA VAL A 66 9.49 -43.74 11.25
C VAL A 66 8.13 -43.48 10.63
N PRO A 67 7.04 -43.98 11.21
CA PRO A 67 5.71 -43.70 10.65
C PRO A 67 5.45 -42.19 10.67
N CYS A 68 5.44 -41.62 9.47
CA CYS A 68 5.49 -40.18 9.28
C CYS A 68 4.10 -39.57 9.14
N SER A 69 3.06 -40.40 9.25
CA SER A 69 1.67 -39.98 9.16
C SER A 69 0.82 -40.98 9.92
N PRO A 70 -0.37 -40.59 10.37
CA PRO A 70 -1.22 -41.54 11.10
C PRO A 70 -1.67 -42.70 10.23
N LYS A 71 -1.86 -43.85 10.88
CA LYS A 71 -2.26 -45.06 10.17
C LYS A 71 -3.71 -44.98 9.71
N VAL A 72 -3.98 -45.58 8.56
CA VAL A 72 -5.33 -45.74 8.04
C VAL A 72 -5.37 -47.00 7.19
N ASP A 73 -6.48 -47.74 7.29
CA ASP A 73 -6.60 -49.05 6.69
C ASP A 73 -7.79 -49.09 5.73
N PHE A 74 -7.75 -50.07 4.82
CA PHE A 74 -8.77 -50.26 3.80
C PHE A 74 -9.64 -51.49 4.04
N THR A 75 -9.02 -52.62 4.37
CA THR A 75 -9.68 -53.90 4.68
C THR A 75 -10.91 -54.15 3.81
N LEU A 76 -10.68 -54.17 2.51
CA LEU A 76 -11.73 -54.40 1.53
C LEU A 76 -11.65 -55.82 0.98
N SER A 77 -12.71 -56.23 0.28
CA SER A 77 -12.84 -57.58 -0.25
C SER A 77 -12.89 -57.54 -1.78
N SER A 78 -13.09 -58.73 -2.37
CA SER A 78 -13.17 -58.84 -3.83
C SER A 78 -14.51 -58.32 -4.35
N GLU A 79 -15.59 -58.55 -3.62
CA GLU A 79 -16.90 -58.07 -4.05
C GLU A 79 -16.93 -56.55 -4.15
N ARG A 80 -16.17 -55.86 -3.30
CA ARG A 80 -15.99 -54.41 -3.37
C ARG A 80 -14.50 -54.16 -3.50
N ASP A 81 -14.01 -54.24 -4.74
CA ASP A 81 -12.57 -54.18 -5.00
C ASP A 81 -12.04 -52.75 -5.10
N PHE A 82 -12.91 -51.75 -4.99
CA PHE A 82 -12.50 -50.35 -5.06
C PHE A 82 -12.77 -49.69 -3.72
N ALA A 83 -11.86 -48.83 -3.29
CA ALA A 83 -12.04 -48.10 -2.04
C ALA A 83 -11.19 -46.85 -2.07
N LEU A 84 -11.80 -45.70 -1.82
CA LEU A 84 -11.10 -44.43 -1.76
C LEU A 84 -10.82 -44.12 -0.30
N LEU A 85 -9.57 -43.80 0.01
CA LEU A 85 -9.15 -43.54 1.37
C LEU A 85 -8.73 -42.09 1.51
N SER A 86 -9.27 -41.41 2.51
CA SER A 86 -8.90 -40.03 2.82
C SER A 86 -7.83 -40.07 3.92
N LEU A 87 -6.59 -39.88 3.52
CA LEU A 87 -5.46 -39.93 4.43
C LEU A 87 -5.02 -38.51 4.76
N GLN A 88 -4.96 -38.21 6.06
CA GLN A 88 -4.59 -36.88 6.53
C GLN A 88 -3.09 -36.83 6.82
N VAL A 89 -2.48 -35.68 6.53
CA VAL A 89 -1.04 -35.50 6.73
C VAL A 89 -0.84 -34.27 7.62
N PRO A 90 -0.97 -34.40 8.93
CA PRO A 90 -0.71 -33.26 9.82
C PRO A 90 0.74 -32.82 9.74
N LEU A 91 0.95 -31.50 9.90
CA LEU A 91 2.30 -30.96 9.84
C LEU A 91 3.11 -31.29 11.09
N LYS A 92 2.44 -31.58 12.22
CA LYS A 92 3.17 -31.91 13.44
C LYS A 92 4.00 -33.18 13.26
N ASP A 93 3.43 -34.21 12.64
CA ASP A 93 4.23 -35.39 12.30
C ASP A 93 5.34 -35.01 11.34
N ALA A 94 5.04 -34.15 10.36
CA ALA A 94 6.03 -33.80 9.35
C ALA A 94 7.27 -33.17 9.96
N LYS A 95 7.08 -32.24 10.90
CA LYS A 95 8.28 -31.66 11.54
C LYS A 95 8.90 -32.63 12.54
N SER A 96 8.09 -33.49 13.15
CA SER A 96 8.64 -34.60 13.91
C SER A 96 9.29 -35.63 13.00
N CYS A 97 8.93 -35.64 11.72
CA CYS A 97 9.37 -36.64 10.77
C CYS A 97 10.76 -36.35 10.20
N GLY A 98 11.25 -35.13 10.38
CA GLY A 98 12.53 -34.73 9.77
C GLY A 98 12.44 -34.55 8.28
N LEU A 99 11.24 -34.25 7.75
CA LEU A 99 11.11 -33.96 6.33
C LEU A 99 11.84 -32.67 5.97
N HIS A 100 11.80 -31.68 6.86
CA HIS A 100 12.49 -30.42 6.63
C HIS A 100 14.00 -30.58 6.68
N GLN A 101 14.49 -31.73 7.15
CA GLN A 101 15.92 -31.96 7.33
C GLN A 101 16.57 -32.68 6.14
N LEU A 102 15.82 -32.90 5.06
CA LEU A 102 16.41 -33.54 3.89
C LEU A 102 17.40 -32.60 3.21
N LEU A 103 18.24 -33.19 2.36
CA LEU A 103 19.35 -32.46 1.77
C LEU A 103 19.22 -32.23 0.27
N ARG A 104 18.56 -33.13 -0.47
CA ARG A 104 18.42 -32.98 -1.91
C ARG A 104 16.97 -33.27 -2.30
N GLY A 105 16.18 -32.21 -2.38
CA GLY A 105 14.81 -32.32 -2.84
C GLY A 105 13.88 -32.89 -1.80
N PRO A 106 12.66 -32.36 -1.73
CA PRO A 106 11.64 -32.87 -0.80
C PRO A 106 11.00 -34.16 -1.30
N GLU A 107 11.65 -35.28 -1.04
CA GLU A 107 11.24 -36.58 -1.55
C GLU A 107 10.81 -37.47 -0.39
N VAL A 108 9.55 -37.88 -0.38
CA VAL A 108 8.99 -38.71 0.67
C VAL A 108 8.43 -39.98 0.04
N GLN A 109 8.30 -41.02 0.85
CA GLN A 109 7.88 -42.33 0.40
C GLN A 109 6.51 -42.66 0.97
N LEU A 110 5.61 -43.15 0.11
CA LEU A 110 4.31 -43.63 0.50
C LEU A 110 4.29 -45.15 0.34
N VAL A 111 3.79 -45.86 1.36
CA VAL A 111 3.82 -47.31 1.37
C VAL A 111 2.45 -47.86 1.73
N ALA A 112 2.26 -49.13 1.40
CA ALA A 112 1.03 -49.86 1.71
C ALA A 112 1.43 -51.19 2.35
N HIS A 113 1.09 -51.37 3.62
CA HIS A 113 1.46 -52.56 4.38
C HIS A 113 0.26 -53.47 4.54
N SER A 114 0.46 -54.75 4.23
CA SER A 114 -0.57 -55.77 4.42
C SER A 114 0.06 -57.15 4.44
N PRO A 115 -0.22 -57.97 5.46
CA PRO A 115 0.39 -59.31 5.52
C PRO A 115 -0.05 -60.24 4.40
N TRP A 116 -1.19 -59.99 3.76
CA TRP A 116 -1.66 -60.88 2.69
C TRP A 116 -0.74 -60.86 1.47
N LEU A 117 0.06 -59.80 1.31
CA LEU A 117 0.92 -59.70 0.14
C LEU A 117 2.07 -60.70 0.22
N LYS A 118 2.57 -60.99 1.43
CA LYS A 118 3.70 -61.89 1.62
C LYS A 118 3.31 -63.35 1.64
N ASP A 119 2.32 -63.71 2.45
CA ASP A 119 2.00 -65.13 2.66
C ASP A 119 1.37 -65.74 1.42
N SER A 120 0.49 -65.00 0.74
CA SER A 120 -0.26 -65.55 -0.39
C SER A 120 0.53 -65.44 -1.70
N LEU A 121 0.88 -64.23 -2.10
CA LEU A 121 1.59 -64.03 -3.36
C LEU A 121 3.05 -64.44 -3.29
N SER A 122 3.57 -64.75 -2.09
CA SER A 122 4.96 -65.16 -1.91
C SER A 122 5.92 -64.11 -2.47
N ARG A 123 5.62 -62.84 -2.23
CA ARG A 123 6.51 -61.77 -2.62
C ARG A 123 7.69 -61.72 -1.66
N THR A 124 8.58 -60.74 -1.85
CA THR A 124 9.75 -60.65 -0.98
C THR A 124 9.40 -60.02 0.37
N THR A 125 8.45 -59.08 0.41
CA THR A 125 8.05 -58.43 1.64
C THR A 125 6.54 -58.25 1.65
N ASN A 126 6.01 -57.98 2.84
CA ASN A 126 4.58 -57.69 3.00
C ASN A 126 4.31 -56.19 2.93
N ILE A 127 4.80 -55.54 1.88
CA ILE A 127 4.63 -54.09 1.73
C ILE A 127 4.92 -53.73 0.28
N GLN A 128 4.27 -52.66 -0.18
CA GLN A 128 4.45 -52.13 -1.52
C GLN A 128 4.18 -50.63 -1.48
N GLY A 129 5.02 -49.86 -2.15
CA GLY A 129 4.91 -48.42 -2.04
C GLY A 129 5.13 -47.65 -3.33
N ILE A 130 5.41 -46.35 -3.20
CA ILE A 130 5.64 -45.45 -4.32
C ILE A 130 6.50 -44.30 -3.84
N ASN A 131 7.12 -43.59 -4.78
CA ASN A 131 7.96 -42.45 -4.49
C ASN A 131 7.21 -41.17 -4.85
N LEU A 132 7.20 -40.21 -3.93
CA LEU A 132 6.44 -38.97 -4.09
C LEU A 132 7.32 -37.78 -3.75
N LEU A 133 6.87 -36.60 -4.19
CA LEU A 133 7.49 -35.33 -3.83
C LEU A 133 6.47 -34.51 -3.06
N PHE A 134 6.86 -34.03 -1.89
CA PHE A 134 6.00 -33.19 -1.08
C PHE A 134 6.41 -31.73 -1.20
N SER A 135 5.43 -30.84 -1.01
CA SER A 135 5.66 -29.41 -1.06
C SER A 135 4.81 -28.74 0.00
N SER A 136 5.38 -27.73 0.66
CA SER A 136 4.69 -27.04 1.74
C SER A 136 3.60 -26.10 1.25
N ARG A 137 3.53 -25.83 -0.05
CA ARG A 137 2.49 -24.97 -0.58
C ARG A 137 1.11 -25.58 -0.35
N ARG A 138 0.19 -24.77 0.17
CA ARG A 138 -1.16 -25.24 0.41
C ARG A 138 -2.10 -24.03 0.48
N GLY A 139 -3.38 -24.30 0.26
CA GLY A 139 -4.41 -23.28 0.38
C GLY A 139 -4.35 -22.26 -0.74
N HIS A 140 -5.25 -21.29 -0.64
CA HIS A 140 -5.33 -20.19 -1.58
C HIS A 140 -5.28 -18.88 -0.82
N LEU A 141 -4.42 -17.96 -1.25
CA LEU A 141 -4.27 -16.66 -0.62
C LEU A 141 -4.49 -15.59 -1.69
N PHE A 142 -5.46 -14.71 -1.45
CA PHE A 142 -5.82 -13.66 -2.40
C PHE A 142 -5.49 -12.30 -1.80
N LEU A 143 -4.86 -11.44 -2.60
CA LEU A 143 -4.44 -10.12 -2.17
C LEU A 143 -5.20 -9.06 -2.96
N GLN A 144 -5.36 -7.90 -2.33
CA GLN A 144 -6.07 -6.78 -2.95
C GLN A 144 -5.48 -5.49 -2.41
N THR A 145 -5.50 -4.45 -3.24
CA THR A 145 -4.94 -3.16 -2.89
C THR A 145 -6.01 -2.08 -2.96
N ASP A 146 -5.77 -0.99 -2.23
CA ASP A 146 -6.77 0.07 -2.13
C ASP A 146 -7.02 0.72 -3.48
N GLN A 147 -5.96 1.08 -4.20
CA GLN A 147 -6.08 1.67 -5.53
C GLN A 147 -4.92 1.18 -6.38
N PRO A 148 -5.11 1.05 -7.70
CA PRO A 148 -4.05 0.48 -8.53
C PRO A 148 -2.85 1.40 -8.72
N ILE A 149 -3.05 2.71 -8.80
CA ILE A 149 -1.96 3.65 -9.05
C ILE A 149 -1.78 4.55 -7.83
N TYR A 150 -0.52 4.77 -7.46
CA TYR A 150 -0.16 5.63 -6.35
C TYR A 150 0.88 6.65 -6.81
N ASN A 151 1.03 7.69 -6.00
CA ASN A 151 2.12 8.64 -6.05
C ASN A 151 2.70 8.77 -4.65
N PRO A 152 3.97 9.12 -4.51
CA PRO A 152 4.58 9.13 -3.17
C PRO A 152 3.88 10.12 -2.24
N GLY A 153 3.73 9.72 -0.98
CA GLY A 153 3.18 10.58 0.04
C GLY A 153 1.78 10.27 0.51
N GLN A 154 1.18 9.14 0.11
CA GLN A 154 -0.15 8.78 0.55
C GLN A 154 -0.10 7.56 1.45
N ARG A 155 -1.29 7.12 1.89
CA ARG A 155 -1.46 5.97 2.75
C ARG A 155 -2.10 4.84 1.97
N VAL A 156 -1.44 3.69 1.95
CA VAL A 156 -1.87 2.54 1.16
C VAL A 156 -2.66 1.59 2.05
N ARG A 157 -3.82 1.17 1.58
CA ARG A 157 -4.64 0.20 2.28
C ARG A 157 -4.69 -1.10 1.49
N TYR A 158 -4.85 -2.21 2.20
CA TYR A 158 -4.94 -3.52 1.56
C TYR A 158 -5.54 -4.50 2.54
N ARG A 159 -5.98 -5.63 2.01
CA ARG A 159 -6.57 -6.69 2.83
C ARG A 159 -6.25 -8.03 2.20
N VAL A 160 -6.44 -9.10 2.99
CA VAL A 160 -6.08 -10.45 2.58
C VAL A 160 -7.30 -11.36 2.73
N PHE A 161 -7.20 -12.52 2.12
CA PHE A 161 -8.22 -13.57 2.25
C PHE A 161 -7.50 -14.90 2.43
N ALA A 162 -7.82 -15.61 3.51
CA ALA A 162 -7.23 -16.91 3.79
C ALA A 162 -8.21 -18.00 3.38
N LEU A 163 -7.76 -18.88 2.49
CA LEU A 163 -8.63 -19.89 1.90
C LEU A 163 -7.87 -21.20 1.76
N ASP A 164 -8.56 -22.30 2.06
CA ASP A 164 -7.95 -23.62 2.02
C ASP A 164 -8.03 -24.18 0.60
N GLN A 165 -7.72 -25.46 0.44
CA GLN A 165 -7.83 -26.11 -0.87
C GLN A 165 -9.28 -26.17 -1.32
N LYS A 166 -10.21 -26.42 -0.40
CA LYS A 166 -11.62 -26.57 -0.72
C LYS A 166 -12.33 -25.24 -0.92
N MET A 167 -11.59 -24.14 -1.03
CA MET A 167 -12.18 -22.81 -1.28
C MET A 167 -13.15 -22.42 -0.16
N ARG A 168 -12.68 -22.53 1.07
CA ARG A 168 -13.41 -22.09 2.25
C ARG A 168 -12.50 -21.23 3.11
N PRO A 169 -13.07 -20.31 3.90
CA PRO A 169 -12.24 -19.47 4.76
C PRO A 169 -11.43 -20.30 5.74
N SER A 170 -10.19 -19.88 5.96
CA SER A 170 -9.27 -20.56 6.86
C SER A 170 -8.85 -19.64 7.98
N THR A 171 -8.47 -20.23 9.11
CA THR A 171 -8.12 -19.48 10.31
C THR A 171 -6.67 -19.74 10.72
N ASP A 172 -5.80 -20.03 9.76
CA ASP A 172 -4.40 -20.28 10.06
C ASP A 172 -3.69 -18.95 10.29
N THR A 173 -2.37 -18.99 10.38
CA THR A 173 -1.55 -17.81 10.64
C THR A 173 -0.72 -17.50 9.41
N ILE A 174 -0.72 -16.23 9.00
CA ILE A 174 0.04 -15.81 7.83
C ILE A 174 0.98 -14.68 8.23
N THR A 175 1.97 -14.44 7.37
CA THR A 175 2.92 -13.35 7.54
C THR A 175 2.84 -12.45 6.31
N VAL A 176 2.50 -11.19 6.53
CA VAL A 176 2.38 -10.22 5.44
C VAL A 176 3.70 -9.51 5.27
N MET A 177 4.20 -9.48 4.03
CA MET A 177 5.47 -8.85 3.71
C MET A 177 5.25 -7.81 2.62
N VAL A 178 5.90 -6.67 2.77
CA VAL A 178 5.77 -5.56 1.83
C VAL A 178 7.12 -5.39 1.13
N GLU A 179 7.15 -5.65 -0.17
CA GLU A 179 8.37 -5.51 -0.94
C GLU A 179 8.52 -4.08 -1.44
N ASN A 180 9.76 -3.71 -1.75
CA ASN A 180 10.10 -2.37 -2.20
C ASN A 180 10.42 -2.38 -3.69
N SER A 181 10.70 -1.20 -4.22
CA SER A 181 10.95 -1.05 -5.66
C SER A 181 12.16 -1.86 -6.10
N HIS A 182 13.22 -1.87 -5.29
CA HIS A 182 14.47 -2.53 -5.65
C HIS A 182 14.52 -3.98 -5.17
N GLY A 183 13.37 -4.64 -5.07
CA GLY A 183 13.33 -6.00 -4.55
C GLY A 183 13.78 -6.04 -3.10
N LEU A 184 13.24 -5.12 -2.30
CA LEU A 184 13.71 -4.91 -0.94
C LEU A 184 12.51 -5.01 0.00
N ARG A 185 12.77 -5.30 1.26
CA ARG A 185 11.71 -5.43 2.26
C ARG A 185 11.67 -4.19 3.14
N VAL A 186 10.47 -3.68 3.39
CA VAL A 186 10.30 -2.46 4.17
C VAL A 186 9.51 -2.74 5.44
N ARG A 187 8.59 -3.70 5.39
CA ARG A 187 7.63 -3.87 6.46
C ARG A 187 7.09 -5.29 6.45
N LYS A 188 7.11 -5.96 7.60
CA LYS A 188 6.57 -7.29 7.74
C LYS A 188 5.71 -7.36 8.99
N LYS A 189 4.66 -8.18 8.93
CA LYS A 189 3.79 -8.39 10.08
C LYS A 189 3.31 -9.83 10.10
N GLU A 190 2.97 -10.30 11.29
CA GLU A 190 2.36 -11.60 11.51
C GLU A 190 1.05 -11.41 12.25
N VAL A 191 0.04 -12.18 11.87
CA VAL A 191 -1.28 -12.05 12.48
C VAL A 191 -2.06 -13.32 12.17
N TYR A 192 -2.86 -13.76 13.15
CA TYR A 192 -3.77 -14.89 12.97
C TYR A 192 -5.18 -14.34 12.85
N MET A 193 -5.93 -14.86 11.88
CA MET A 193 -7.23 -14.29 11.55
C MET A 193 -8.34 -15.22 12.02
N PRO A 194 -9.11 -14.84 13.04
CA PRO A 194 -10.31 -15.62 13.38
C PRO A 194 -11.43 -15.44 12.38
N SER A 195 -11.49 -14.29 11.71
CA SER A 195 -12.52 -13.99 10.72
C SER A 195 -12.07 -14.27 9.30
N SER A 196 -10.86 -14.80 9.11
CA SER A 196 -10.26 -15.14 7.82
C SER A 196 -10.01 -13.92 6.94
N ILE A 197 -10.30 -12.72 7.43
CA ILE A 197 -10.05 -11.49 6.68
C ILE A 197 -9.27 -10.54 7.58
N PHE A 198 -8.23 -9.93 7.03
CA PHE A 198 -7.33 -9.07 7.79
C PHE A 198 -7.06 -7.79 7.01
N GLN A 199 -7.08 -6.67 7.72
CA GLN A 199 -6.88 -5.36 7.11
C GLN A 199 -5.64 -4.71 7.70
N ASP A 200 -4.96 -3.90 6.90
CA ASP A 200 -3.73 -3.26 7.33
C ASP A 200 -3.55 -1.95 6.58
N ASP A 201 -2.82 -1.04 7.21
CA ASP A 201 -2.49 0.25 6.62
C ASP A 201 -0.98 0.36 6.44
N PHE A 202 -0.58 1.24 5.53
CA PHE A 202 0.83 1.34 5.16
C PHE A 202 1.07 2.67 4.48
N VAL A 203 2.07 3.41 4.93
CA VAL A 203 2.39 4.74 4.41
C VAL A 203 3.64 4.64 3.56
N ILE A 204 3.54 5.05 2.31
CA ILE A 204 4.67 5.01 1.38
C ILE A 204 5.60 6.17 1.69
N PRO A 205 6.92 5.97 1.61
CA PRO A 205 7.85 7.09 1.78
C PRO A 205 7.67 8.12 0.68
N ASP A 206 7.92 9.39 1.02
CA ASP A 206 7.75 10.50 0.11
C ASP A 206 8.98 10.78 -0.74
N ILE A 207 9.93 9.86 -0.78
CA ILE A 207 11.15 10.05 -1.57
C ILE A 207 11.36 8.94 -2.59
N SER A 208 10.59 7.86 -2.53
CA SER A 208 10.83 6.72 -3.41
C SER A 208 10.62 7.09 -4.87
N GLU A 209 11.50 6.58 -5.72
CA GLU A 209 11.41 6.82 -7.15
C GLU A 209 10.23 6.07 -7.75
N PRO A 210 9.67 6.55 -8.86
CA PRO A 210 8.50 5.90 -9.46
C PRO A 210 8.85 4.52 -10.01
N GLY A 211 8.25 3.48 -9.44
CA GLY A 211 8.52 2.13 -9.87
C GLY A 211 7.50 1.18 -9.29
N THR A 212 7.62 -0.09 -9.68
CA THR A 212 6.68 -1.12 -9.30
C THR A 212 7.06 -1.71 -7.95
N TRP A 213 6.06 -1.91 -7.10
CA TRP A 213 6.23 -2.55 -5.80
C TRP A 213 5.48 -3.88 -5.80
N LYS A 214 5.49 -4.55 -4.65
CA LYS A 214 4.83 -5.84 -4.54
C LYS A 214 4.50 -6.11 -3.08
N ILE A 215 3.34 -6.71 -2.86
CA ILE A 215 2.92 -7.20 -1.54
C ILE A 215 2.78 -8.71 -1.62
N SER A 216 3.46 -9.41 -0.72
CA SER A 216 3.45 -10.87 -0.70
C SER A 216 3.06 -11.35 0.68
N ALA A 217 2.21 -12.37 0.73
CA ALA A 217 1.78 -12.97 1.97
C ALA A 217 1.83 -14.49 1.84
N ARG A 218 2.16 -15.15 2.95
CA ARG A 218 2.26 -16.61 2.97
C ARG A 218 1.87 -17.10 4.36
N PHE A 219 1.45 -18.36 4.41
CA PHE A 219 1.14 -18.97 5.69
C PHE A 219 2.40 -19.10 6.54
N SER A 220 2.26 -18.85 7.84
CA SER A 220 3.42 -18.88 8.72
C SER A 220 4.01 -20.28 8.81
N ASP A 221 3.17 -21.30 8.90
CA ASP A 221 3.66 -22.67 8.96
C ASP A 221 4.28 -23.11 7.64
N GLY A 222 3.75 -22.65 6.51
CA GLY A 222 4.31 -22.99 5.23
C GLY A 222 5.51 -22.13 4.87
N LEU A 223 6.16 -22.50 3.77
CA LEU A 223 7.33 -21.77 3.29
C LEU A 223 7.14 -21.19 1.91
N GLU A 224 6.67 -21.99 0.94
CA GLU A 224 6.55 -21.56 -0.45
C GLU A 224 5.10 -21.36 -0.87
N SER A 225 4.22 -21.07 0.10
CA SER A 225 2.81 -20.83 -0.19
C SER A 225 2.51 -19.35 -0.39
N ASN A 226 3.49 -18.60 -0.88
CA ASN A 226 3.33 -17.15 -0.99
C ASN A 226 2.50 -16.77 -2.21
N SER A 227 1.75 -15.70 -2.06
CA SER A 227 0.93 -15.11 -3.12
C SER A 227 1.24 -13.63 -3.19
N SER A 228 1.29 -13.09 -4.41
CA SER A 228 1.79 -11.74 -4.62
C SER A 228 0.78 -10.91 -5.41
N THR A 229 0.77 -9.62 -5.13
CA THR A 229 0.05 -8.63 -5.91
C THR A 229 0.97 -7.45 -6.17
N GLN A 230 0.76 -6.77 -7.30
CA GLN A 230 1.61 -5.66 -7.71
C GLN A 230 0.79 -4.39 -7.81
N PHE A 231 1.22 -3.36 -7.09
CA PHE A 231 0.72 -2.00 -7.24
C PHE A 231 1.90 -1.10 -7.53
N GLU A 232 1.78 -0.24 -8.53
CA GLU A 232 2.89 0.58 -8.97
C GLU A 232 2.66 2.03 -8.55
N VAL A 233 3.73 2.68 -8.09
CA VAL A 233 3.69 4.06 -7.65
C VAL A 233 4.40 4.92 -8.68
N LYS A 234 3.82 6.07 -9.00
CA LYS A 234 4.38 6.97 -10.00
C LYS A 234 3.85 8.37 -9.76
N LYS A 235 4.71 9.36 -10.04
CA LYS A 235 4.30 10.75 -9.94
C LYS A 235 3.20 11.05 -10.95
N TYR A 236 2.05 11.51 -10.48
CA TYR A 236 0.93 11.72 -11.38
C TYR A 236 -0.06 12.69 -10.75
N VAL A 237 -0.94 13.23 -11.59
CA VAL A 237 -2.15 13.92 -11.16
C VAL A 237 -3.30 13.37 -12.00
N LEU A 238 -4.41 13.09 -11.35
CA LEU A 238 -5.50 12.39 -12.02
C LEU A 238 -6.03 13.23 -13.19
N PRO A 239 -6.17 12.65 -14.37
CA PRO A 239 -6.63 13.42 -15.54
C PRO A 239 -8.14 13.63 -15.50
N ASN A 240 -8.60 14.47 -16.42
CA ASN A 240 -10.02 14.79 -16.53
C ASN A 240 -10.73 14.01 -17.63
N PHE A 241 -10.00 13.47 -18.61
CA PHE A 241 -10.61 12.67 -19.66
C PHE A 241 -9.55 11.78 -20.28
N GLU A 242 -9.98 10.61 -20.74
CA GLU A 242 -9.08 9.66 -21.38
C GLU A 242 -9.33 9.62 -22.88
N VAL A 243 -8.25 9.34 -23.64
CA VAL A 243 -8.31 9.21 -25.08
C VAL A 243 -7.77 7.83 -25.45
N LYS A 244 -8.47 7.15 -26.35
CA LYS A 244 -8.08 5.82 -26.79
C LYS A 244 -8.12 5.76 -28.30
N ILE A 245 -7.18 5.04 -28.88
CA ILE A 245 -7.05 4.91 -30.34
C ILE A 245 -7.48 3.52 -30.73
N THR A 246 -8.53 3.44 -31.55
CA THR A 246 -9.06 2.16 -32.01
C THR A 246 -8.76 1.99 -33.50
N PRO A 247 -7.87 1.09 -33.89
CA PRO A 247 -7.62 0.87 -35.31
C PRO A 247 -8.81 0.24 -36.00
N GLY A 248 -8.93 0.50 -37.31
CA GLY A 248 -10.03 -0.09 -38.06
C GLY A 248 -9.96 -1.59 -38.12
N LYS A 249 -8.76 -2.14 -38.38
CA LYS A 249 -8.53 -3.57 -38.36
C LYS A 249 -7.33 -3.86 -37.48
N PRO A 250 -7.40 -4.86 -36.59
CA PRO A 250 -6.29 -5.10 -35.67
C PRO A 250 -5.02 -5.60 -36.33
N TYR A 251 -5.06 -5.97 -37.61
CA TYR A 251 -3.91 -6.55 -38.28
C TYR A 251 -3.72 -5.88 -39.64
N ILE A 252 -2.48 -5.95 -40.14
CA ILE A 252 -2.13 -5.37 -41.43
C ILE A 252 -1.48 -6.44 -42.27
N LEU A 253 -2.05 -6.72 -43.45
CA LEU A 253 -1.49 -7.71 -44.35
C LEU A 253 -0.31 -7.12 -45.10
N THR A 254 0.84 -7.78 -45.02
CA THR A 254 2.05 -7.35 -45.71
C THR A 254 2.51 -8.39 -46.73
N VAL A 255 1.59 -9.17 -47.26
CA VAL A 255 1.91 -10.16 -48.30
C VAL A 255 2.35 -9.40 -49.54
N PRO A 256 3.29 -9.92 -50.32
CA PRO A 256 3.72 -9.22 -51.53
C PRO A 256 2.57 -9.09 -52.52
N GLY A 257 2.55 -7.97 -53.23
CA GLY A 257 1.50 -7.70 -54.21
C GLY A 257 0.29 -6.95 -53.70
N HIS A 258 -0.25 -7.36 -52.56
CA HIS A 258 -1.43 -6.73 -51.99
C HIS A 258 -1.11 -6.15 -50.63
N LEU A 259 -1.49 -4.90 -50.41
CA LEU A 259 -1.35 -4.24 -49.13
C LEU A 259 -2.67 -3.55 -48.79
N ASP A 260 -3.19 -3.82 -47.59
CA ASP A 260 -4.43 -3.20 -47.16
C ASP A 260 -4.19 -1.75 -46.72
N GLU A 261 -5.28 -1.00 -46.65
CA GLU A 261 -5.22 0.38 -46.19
C GLU A 261 -5.22 0.42 -44.66
N MET A 262 -4.48 1.37 -44.10
CA MET A 262 -4.40 1.55 -42.67
C MET A 262 -5.20 2.78 -42.26
N GLN A 263 -6.22 2.57 -41.43
CA GLN A 263 -7.03 3.66 -40.91
C GLN A 263 -7.27 3.43 -39.43
N LEU A 264 -7.39 4.52 -38.69
CA LEU A 264 -7.55 4.47 -37.24
C LEU A 264 -8.45 5.61 -36.80
N ASP A 265 -9.22 5.35 -35.75
CA ASP A 265 -10.21 6.30 -35.24
C ASP A 265 -9.78 6.79 -33.88
N ILE A 266 -9.84 8.11 -33.68
CA ILE A 266 -9.46 8.74 -32.43
C ILE A 266 -10.73 9.09 -31.67
N GLN A 267 -10.90 8.53 -30.48
CA GLN A 267 -12.04 8.80 -29.63
C GLN A 267 -11.55 9.41 -28.33
N ALA A 268 -12.11 10.57 -27.98
CA ALA A 268 -11.78 11.25 -26.74
C ALA A 268 -13.08 11.53 -25.99
N ARG A 269 -13.17 11.03 -24.77
CA ARG A 269 -14.38 11.15 -23.97
C ARG A 269 -14.03 11.67 -22.59
N TYR A 270 -14.94 12.47 -22.03
CA TYR A 270 -14.82 12.83 -20.63
C TYR A 270 -15.07 11.61 -19.75
N ILE A 271 -14.49 11.64 -18.56
CA ILE A 271 -14.61 10.55 -17.61
C ILE A 271 -16.03 10.36 -17.11
N TYR A 272 -16.92 11.33 -17.32
CA TYR A 272 -18.33 11.17 -16.98
C TYR A 272 -19.21 10.95 -18.20
N GLY A 273 -18.63 10.65 -19.36
CA GLY A 273 -19.37 10.20 -20.52
C GLY A 273 -19.64 11.27 -21.56
N LYS A 274 -19.55 12.54 -21.21
CA LYS A 274 -19.83 13.60 -22.18
C LYS A 274 -18.71 13.69 -23.21
N PRO A 275 -19.04 14.06 -24.44
CA PRO A 275 -18.00 14.21 -25.47
C PRO A 275 -17.18 15.47 -25.24
N VAL A 276 -16.03 15.53 -25.91
CA VAL A 276 -15.09 16.64 -25.76
C VAL A 276 -14.72 17.14 -27.14
N GLN A 277 -14.31 18.41 -27.20
CA GLN A 277 -13.88 19.04 -28.43
C GLN A 277 -12.46 19.57 -28.27
N GLY A 278 -11.77 19.69 -29.39
CA GLY A 278 -10.39 20.16 -29.37
C GLY A 278 -9.69 19.77 -30.67
N VAL A 279 -8.37 19.68 -30.59
CA VAL A 279 -7.54 19.31 -31.72
C VAL A 279 -6.64 18.15 -31.31
N ALA A 280 -6.56 17.14 -32.17
CA ALA A 280 -5.74 15.97 -31.93
C ALA A 280 -4.53 15.98 -32.86
N TYR A 281 -3.36 15.71 -32.29
CA TYR A 281 -2.11 15.67 -33.04
C TYR A 281 -1.53 14.28 -32.95
N VAL A 282 -1.13 13.72 -34.09
CA VAL A 282 -0.62 12.36 -34.16
C VAL A 282 0.74 12.35 -34.84
N ARG A 283 1.61 11.47 -34.37
CA ARG A 283 2.89 11.19 -35.00
C ARG A 283 3.02 9.68 -35.11
N PHE A 284 3.80 9.24 -36.11
CA PHE A 284 3.91 7.82 -36.41
C PHE A 284 5.36 7.37 -36.24
N GLY A 285 5.53 6.05 -36.25
CA GLY A 285 6.86 5.49 -36.07
C GLY A 285 6.82 3.99 -36.29
N LEU A 286 7.95 3.35 -36.01
CA LEU A 286 8.08 1.91 -36.14
C LEU A 286 8.68 1.33 -34.86
N LEU A 287 8.19 0.15 -34.49
CA LEU A 287 8.66 -0.55 -33.29
C LEU A 287 9.25 -1.89 -33.68
N ASP A 288 10.47 -2.15 -33.24
CA ASP A 288 11.12 -3.43 -33.45
C ASP A 288 10.86 -4.34 -32.25
N GLU A 289 11.52 -5.50 -32.22
CA GLU A 289 11.23 -6.48 -31.19
C GLU A 289 11.64 -5.98 -29.81
N ASP A 290 12.85 -5.41 -29.68
CA ASP A 290 13.34 -5.01 -28.37
C ASP A 290 12.59 -3.79 -27.84
N GLY A 291 12.22 -2.86 -28.73
CA GLY A 291 11.45 -1.72 -28.30
C GLY A 291 11.99 -0.36 -28.72
N LYS A 292 12.94 -0.35 -29.64
CA LYS A 292 13.47 0.92 -30.14
C LYS A 292 12.46 1.62 -31.03
N LYS A 293 12.46 2.95 -30.95
CA LYS A 293 11.52 3.78 -31.69
C LYS A 293 12.21 4.43 -32.88
N THR A 294 11.52 4.41 -34.02
CA THR A 294 12.02 5.05 -35.25
C THR A 294 10.84 5.73 -35.91
N PHE A 295 10.79 7.06 -35.81
CA PHE A 295 9.62 7.82 -36.25
C PHE A 295 9.73 8.21 -37.72
N PHE A 296 8.62 8.69 -38.25
CA PHE A 296 8.54 9.20 -39.62
C PHE A 296 8.65 10.72 -39.62
N ARG A 297 8.78 11.26 -40.83
CA ARG A 297 8.81 12.71 -41.03
C ARG A 297 7.87 13.06 -42.16
N GLY A 298 6.99 14.05 -41.93
CA GLY A 298 6.03 14.48 -42.92
C GLY A 298 4.70 13.77 -42.88
N LEU A 299 4.57 12.72 -42.06
CA LEU A 299 3.31 11.99 -41.95
C LEU A 299 2.40 12.55 -40.87
N GLU A 300 2.80 13.63 -40.21
CA GLU A 300 2.10 14.12 -39.03
C GLU A 300 0.79 14.77 -39.43
N SER A 301 -0.32 14.25 -38.91
CA SER A 301 -1.66 14.72 -39.24
C SER A 301 -2.25 15.46 -38.04
N GLN A 302 -2.80 16.65 -38.31
CA GLN A 302 -3.50 17.43 -37.30
C GLN A 302 -4.94 17.60 -37.74
N THR A 303 -5.88 17.25 -36.86
CA THR A 303 -7.30 17.29 -37.18
C THR A 303 -8.09 17.83 -36.00
N LYS A 304 -9.29 18.31 -36.29
CA LYS A 304 -10.20 18.84 -35.28
C LYS A 304 -11.23 17.78 -34.91
N LEU A 305 -11.44 17.60 -33.62
CA LEU A 305 -12.42 16.64 -33.13
C LEU A 305 -13.83 17.09 -33.47
N VAL A 306 -14.70 16.13 -33.79
CA VAL A 306 -16.12 16.38 -33.97
C VAL A 306 -16.90 15.33 -33.17
N ASN A 307 -17.65 15.79 -32.18
CA ASN A 307 -18.44 14.92 -31.30
C ASN A 307 -17.58 13.81 -30.71
N GLY A 308 -16.35 14.19 -30.33
CA GLY A 308 -15.45 13.23 -29.72
C GLY A 308 -15.01 12.09 -30.63
N GLN A 309 -15.09 12.27 -31.95
CA GLN A 309 -14.72 11.24 -32.89
C GLN A 309 -13.91 11.85 -34.03
N SER A 310 -12.89 11.13 -34.47
CA SER A 310 -12.07 11.57 -35.60
C SER A 310 -11.45 10.37 -36.27
N HIS A 311 -11.49 10.34 -37.60
CA HIS A 311 -10.99 9.22 -38.40
C HIS A 311 -9.75 9.65 -39.15
N ILE A 312 -8.69 8.86 -39.04
CA ILE A 312 -7.42 9.14 -39.70
C ILE A 312 -7.03 7.92 -40.53
N SER A 313 -6.66 8.16 -41.79
CA SER A 313 -6.23 7.10 -42.68
C SER A 313 -5.00 7.56 -43.45
N LEU A 314 -4.17 6.60 -43.85
CA LEU A 314 -2.99 6.87 -44.65
C LEU A 314 -3.10 6.10 -45.96
N SER A 315 -2.85 6.79 -47.07
CA SER A 315 -2.88 6.12 -48.36
C SER A 315 -1.68 5.20 -48.51
N LYS A 316 -1.82 4.22 -49.40
CA LYS A 316 -0.72 3.30 -49.68
C LYS A 316 0.46 4.04 -50.28
N ALA A 317 0.19 5.05 -51.12
CA ALA A 317 1.26 5.77 -51.81
C ALA A 317 2.16 6.49 -50.81
N GLU A 318 1.56 7.22 -49.86
CA GLU A 318 2.36 7.96 -48.89
C GLU A 318 3.13 7.02 -47.98
N PHE A 319 2.53 5.88 -47.63
CA PHE A 319 3.24 4.90 -46.82
C PHE A 319 4.45 4.35 -47.56
N GLN A 320 4.29 4.03 -48.85
CA GLN A 320 5.41 3.57 -49.65
C GLN A 320 6.49 4.65 -49.76
N ASP A 321 6.06 5.91 -49.88
CA ASP A 321 7.04 7.01 -49.91
C ASP A 321 7.81 7.07 -48.60
N ALA A 322 7.12 6.90 -47.47
CA ALA A 322 7.80 6.92 -46.18
C ALA A 322 8.80 5.77 -46.06
N LEU A 323 8.40 4.57 -46.47
CA LEU A 323 9.31 3.43 -46.40
C LEU A 323 10.52 3.62 -47.30
N GLU A 324 10.33 4.12 -48.52
CA GLU A 324 11.48 4.30 -49.40
C GLU A 324 12.37 5.45 -48.92
N LYS A 325 11.79 6.49 -48.33
CA LYS A 325 12.60 7.55 -47.76
C LYS A 325 13.44 7.04 -46.58
N LEU A 326 12.85 6.18 -45.75
CA LEU A 326 13.61 5.57 -44.67
C LEU A 326 14.46 4.40 -45.16
N ASN A 327 14.16 3.87 -46.36
CA ASN A 327 14.96 2.82 -46.99
C ASN A 327 15.01 1.54 -46.14
N MET A 328 13.86 1.13 -45.62
CA MET A 328 13.77 -0.16 -44.94
C MET A 328 13.30 -1.27 -45.87
N GLY A 329 12.29 -1.00 -46.69
CA GLY A 329 11.77 -2.01 -47.59
C GLY A 329 10.49 -2.66 -47.07
N ILE A 330 9.50 -2.81 -47.95
CA ILE A 330 8.23 -3.38 -47.52
C ILE A 330 8.38 -4.84 -47.12
N THR A 331 9.30 -5.57 -47.76
CA THR A 331 9.49 -6.98 -47.45
C THR A 331 10.10 -7.21 -46.07
N ASP A 332 10.61 -6.16 -45.43
CA ASP A 332 11.22 -6.29 -44.10
C ASP A 332 10.24 -5.97 -42.99
N LEU A 333 8.94 -6.02 -43.26
CA LEU A 333 7.93 -5.90 -42.21
C LEU A 333 7.39 -7.28 -41.85
N GLN A 334 8.27 -8.11 -41.30
CA GLN A 334 7.87 -9.45 -40.88
C GLN A 334 7.32 -9.49 -39.47
N GLY A 335 7.87 -8.68 -38.57
CA GLY A 335 7.41 -8.64 -37.19
C GLY A 335 7.45 -7.24 -36.61
N LEU A 336 7.63 -6.25 -37.47
CA LEU A 336 7.68 -4.86 -37.02
C LEU A 336 6.29 -4.41 -36.57
N ARG A 337 6.26 -3.57 -35.54
CA ARG A 337 5.01 -3.05 -34.99
C ARG A 337 4.86 -1.59 -35.38
N LEU A 338 3.71 -1.26 -35.96
CA LEU A 338 3.44 0.13 -36.33
C LEU A 338 3.17 0.95 -35.08
N TYR A 339 3.84 2.10 -34.98
CA TYR A 339 3.77 2.94 -33.79
C TYR A 339 2.93 4.17 -34.09
N VAL A 340 1.96 4.45 -33.22
CA VAL A 340 1.11 5.63 -33.32
C VAL A 340 1.08 6.31 -31.95
N ALA A 341 1.25 7.63 -31.94
CA ALA A 341 1.19 8.40 -30.72
C ALA A 341 0.15 9.50 -30.88
N ALA A 342 -0.56 9.78 -29.79
CA ALA A 342 -1.62 10.79 -29.77
C ALA A 342 -1.22 11.92 -28.84
N ALA A 343 -1.40 13.16 -29.30
CA ALA A 343 -1.04 14.35 -28.54
C ALA A 343 -2.20 15.33 -28.52
N ILE A 344 -3.40 14.82 -28.23
CA ILE A 344 -4.60 15.64 -28.26
C ILE A 344 -4.53 16.72 -27.19
N ILE A 345 -4.93 17.93 -27.55
CA ILE A 345 -5.02 19.06 -26.65
C ILE A 345 -6.47 19.51 -26.60
N GLU A 346 -7.02 19.62 -25.39
CA GLU A 346 -8.40 20.05 -25.21
C GLU A 346 -8.42 21.57 -25.06
N SER A 347 -9.09 22.23 -25.96
CA SER A 347 -9.29 23.66 -25.87
C SER A 347 -10.71 23.96 -25.40
N PRO A 348 -10.93 25.06 -24.67
CA PRO A 348 -9.95 26.05 -24.23
C PRO A 348 -9.26 25.72 -22.92
N GLY A 349 -9.26 24.45 -22.49
CA GLY A 349 -8.58 24.10 -21.25
C GLY A 349 -7.07 24.29 -21.34
N GLY A 350 -6.46 23.75 -22.39
CA GLY A 350 -5.03 23.86 -22.63
C GLY A 350 -4.22 22.64 -22.22
N GLU A 351 -4.75 21.81 -21.33
CA GLU A 351 -4.07 20.59 -20.91
C GLU A 351 -4.17 19.50 -21.98
N MET A 352 -3.28 18.50 -21.86
CA MET A 352 -3.17 17.45 -22.86
C MET A 352 -2.65 16.16 -22.21
N GLU A 353 -2.85 15.05 -22.92
CA GLU A 353 -2.31 13.77 -22.51
C GLU A 353 -2.06 12.90 -23.74
N GLU A 354 -1.29 11.84 -23.56
CA GLU A 354 -0.88 10.97 -24.64
C GLU A 354 -1.63 9.63 -24.62
N ALA A 355 -1.41 8.85 -25.67
CA ALA A 355 -1.94 7.50 -25.79
C ALA A 355 -1.02 6.73 -26.71
N GLU A 356 -1.08 5.40 -26.63
CA GLU A 356 -0.17 4.54 -27.37
C GLU A 356 -0.94 3.44 -28.08
N LEU A 357 -0.34 2.94 -29.17
CA LEU A 357 -0.90 1.86 -29.97
C LEU A 357 0.22 0.86 -30.30
N THR A 358 0.93 0.42 -29.26
CA THR A 358 2.03 -0.52 -29.45
C THR A 358 1.55 -1.83 -30.06
N SER A 359 0.39 -2.31 -29.62
CA SER A 359 -0.13 -3.60 -30.06
C SER A 359 -0.76 -3.45 -31.45
N TRP A 360 0.12 -3.39 -32.46
CA TRP A 360 -0.33 -3.39 -33.86
C TRP A 360 0.83 -3.95 -34.68
N TYR A 361 0.72 -5.21 -35.06
CA TYR A 361 1.77 -5.92 -35.77
C TYR A 361 1.54 -5.88 -37.28
N PHE A 362 2.57 -6.25 -38.02
CA PHE A 362 2.50 -6.47 -39.46
C PHE A 362 2.58 -7.98 -39.70
N VAL A 363 1.48 -8.57 -40.13
CA VAL A 363 1.38 -10.01 -40.26
C VAL A 363 0.98 -10.37 -41.68
N SER A 364 1.37 -11.57 -42.11
CA SER A 364 1.06 -12.06 -43.44
C SER A 364 -0.21 -12.90 -43.49
N SER A 365 -0.83 -13.16 -42.35
CA SER A 365 -2.06 -13.93 -42.29
C SER A 365 -3.03 -13.26 -41.32
N PRO A 366 -4.34 -13.31 -41.61
CA PRO A 366 -5.32 -12.68 -40.71
C PRO A 366 -5.78 -13.56 -39.56
N PHE A 367 -5.37 -14.82 -39.51
CA PHE A 367 -5.89 -15.77 -38.53
C PHE A 367 -4.75 -16.40 -37.76
N SER A 368 -5.05 -16.87 -36.55
CA SER A 368 -4.12 -17.60 -35.71
C SER A 368 -4.62 -19.01 -35.52
N LEU A 369 -3.70 -19.96 -35.44
CA LEU A 369 -4.03 -21.37 -35.28
C LEU A 369 -3.51 -21.86 -33.94
N ASP A 370 -4.37 -22.53 -33.20
CA ASP A 370 -4.01 -23.17 -31.94
C ASP A 370 -4.04 -24.67 -32.14
N LEU A 371 -2.97 -25.35 -31.72
CA LEU A 371 -2.86 -26.79 -31.88
C LEU A 371 -2.55 -27.47 -30.54
N SER A 372 -2.83 -26.80 -29.42
CA SER A 372 -2.51 -27.35 -28.11
C SER A 372 -3.51 -28.41 -27.68
N LYS A 373 -4.79 -28.21 -27.97
CA LYS A 373 -5.80 -29.13 -27.43
C LYS A 373 -5.76 -30.50 -28.09
N THR A 374 -5.34 -30.58 -29.35
CA THR A 374 -5.26 -31.88 -30.01
C THR A 374 -4.19 -32.73 -29.35
N LYS A 375 -4.49 -34.02 -29.20
CA LYS A 375 -3.64 -34.93 -28.47
C LYS A 375 -2.57 -35.52 -29.38
N ARG A 376 -1.40 -35.76 -28.80
CA ARG A 376 -0.35 -36.51 -29.49
C ARG A 376 -0.54 -37.99 -29.20
N HIS A 377 0.41 -38.82 -29.63
CA HIS A 377 0.41 -40.25 -29.35
C HIS A 377 -0.87 -40.92 -29.85
N LEU A 378 -1.02 -40.91 -31.17
CA LEU A 378 -2.16 -41.52 -31.84
C LEU A 378 -2.37 -42.96 -31.39
N VAL A 379 -3.60 -43.45 -31.50
CA VAL A 379 -3.92 -44.83 -31.17
C VAL A 379 -4.37 -45.55 -32.45
N PRO A 380 -3.73 -46.64 -32.84
CA PRO A 380 -4.18 -47.36 -34.04
C PRO A 380 -5.52 -48.05 -33.80
N GLY A 381 -6.26 -48.23 -34.89
CA GLY A 381 -7.53 -48.92 -34.83
C GLY A 381 -8.69 -48.11 -34.31
N ALA A 382 -8.48 -46.84 -33.98
CA ALA A 382 -9.54 -45.98 -33.48
C ALA A 382 -9.52 -44.67 -34.25
N PRO A 383 -10.67 -44.00 -34.38
CA PRO A 383 -10.69 -42.74 -35.13
C PRO A 383 -9.91 -41.64 -34.43
N PHE A 384 -8.80 -41.24 -35.03
CA PHE A 384 -8.00 -40.15 -34.46
C PHE A 384 -8.75 -38.83 -34.57
N LEU A 385 -8.64 -38.03 -33.52
CA LEU A 385 -9.34 -36.75 -33.43
C LEU A 385 -8.35 -35.61 -33.45
N LEU A 386 -8.66 -34.58 -34.23
CA LEU A 386 -7.84 -33.38 -34.33
C LEU A 386 -8.64 -32.19 -33.79
N GLN A 387 -8.02 -31.43 -32.90
CA GLN A 387 -8.65 -30.26 -32.29
C GLN A 387 -7.79 -29.03 -32.55
N ALA A 388 -8.45 -27.94 -32.92
CA ALA A 388 -7.75 -26.68 -33.16
C ALA A 388 -8.69 -25.52 -32.87
N LEU A 389 -8.10 -24.37 -32.58
CA LEU A 389 -8.84 -23.16 -32.27
C LEU A 389 -8.40 -22.05 -33.21
N VAL A 390 -9.33 -21.58 -34.03
CA VAL A 390 -9.07 -20.49 -34.97
C VAL A 390 -9.46 -19.18 -34.30
N ARG A 391 -8.60 -18.16 -34.47
CA ARG A 391 -8.83 -16.86 -33.86
C ARG A 391 -8.02 -15.82 -34.61
N GLU A 392 -8.63 -14.67 -34.86
CA GLU A 392 -7.91 -13.57 -35.48
C GLU A 392 -6.89 -12.98 -34.52
N MET A 393 -5.82 -12.41 -35.08
CA MET A 393 -4.78 -11.80 -34.26
C MET A 393 -5.36 -10.68 -33.40
N SER A 394 -4.97 -10.69 -32.12
CA SER A 394 -5.33 -9.63 -31.17
C SER A 394 -6.84 -9.38 -31.15
N GLY A 395 -7.61 -10.46 -31.16
CA GLY A 395 -9.06 -10.32 -31.17
C GLY A 395 -9.73 -11.55 -30.62
N SER A 396 -11.06 -11.49 -30.60
CA SER A 396 -11.87 -12.59 -30.11
C SER A 396 -11.80 -13.77 -31.09
N PRO A 397 -12.11 -14.98 -30.61
CA PRO A 397 -12.20 -16.11 -31.54
C PRO A 397 -13.27 -15.85 -32.60
N ALA A 398 -12.97 -16.24 -33.83
CA ALA A 398 -13.83 -15.96 -34.97
C ALA A 398 -14.57 -17.21 -35.39
N SER A 399 -15.67 -17.01 -36.12
CA SER A 399 -16.57 -18.09 -36.51
C SER A 399 -16.76 -18.12 -38.02
N GLY A 400 -17.14 -19.29 -38.51
CA GLY A 400 -17.40 -19.47 -39.93
C GLY A 400 -16.18 -19.36 -40.82
N ILE A 401 -15.06 -19.95 -40.42
CA ILE A 401 -13.85 -19.99 -41.23
C ILE A 401 -13.62 -21.43 -41.65
N PRO A 402 -13.68 -21.75 -42.94
CA PRO A 402 -13.35 -23.10 -43.38
C PRO A 402 -11.90 -23.44 -43.05
N VAL A 403 -11.68 -24.68 -42.62
CA VAL A 403 -10.34 -25.19 -42.34
C VAL A 403 -10.19 -26.54 -43.03
N LYS A 404 -9.06 -26.72 -43.71
CA LYS A 404 -8.79 -27.95 -44.45
C LYS A 404 -7.51 -28.60 -43.94
N VAL A 405 -7.49 -29.93 -43.98
CA VAL A 405 -6.35 -30.69 -43.52
C VAL A 405 -5.99 -31.72 -44.57
N SER A 406 -4.71 -32.09 -44.62
CA SER A 406 -4.20 -33.09 -45.55
C SER A 406 -3.49 -34.16 -44.73
N ALA A 407 -4.26 -35.14 -44.25
CA ALA A 407 -3.69 -36.22 -43.45
C ALA A 407 -2.90 -37.16 -44.34
N THR A 408 -1.68 -37.49 -43.92
CA THR A 408 -0.78 -38.37 -44.66
C THR A 408 -0.38 -39.52 -43.75
N VAL A 409 -1.01 -40.68 -43.95
CA VAL A 409 -0.65 -41.85 -43.16
C VAL A 409 0.66 -42.43 -43.68
N SER A 410 1.59 -42.71 -42.77
CA SER A 410 2.89 -43.28 -43.12
C SER A 410 2.83 -44.79 -42.87
N SER A 411 2.18 -45.49 -43.78
CA SER A 411 2.12 -46.94 -43.70
C SER A 411 3.44 -47.54 -44.17
N PRO A 412 4.15 -48.30 -43.33
CA PRO A 412 5.41 -48.89 -43.77
C PRO A 412 5.26 -49.87 -44.91
N GLY A 413 4.14 -50.57 -45.00
CA GLY A 413 3.91 -51.59 -46.00
C GLY A 413 3.26 -51.14 -47.29
N SER A 414 3.03 -49.84 -47.48
CA SER A 414 2.35 -49.36 -48.66
C SER A 414 2.73 -47.90 -48.91
N VAL A 415 2.20 -47.35 -50.00
CA VAL A 415 2.45 -45.94 -50.34
C VAL A 415 1.75 -45.04 -49.32
N PRO A 416 2.37 -43.94 -48.91
CA PRO A 416 1.68 -43.01 -48.01
C PRO A 416 0.41 -42.45 -48.64
N GLU A 417 -0.73 -42.75 -48.02
CA GLU A 417 -2.00 -42.25 -48.50
C GLU A 417 -2.26 -40.85 -47.97
N VAL A 418 -2.84 -40.01 -48.83
CA VAL A 418 -3.19 -38.64 -48.49
C VAL A 418 -4.71 -38.55 -48.39
N GLN A 419 -5.20 -38.22 -47.20
CA GLN A 419 -6.62 -38.07 -46.95
C GLN A 419 -6.93 -36.63 -46.59
N ASP A 420 -7.93 -36.04 -47.24
CA ASP A 420 -8.27 -34.63 -47.08
C ASP A 420 -9.72 -34.50 -46.64
N ILE A 421 -9.98 -33.52 -45.77
CA ILE A 421 -11.31 -33.25 -45.26
C ILE A 421 -11.31 -31.84 -44.68
N GLN A 422 -12.43 -31.14 -44.85
CA GLN A 422 -12.56 -29.77 -44.37
C GLN A 422 -13.79 -29.65 -43.48
N GLN A 423 -13.87 -28.53 -42.75
CA GLN A 423 -15.00 -28.28 -41.87
C GLN A 423 -14.99 -26.79 -41.52
N ASN A 424 -16.16 -26.27 -41.15
CA ASN A 424 -16.34 -24.85 -40.90
C ASN A 424 -16.46 -24.58 -39.41
N THR A 425 -15.95 -23.41 -39.00
CA THR A 425 -15.85 -23.09 -37.57
C THR A 425 -17.21 -23.16 -36.88
N ASP A 426 -17.22 -23.78 -35.70
CA ASP A 426 -18.47 -23.99 -34.98
C ASP A 426 -19.09 -22.67 -34.53
N GLY A 427 -18.26 -21.72 -34.10
CA GLY A 427 -18.76 -20.48 -33.55
C GLY A 427 -17.95 -20.04 -32.34
N SER A 428 -17.43 -21.01 -31.60
CA SER A 428 -16.52 -20.75 -30.50
C SER A 428 -15.06 -20.82 -30.93
N GLY A 429 -14.80 -21.04 -32.21
CA GLY A 429 -13.45 -21.14 -32.71
C GLY A 429 -12.88 -22.54 -32.75
N GLN A 430 -13.58 -23.53 -32.21
CA GLN A 430 -13.06 -24.88 -32.08
C GLN A 430 -13.49 -25.75 -33.26
N VAL A 431 -12.64 -26.71 -33.60
CA VAL A 431 -12.87 -27.64 -34.70
C VAL A 431 -12.69 -29.06 -34.18
N SER A 432 -13.59 -29.95 -34.60
CA SER A 432 -13.52 -31.36 -34.25
C SER A 432 -13.69 -32.16 -35.54
N ILE A 433 -12.59 -32.66 -36.08
CA ILE A 433 -12.63 -33.39 -37.35
C ILE A 433 -12.02 -34.77 -37.17
N PRO A 434 -12.80 -35.78 -36.81
CA PRO A 434 -12.25 -37.14 -36.68
C PRO A 434 -11.74 -37.64 -38.02
N ILE A 435 -10.61 -38.35 -37.97
CA ILE A 435 -10.01 -38.96 -39.15
C ILE A 435 -9.73 -40.43 -38.84
N ILE A 436 -10.10 -41.30 -39.77
CA ILE A 436 -9.94 -42.73 -39.58
C ILE A 436 -8.51 -43.12 -39.91
N ILE A 437 -7.89 -43.91 -39.04
CA ILE A 437 -6.52 -44.35 -39.23
C ILE A 437 -6.48 -45.88 -39.28
N PRO A 438 -5.74 -46.47 -40.21
CA PRO A 438 -5.65 -47.94 -40.26
C PRO A 438 -4.61 -48.46 -39.27
N GLN A 439 -4.41 -49.77 -39.32
CA GLN A 439 -3.48 -50.44 -38.42
C GLN A 439 -2.06 -50.36 -38.96
N THR A 440 -1.12 -50.81 -38.12
CA THR A 440 0.30 -50.98 -38.45
C THR A 440 0.85 -49.85 -39.31
N ILE A 441 0.80 -48.65 -38.74
CA ILE A 441 1.36 -47.46 -39.38
C ILE A 441 2.65 -47.10 -38.66
N SER A 442 3.50 -46.35 -39.37
CA SER A 442 4.74 -45.86 -38.79
C SER A 442 4.54 -44.54 -38.05
N GLU A 443 3.91 -43.57 -38.70
CA GLU A 443 3.65 -42.27 -38.09
C GLU A 443 2.53 -41.61 -38.88
N LEU A 444 2.14 -40.41 -38.43
CA LEU A 444 1.12 -39.62 -39.10
C LEU A 444 1.61 -38.19 -39.21
N GLN A 445 1.56 -37.64 -40.42
CA GLN A 445 1.88 -36.25 -40.68
C GLN A 445 0.69 -35.58 -41.35
N LEU A 446 0.36 -34.38 -40.89
CA LEU A 446 -0.80 -33.67 -41.39
C LEU A 446 -0.53 -32.18 -41.36
N SER A 447 -1.21 -31.46 -42.26
CA SER A 447 -1.07 -30.01 -42.38
C SER A 447 -2.44 -29.36 -42.24
N VAL A 448 -2.56 -28.42 -41.31
CA VAL A 448 -3.82 -27.72 -41.06
C VAL A 448 -3.72 -26.33 -41.67
N SER A 449 -4.66 -26.01 -42.56
CA SER A 449 -4.71 -24.72 -43.22
C SER A 449 -6.09 -24.11 -43.02
N ALA A 450 -6.13 -22.89 -42.50
CA ALA A 450 -7.38 -22.17 -42.28
C ALA A 450 -7.21 -20.74 -42.77
N GLY A 451 -8.14 -20.31 -43.61
CA GLY A 451 -8.13 -18.97 -44.17
C GLY A 451 -8.56 -18.98 -45.61
N SER A 452 -9.21 -17.90 -46.04
CA SER A 452 -9.72 -17.79 -47.39
C SER A 452 -9.88 -16.33 -47.80
N PRO A 453 -8.88 -15.73 -48.44
CA PRO A 453 -7.57 -16.30 -48.81
C PRO A 453 -6.51 -16.06 -47.74
N HIS A 454 -5.24 -16.20 -48.10
CA HIS A 454 -4.12 -16.06 -47.19
C HIS A 454 -4.28 -16.94 -45.93
N PRO A 455 -4.39 -18.24 -46.09
CA PRO A 455 -4.56 -19.11 -44.92
C PRO A 455 -3.29 -19.19 -44.09
N ALA A 456 -3.47 -19.50 -42.81
CA ALA A 456 -2.37 -19.78 -41.92
C ALA A 456 -2.05 -21.26 -41.98
N ILE A 457 -0.75 -21.59 -42.03
CA ILE A 457 -0.30 -22.97 -42.17
C ILE A 457 0.37 -23.39 -40.88
N ALA A 458 -0.08 -24.53 -40.32
CA ALA A 458 0.51 -25.10 -39.11
C ALA A 458 0.54 -26.61 -39.29
N ARG A 459 1.74 -27.18 -39.38
CA ARG A 459 1.93 -28.59 -39.64
C ARG A 459 2.66 -29.25 -38.49
N LEU A 460 2.17 -30.42 -38.08
CA LEU A 460 2.81 -31.21 -37.04
C LEU A 460 2.78 -32.67 -37.44
N THR A 461 3.65 -33.46 -36.83
CA THR A 461 3.69 -34.89 -37.07
C THR A 461 3.73 -35.63 -35.73
N VAL A 462 3.17 -36.83 -35.71
CA VAL A 462 3.15 -37.67 -34.53
C VAL A 462 3.50 -39.10 -34.93
N ALA A 463 4.31 -39.75 -34.10
CA ALA A 463 4.75 -41.11 -34.37
C ALA A 463 3.81 -42.12 -33.72
N ALA A 464 3.63 -43.25 -34.39
CA ALA A 464 2.79 -44.30 -33.87
C ALA A 464 3.46 -44.97 -32.67
N PRO A 465 2.66 -45.50 -31.73
CA PRO A 465 3.27 -46.20 -30.60
C PRO A 465 3.99 -47.44 -31.07
N PRO A 466 5.02 -47.87 -30.34
CA PRO A 466 5.76 -49.08 -30.74
C PRO A 466 4.85 -50.29 -30.80
N SER A 467 5.10 -51.15 -31.78
CA SER A 467 4.28 -52.34 -31.98
C SER A 467 4.71 -53.45 -31.02
N GLY A 468 3.98 -54.55 -31.06
CA GLY A 468 4.27 -55.70 -30.24
C GLY A 468 3.72 -55.68 -28.84
N GLY A 469 3.05 -54.61 -28.44
CA GLY A 469 2.47 -54.51 -27.12
C GLY A 469 1.04 -55.02 -27.07
N PRO A 470 0.45 -54.98 -25.90
CA PRO A 470 -0.96 -55.40 -25.76
C PRO A 470 -1.90 -54.37 -26.38
N GLY A 471 -3.15 -54.77 -26.50
CA GLY A 471 -4.14 -53.90 -27.12
C GLY A 471 -4.34 -52.61 -26.33
N PHE A 472 -4.58 -51.53 -27.06
CA PHE A 472 -4.74 -50.22 -26.46
C PHE A 472 -6.19 -49.98 -26.06
N LEU A 473 -6.47 -48.77 -25.56
CA LEU A 473 -7.81 -48.36 -25.17
C LEU A 473 -8.15 -47.05 -25.87
N SER A 474 -9.40 -46.91 -26.29
CA SER A 474 -9.86 -45.75 -27.03
C SER A 474 -10.95 -45.03 -26.26
N ILE A 475 -10.84 -43.72 -26.18
CA ILE A 475 -11.83 -42.85 -25.55
C ILE A 475 -12.33 -41.87 -26.59
N GLU A 476 -13.65 -41.78 -26.75
CA GLU A 476 -14.25 -40.83 -27.67
C GLU A 476 -15.32 -40.02 -26.95
N ARG A 477 -15.39 -38.73 -27.28
CA ARG A 477 -16.37 -37.84 -26.67
C ARG A 477 -17.42 -37.47 -27.71
N PRO A 478 -18.67 -37.89 -27.55
CA PRO A 478 -19.67 -37.65 -28.62
C PRO A 478 -19.96 -36.18 -28.88
N ASP A 479 -20.33 -35.42 -27.85
CA ASP A 479 -20.82 -34.07 -28.07
C ASP A 479 -19.74 -33.13 -28.57
N SER A 480 -18.48 -33.35 -28.17
CA SER A 480 -17.35 -32.55 -28.61
C SER A 480 -17.50 -31.08 -28.23
N ARG A 481 -18.22 -30.80 -27.15
CA ARG A 481 -18.40 -29.45 -26.64
C ARG A 481 -18.16 -29.43 -25.15
N PRO A 482 -17.61 -28.34 -24.63
CA PRO A 482 -17.37 -28.24 -23.18
C PRO A 482 -18.67 -28.09 -22.43
N PRO A 483 -19.04 -29.09 -21.62
CA PRO A 483 -20.32 -29.04 -20.93
C PRO A 483 -20.35 -27.99 -19.84
N ARG A 484 -21.55 -27.50 -19.56
CA ARG A 484 -21.76 -26.61 -18.42
C ARG A 484 -21.80 -27.41 -17.12
N VAL A 485 -21.63 -26.70 -16.02
CA VAL A 485 -21.69 -27.34 -14.70
C VAL A 485 -23.11 -27.82 -14.44
N GLY A 486 -23.25 -29.06 -13.99
CA GLY A 486 -24.55 -29.64 -13.73
C GLY A 486 -25.04 -30.60 -14.80
N ASP A 487 -24.36 -30.68 -15.94
CA ASP A 487 -24.74 -31.58 -17.00
C ASP A 487 -24.17 -32.98 -16.72
N THR A 488 -24.34 -33.90 -17.67
CA THR A 488 -23.86 -35.26 -17.55
C THR A 488 -23.15 -35.64 -18.85
N LEU A 489 -21.84 -35.40 -18.91
CA LEU A 489 -21.06 -35.78 -20.07
C LEU A 489 -20.98 -37.30 -20.17
N ASN A 490 -20.96 -37.79 -21.41
CA ASN A 490 -20.93 -39.21 -21.69
C ASN A 490 -19.67 -39.57 -22.45
N LEU A 491 -19.11 -40.74 -22.14
CA LEU A 491 -17.94 -41.26 -22.82
C LEU A 491 -18.16 -42.72 -23.15
N ASN A 492 -17.58 -43.16 -24.25
CA ASN A 492 -17.70 -44.54 -24.70
C ASN A 492 -16.32 -45.16 -24.85
N LEU A 493 -16.21 -46.44 -24.51
CA LEU A 493 -14.94 -47.16 -24.50
C LEU A 493 -15.06 -48.40 -25.36
N ARG A 494 -13.97 -48.74 -26.06
CA ARG A 494 -13.90 -50.01 -26.77
C ARG A 494 -12.45 -50.45 -26.83
N ALA A 495 -12.22 -51.74 -26.64
CA ALA A 495 -10.89 -52.29 -26.73
C ALA A 495 -10.49 -52.49 -28.19
N VAL A 496 -9.18 -52.45 -28.44
CA VAL A 496 -8.64 -52.67 -29.77
C VAL A 496 -7.67 -53.85 -29.69
N GLY A 497 -7.72 -54.71 -30.70
CA GLY A 497 -6.87 -55.89 -30.73
C GLY A 497 -7.48 -57.07 -30.01
N SER A 498 -6.79 -58.20 -30.12
CA SER A 498 -7.25 -59.45 -29.50
C SER A 498 -6.93 -59.40 -28.01
N GLY A 499 -7.82 -58.75 -27.27
CA GLY A 499 -7.64 -58.60 -25.84
C GLY A 499 -8.90 -58.80 -25.04
N ALA A 500 -9.77 -59.70 -25.49
CA ALA A 500 -11.06 -59.95 -24.85
C ALA A 500 -10.93 -60.65 -23.51
N THR A 501 -9.72 -60.82 -22.99
CA THR A 501 -9.53 -61.56 -21.74
C THR A 501 -10.24 -60.88 -20.57
N PHE A 502 -10.17 -59.55 -20.50
CA PHE A 502 -10.71 -58.85 -19.34
C PHE A 502 -12.23 -58.90 -19.35
N SER A 503 -12.82 -58.47 -18.24
CA SER A 503 -14.27 -58.44 -18.10
C SER A 503 -14.81 -57.12 -17.60
N HIS A 504 -13.96 -56.20 -17.13
CA HIS A 504 -14.43 -54.96 -16.53
C HIS A 504 -13.52 -53.81 -16.97
N TYR A 505 -14.07 -52.60 -16.89
CA TYR A 505 -13.32 -51.37 -17.13
C TYR A 505 -13.17 -50.61 -15.83
N TYR A 506 -11.96 -50.12 -15.57
CA TYR A 506 -11.68 -49.28 -14.41
C TYR A 506 -11.41 -47.86 -14.89
N TYR A 507 -12.05 -46.89 -14.26
CA TYR A 507 -11.87 -45.50 -14.65
C TYR A 507 -11.87 -44.63 -13.40
N MET A 508 -11.13 -43.53 -13.48
CA MET A 508 -10.97 -42.60 -12.37
C MET A 508 -11.12 -41.18 -12.89
N ILE A 509 -11.51 -40.27 -11.99
CA ILE A 509 -11.62 -38.85 -12.30
C ILE A 509 -10.64 -38.09 -11.44
N LEU A 510 -9.79 -37.29 -12.08
CA LEU A 510 -8.80 -36.48 -11.40
C LEU A 510 -9.14 -35.00 -11.55
N SER A 511 -8.90 -34.24 -10.49
CA SER A 511 -9.13 -32.79 -10.52
C SER A 511 -8.27 -32.18 -9.44
N ARG A 512 -7.46 -31.18 -9.82
CA ARG A 512 -6.63 -30.43 -8.87
C ARG A 512 -5.66 -31.33 -8.12
N GLY A 513 -5.23 -32.40 -8.78
CA GLY A 513 -4.35 -33.37 -8.14
C GLY A 513 -4.98 -34.14 -7.00
N GLN A 514 -6.25 -34.52 -7.14
CA GLN A 514 -6.97 -35.25 -6.12
C GLN A 514 -7.86 -36.30 -6.76
N ILE A 515 -7.89 -37.49 -6.18
CA ILE A 515 -8.75 -38.58 -6.65
C ILE A 515 -10.13 -38.34 -6.07
N VAL A 516 -11.04 -37.80 -6.89
CA VAL A 516 -12.36 -37.41 -6.39
C VAL A 516 -13.44 -38.44 -6.65
N PHE A 517 -13.23 -39.38 -7.56
CA PHE A 517 -14.26 -40.36 -7.86
C PHE A 517 -13.61 -41.60 -8.45
N MET A 518 -14.11 -42.77 -8.07
CA MET A 518 -13.58 -44.05 -8.53
C MET A 518 -14.72 -45.04 -8.64
N ASN A 519 -14.74 -45.82 -9.71
CA ASN A 519 -15.83 -46.75 -9.95
C ASN A 519 -15.39 -47.80 -10.97
N ARG A 520 -16.19 -48.87 -11.05
CA ARG A 520 -15.94 -49.98 -11.96
C ARG A 520 -17.10 -50.12 -12.93
N GLU A 521 -16.79 -50.55 -14.16
CA GLU A 521 -17.81 -50.75 -15.18
C GLU A 521 -17.58 -52.08 -15.88
N PRO A 522 -18.64 -52.84 -16.15
CA PRO A 522 -18.49 -54.14 -16.82
C PRO A 522 -18.33 -53.97 -18.34
N LYS A 523 -17.98 -55.08 -18.97
CA LYS A 523 -17.74 -55.11 -20.41
C LYS A 523 -19.00 -55.47 -21.18
N ARG A 524 -19.30 -54.69 -22.22
CA ARG A 524 -20.34 -55.00 -23.19
C ARG A 524 -19.83 -54.59 -24.57
N THR A 525 -20.69 -54.75 -25.58
CA THR A 525 -20.32 -54.31 -26.92
C THR A 525 -20.12 -52.80 -26.96
N LEU A 526 -21.01 -52.05 -26.31
CA LEU A 526 -20.88 -50.61 -26.15
C LEU A 526 -20.84 -50.30 -24.66
N THR A 527 -19.78 -49.61 -24.24
CA THR A 527 -19.58 -49.28 -22.83
C THR A 527 -19.63 -47.77 -22.67
N SER A 528 -20.84 -47.25 -22.43
CA SER A 528 -21.05 -45.82 -22.24
C SER A 528 -20.92 -45.51 -20.76
N VAL A 529 -20.04 -44.58 -20.41
CA VAL A 529 -19.79 -44.18 -19.04
C VAL A 529 -20.19 -42.72 -18.88
N SER A 530 -21.02 -42.44 -17.89
CA SER A 530 -21.56 -41.11 -17.65
C SER A 530 -20.93 -40.52 -16.41
N VAL A 531 -20.50 -39.26 -16.50
CA VAL A 531 -19.91 -38.53 -15.39
C VAL A 531 -20.72 -37.24 -15.20
N PHE A 532 -21.09 -36.96 -13.95
CA PHE A 532 -21.86 -35.77 -13.63
C PHE A 532 -20.88 -34.67 -13.20
N VAL A 533 -20.69 -33.68 -14.06
CA VAL A 533 -19.79 -32.57 -13.74
C VAL A 533 -20.46 -31.67 -12.70
N ASP A 534 -19.69 -31.31 -11.67
CA ASP A 534 -20.20 -30.43 -10.62
C ASP A 534 -19.18 -29.35 -10.32
N HIS A 535 -19.40 -28.57 -9.27
CA HIS A 535 -18.46 -27.51 -8.90
C HIS A 535 -17.09 -28.06 -8.53
N HIS A 536 -17.02 -29.32 -8.10
CA HIS A 536 -15.71 -29.93 -7.84
C HIS A 536 -14.89 -30.00 -9.12
N LEU A 537 -15.47 -30.51 -10.19
CA LEU A 537 -14.76 -30.68 -11.46
C LEU A 537 -14.80 -29.35 -12.21
N ALA A 538 -13.94 -28.43 -11.78
CA ALA A 538 -13.83 -27.12 -12.40
C ALA A 538 -12.45 -26.57 -12.14
N PRO A 539 -11.83 -25.92 -13.13
CA PRO A 539 -12.32 -25.67 -14.49
C PRO A 539 -11.88 -26.76 -15.47
N SER A 540 -11.09 -27.73 -15.02
CA SER A 540 -10.59 -28.78 -15.90
C SER A 540 -10.37 -30.04 -15.09
N PHE A 541 -10.98 -31.14 -15.51
CA PHE A 541 -10.85 -32.42 -14.84
C PHE A 541 -10.30 -33.45 -15.82
N TYR A 542 -9.37 -34.27 -15.34
CA TYR A 542 -8.84 -35.35 -16.15
C TYR A 542 -9.77 -36.56 -16.08
N PHE A 543 -9.50 -37.54 -16.93
CA PHE A 543 -10.29 -38.77 -16.96
C PHE A 543 -9.39 -39.88 -17.47
N VAL A 544 -9.01 -40.79 -16.59
CA VAL A 544 -8.11 -41.89 -16.93
C VAL A 544 -8.83 -43.21 -16.72
N ALA A 545 -8.70 -44.11 -17.69
CA ALA A 545 -9.32 -45.43 -17.63
C ALA A 545 -8.31 -46.48 -18.07
N PHE A 546 -8.40 -47.66 -17.47
CA PHE A 546 -7.44 -48.72 -17.77
C PHE A 546 -8.09 -50.08 -17.65
N TYR A 547 -7.47 -51.06 -18.31
CA TYR A 547 -7.86 -52.46 -18.22
C TYR A 547 -6.60 -53.31 -18.38
N TYR A 548 -6.72 -54.58 -18.05
CA TYR A 548 -5.58 -55.49 -18.04
C TYR A 548 -5.68 -56.52 -19.16
N HIS A 549 -4.63 -56.61 -19.96
CA HIS A 549 -4.49 -57.65 -20.98
C HIS A 549 -3.72 -58.83 -20.41
N GLY A 550 -4.28 -59.41 -19.36
CA GLY A 550 -3.61 -60.48 -18.63
C GLY A 550 -2.75 -59.97 -17.50
N ASP A 551 -1.61 -59.37 -17.83
CA ASP A 551 -0.74 -58.79 -16.81
C ASP A 551 -0.34 -57.36 -17.12
N HIS A 552 -0.13 -57.02 -18.38
CA HIS A 552 0.33 -55.69 -18.74
C HIS A 552 -0.81 -54.69 -18.61
N PRO A 553 -0.68 -53.68 -17.76
CA PRO A 553 -1.70 -52.63 -17.73
C PRO A 553 -1.65 -51.79 -18.99
N VAL A 554 -2.82 -51.34 -19.44
CA VAL A 554 -2.94 -50.44 -20.57
C VAL A 554 -4.00 -49.39 -20.26
N ALA A 555 -3.74 -48.14 -20.62
CA ALA A 555 -4.62 -47.06 -20.23
C ALA A 555 -4.56 -45.94 -21.25
N ASN A 556 -5.59 -45.08 -21.21
CA ASN A 556 -5.64 -43.86 -21.99
C ASN A 556 -6.36 -42.80 -21.18
N SER A 557 -6.02 -41.54 -21.45
CA SER A 557 -6.55 -40.42 -20.69
C SER A 557 -7.05 -39.34 -21.65
N LEU A 558 -7.97 -38.51 -21.16
CA LEU A 558 -8.58 -37.47 -21.97
C LEU A 558 -8.89 -36.27 -21.10
N ARG A 559 -8.20 -35.15 -21.35
CA ARG A 559 -8.51 -33.91 -20.66
C ARG A 559 -9.82 -33.33 -21.17
N VAL A 560 -10.69 -32.92 -20.26
CA VAL A 560 -11.97 -32.32 -20.61
C VAL A 560 -12.08 -30.98 -19.89
N ASP A 561 -12.31 -29.92 -20.65
CA ASP A 561 -12.46 -28.59 -20.08
C ASP A 561 -13.89 -28.35 -19.64
N VAL A 562 -14.05 -27.43 -18.67
CA VAL A 562 -15.35 -27.06 -18.13
C VAL A 562 -15.54 -25.57 -18.34
N GLN A 563 -16.75 -25.19 -18.72
CA GLN A 563 -17.06 -23.77 -18.92
C GLN A 563 -16.89 -23.00 -17.63
N ALA A 564 -16.64 -21.70 -17.76
CA ALA A 564 -16.41 -20.86 -16.59
C ALA A 564 -17.59 -20.87 -15.63
N GLY A 565 -18.80 -21.00 -16.16
CA GLY A 565 -19.97 -21.06 -15.30
C GLY A 565 -20.16 -19.75 -14.54
N ALA A 566 -20.61 -19.89 -13.29
CA ALA A 566 -20.83 -18.74 -12.43
C ALA A 566 -20.43 -19.13 -11.01
N CYS A 567 -20.76 -18.27 -10.05
CA CYS A 567 -20.43 -18.52 -8.66
C CYS A 567 -21.43 -19.49 -8.04
N GLU A 568 -21.07 -19.98 -6.86
CA GLU A 568 -21.94 -20.80 -6.03
C GLU A 568 -22.41 -20.08 -4.78
N GLY A 569 -21.89 -18.89 -4.50
CA GLY A 569 -22.33 -18.10 -3.37
C GLY A 569 -23.34 -17.05 -3.80
N LYS A 570 -23.45 -16.82 -5.10
CA LYS A 570 -24.46 -15.95 -5.71
C LYS A 570 -24.42 -14.56 -5.06
N LEU A 571 -23.36 -13.83 -5.37
CA LEU A 571 -23.28 -12.43 -5.00
C LEU A 571 -23.93 -11.63 -6.12
N GLU A 572 -24.89 -10.79 -5.78
CA GLU A 572 -25.44 -9.82 -6.72
C GLU A 572 -25.26 -8.43 -6.16
N LEU A 573 -24.81 -7.51 -7.01
CA LEU A 573 -24.63 -6.11 -6.62
C LEU A 573 -25.31 -5.23 -7.65
N SER A 574 -26.11 -4.29 -7.16
CA SER A 574 -26.93 -3.47 -8.06
C SER A 574 -27.17 -2.11 -7.44
N VAL A 575 -27.56 -1.16 -8.29
CA VAL A 575 -27.84 0.20 -7.87
C VAL A 575 -29.31 0.50 -8.13
N ASP A 576 -29.71 1.74 -7.82
CA ASP A 576 -31.10 2.16 -8.01
C ASP A 576 -31.36 2.56 -9.46
N GLY A 577 -30.88 1.72 -10.38
CA GLY A 577 -30.99 2.03 -11.78
C GLY A 577 -30.04 3.15 -12.16
N ALA A 578 -30.15 3.57 -13.41
CA ALA A 578 -29.31 4.64 -13.96
C ALA A 578 -30.10 5.95 -13.97
N LYS A 579 -30.13 6.62 -12.83
CA LYS A 579 -30.75 7.94 -12.73
C LYS A 579 -29.76 9.08 -12.96
N GLN A 580 -28.47 8.77 -13.13
CA GLN A 580 -27.42 9.77 -13.27
C GLN A 580 -27.42 10.72 -12.06
N TYR A 581 -27.07 10.16 -10.91
CA TYR A 581 -27.11 10.88 -9.65
C TYR A 581 -26.14 12.06 -9.65
N ARG A 582 -26.50 13.09 -8.89
CA ARG A 582 -25.70 14.28 -8.71
C ARG A 582 -24.85 14.17 -7.45
N ASN A 583 -23.85 15.05 -7.36
CA ASN A 583 -22.96 15.05 -6.21
C ASN A 583 -23.71 15.40 -4.94
N GLY A 584 -23.30 14.79 -3.84
CA GLY A 584 -23.90 15.05 -2.55
C GLY A 584 -25.19 14.31 -2.28
N GLU A 585 -25.64 13.44 -3.19
CA GLU A 585 -26.88 12.73 -3.02
C GLU A 585 -26.62 11.40 -2.31
N SER A 586 -27.65 10.57 -2.18
CA SER A 586 -27.55 9.30 -1.49
C SER A 586 -28.15 8.20 -2.36
N VAL A 587 -27.50 7.03 -2.37
CA VAL A 587 -27.95 5.88 -3.14
C VAL A 587 -28.04 4.70 -2.20
N LYS A 588 -29.18 4.02 -2.21
CA LYS A 588 -29.36 2.82 -1.39
C LYS A 588 -28.91 1.61 -2.21
N LEU A 589 -27.75 1.06 -1.85
CA LEU A 589 -27.21 -0.07 -2.59
C LEU A 589 -27.94 -1.35 -2.25
N HIS A 590 -28.12 -2.20 -3.25
CA HIS A 590 -28.75 -3.49 -3.09
C HIS A 590 -27.73 -4.59 -3.35
N LEU A 591 -27.71 -5.59 -2.49
CA LEU A 591 -26.82 -6.72 -2.66
C LEU A 591 -27.51 -8.00 -2.21
N GLU A 592 -27.17 -9.10 -2.86
CA GLU A 592 -27.81 -10.39 -2.63
C GLU A 592 -26.76 -11.46 -2.46
N THR A 593 -26.99 -12.37 -1.50
CA THR A 593 -26.13 -13.52 -1.30
C THR A 593 -26.98 -14.76 -1.10
N ASP A 594 -26.44 -15.90 -1.51
CA ASP A 594 -27.12 -17.18 -1.30
C ASP A 594 -26.97 -17.67 0.14
N SER A 595 -25.85 -17.33 0.79
CA SER A 595 -25.59 -17.77 2.15
C SER A 595 -25.03 -16.60 2.95
N LEU A 596 -25.06 -16.76 4.28
CA LEU A 596 -24.44 -15.77 5.15
C LEU A 596 -22.95 -15.64 4.81
N ALA A 597 -22.50 -14.40 4.61
CA ALA A 597 -21.16 -14.17 4.12
C ALA A 597 -20.71 -12.76 4.50
N LEU A 598 -19.44 -12.49 4.22
CA LEU A 598 -18.85 -11.18 4.43
C LEU A 598 -18.46 -10.59 3.09
N VAL A 599 -18.87 -9.36 2.84
CA VAL A 599 -18.62 -8.67 1.58
C VAL A 599 -17.66 -7.51 1.81
N ALA A 600 -16.60 -7.47 1.01
CA ALA A 600 -15.56 -6.44 1.10
C ALA A 600 -15.75 -5.49 -0.07
N LEU A 601 -16.61 -4.50 0.10
CA LEU A 601 -16.89 -3.54 -0.96
C LEU A 601 -15.68 -2.64 -1.20
N GLY A 602 -15.51 -2.24 -2.45
CA GLY A 602 -14.48 -1.30 -2.82
C GLY A 602 -14.92 -0.37 -3.93
N ALA A 603 -14.87 0.93 -3.69
CA ALA A 603 -15.23 1.95 -4.67
C ALA A 603 -13.95 2.58 -5.20
N LEU A 604 -13.77 2.56 -6.51
CA LEU A 604 -12.55 3.01 -7.15
C LEU A 604 -12.88 3.94 -8.31
N ASP A 605 -12.16 5.05 -8.39
CA ASP A 605 -12.33 5.97 -9.51
C ASP A 605 -11.81 5.33 -10.79
N THR A 606 -12.53 5.53 -11.88
CA THR A 606 -12.10 5.01 -13.18
C THR A 606 -10.99 5.84 -13.80
N ALA A 607 -10.86 7.11 -13.42
CA ALA A 607 -9.83 7.95 -14.00
C ALA A 607 -8.44 7.42 -13.70
N LEU A 608 -8.28 6.66 -12.61
CA LEU A 608 -6.98 6.06 -12.33
C LEU A 608 -6.59 5.06 -13.41
N TYR A 609 -7.57 4.34 -13.98
CA TYR A 609 -7.27 3.49 -15.13
C TYR A 609 -6.72 4.33 -16.28
N ALA A 610 -7.25 5.53 -16.48
CA ALA A 610 -6.76 6.41 -17.53
C ALA A 610 -5.34 6.87 -17.29
N ALA A 611 -4.88 6.88 -16.03
CA ALA A 611 -3.51 7.25 -15.74
C ALA A 611 -2.55 6.23 -16.38
N GLY A 612 -1.38 6.72 -16.78
CA GLY A 612 -0.42 5.89 -17.47
C GLY A 612 0.03 4.68 -16.69
N SER A 613 -0.24 3.50 -17.22
CA SER A 613 0.10 2.24 -16.56
C SER A 613 -0.12 1.11 -17.57
N LYS A 614 0.26 -0.09 -17.17
CA LYS A 614 -0.02 -1.27 -17.98
C LYS A 614 -1.48 -1.70 -17.90
N SER A 615 -2.29 -0.99 -17.11
CA SER A 615 -3.71 -1.31 -16.93
C SER A 615 -3.89 -2.75 -16.47
N HIS A 616 -3.28 -3.06 -15.32
CA HIS A 616 -3.40 -4.40 -14.77
C HIS A 616 -4.83 -4.64 -14.30
N LYS A 617 -5.43 -5.72 -14.79
CA LYS A 617 -6.84 -5.97 -14.54
C LYS A 617 -7.09 -6.24 -13.06
N PRO A 618 -8.21 -5.76 -12.51
CA PRO A 618 -8.55 -6.08 -11.12
C PRO A 618 -8.92 -7.54 -10.94
N LEU A 619 -9.17 -7.94 -9.69
CA LEU A 619 -9.47 -9.33 -9.39
C LEU A 619 -10.85 -9.70 -9.93
N ASN A 620 -10.91 -10.79 -10.70
CA ASN A 620 -12.15 -11.29 -11.26
C ASN A 620 -12.16 -12.81 -11.16
N MET A 621 -13.24 -13.42 -11.68
CA MET A 621 -13.38 -14.87 -11.62
C MET A 621 -12.27 -15.59 -12.38
N GLY A 622 -11.69 -14.96 -13.40
CA GLY A 622 -10.65 -15.62 -14.17
C GLY A 622 -9.44 -15.97 -13.34
N LYS A 623 -8.96 -15.02 -12.54
CA LYS A 623 -7.79 -15.28 -11.71
C LYS A 623 -8.13 -16.29 -10.60
N VAL A 624 -9.35 -16.23 -10.07
CA VAL A 624 -9.76 -17.22 -9.07
C VAL A 624 -9.71 -18.62 -9.66
N PHE A 625 -10.24 -18.79 -10.87
CA PHE A 625 -10.19 -20.10 -11.51
C PHE A 625 -8.75 -20.52 -11.80
N GLU A 626 -7.92 -19.58 -12.25
CA GLU A 626 -6.55 -19.91 -12.61
C GLU A 626 -5.77 -20.38 -11.39
N ALA A 627 -5.87 -19.66 -10.28
CA ALA A 627 -5.21 -20.13 -9.07
C ALA A 627 -5.86 -21.40 -8.56
N MET A 628 -7.17 -21.52 -8.74
CA MET A 628 -7.87 -22.72 -8.29
C MET A 628 -7.37 -23.94 -9.04
N ASN A 629 -7.06 -23.78 -10.33
CA ASN A 629 -6.50 -24.83 -11.16
C ASN A 629 -4.98 -24.87 -11.13
N SER A 630 -4.33 -23.93 -10.45
CA SER A 630 -2.86 -23.90 -10.45
C SER A 630 -2.26 -25.11 -9.76
N TYR A 631 -3.06 -25.88 -9.02
CA TYR A 631 -2.57 -27.07 -8.35
C TYR A 631 -2.58 -28.30 -9.24
N ASP A 632 -2.98 -28.19 -10.51
CA ASP A 632 -2.98 -29.34 -11.40
C ASP A 632 -1.56 -29.87 -11.58
N LEU A 633 -1.45 -31.20 -11.64
CA LEU A 633 -0.15 -31.84 -11.78
C LEU A 633 0.12 -32.26 -13.23
N GLY A 634 -0.85 -32.92 -13.85
CA GLY A 634 -0.65 -33.39 -15.21
C GLY A 634 -0.53 -32.25 -16.21
N CYS A 635 0.16 -32.56 -17.30
CA CYS A 635 0.41 -31.60 -18.37
C CYS A 635 0.18 -32.28 -19.71
N GLY A 636 -0.24 -31.50 -20.69
CA GLY A 636 -0.51 -32.01 -22.02
C GLY A 636 -1.95 -32.46 -22.19
N PRO A 637 -2.37 -32.64 -23.44
CA PRO A 637 -3.76 -33.04 -23.69
C PRO A 637 -4.10 -34.42 -23.16
N GLY A 638 -3.11 -35.27 -22.93
CA GLY A 638 -3.34 -36.62 -22.47
C GLY A 638 -2.96 -37.65 -23.52
N GLY A 639 -3.06 -38.92 -23.10
CA GLY A 639 -2.71 -40.01 -23.98
C GLY A 639 -1.22 -40.29 -23.99
N GLY A 640 -0.85 -41.57 -24.01
CA GLY A 640 0.55 -41.94 -23.98
C GLY A 640 0.76 -43.28 -24.66
N ASP A 641 2.04 -43.62 -24.82
CA ASP A 641 2.39 -44.88 -25.48
C ASP A 641 2.21 -46.07 -24.53
N SER A 642 2.95 -46.09 -23.44
CA SER A 642 2.82 -47.13 -22.43
C SER A 642 1.90 -46.66 -21.31
N ALA A 643 1.43 -47.62 -20.51
CA ALA A 643 0.56 -47.27 -19.39
C ALA A 643 1.28 -46.38 -18.40
N LEU A 644 2.55 -46.67 -18.14
CA LEU A 644 3.31 -45.87 -17.18
C LEU A 644 3.43 -44.42 -17.64
N GLN A 645 3.74 -44.20 -18.92
CA GLN A 645 3.94 -42.85 -19.42
C GLN A 645 2.66 -42.04 -19.36
N VAL A 646 1.54 -42.62 -19.78
CA VAL A 646 0.28 -41.88 -19.76
C VAL A 646 -0.17 -41.65 -18.33
N PHE A 647 0.06 -42.62 -17.43
CA PHE A 647 -0.29 -42.42 -16.03
C PHE A 647 0.51 -41.29 -15.41
N GLN A 648 1.81 -41.23 -15.70
CA GLN A 648 2.62 -40.14 -15.16
C GLN A 648 2.22 -38.81 -15.76
N ALA A 649 1.97 -38.76 -17.07
CA ALA A 649 1.61 -37.51 -17.72
C ALA A 649 0.27 -36.98 -17.23
N ALA A 650 -0.56 -37.82 -16.63
CA ALA A 650 -1.82 -37.39 -16.04
C ALA A 650 -1.65 -36.97 -14.59
N GLY A 651 -0.42 -36.79 -14.13
CA GLY A 651 -0.17 -36.38 -12.75
C GLY A 651 -0.57 -37.39 -11.71
N LEU A 652 -0.26 -38.66 -11.94
CA LEU A 652 -0.64 -39.74 -11.04
C LEU A 652 0.54 -40.67 -10.82
N ALA A 653 0.63 -41.21 -9.60
CA ALA A 653 1.69 -42.15 -9.24
C ALA A 653 1.14 -43.57 -9.28
N PHE A 654 1.89 -44.47 -9.90
CA PHE A 654 1.42 -45.82 -10.20
C PHE A 654 2.43 -46.85 -9.70
N SER A 655 1.92 -47.93 -9.12
CA SER A 655 2.78 -49.02 -8.65
C SER A 655 1.93 -50.27 -8.52
N ASP A 656 2.26 -51.29 -9.31
CA ASP A 656 1.50 -52.54 -9.35
C ASP A 656 2.22 -53.69 -8.66
N GLY A 657 3.43 -53.47 -8.16
CA GLY A 657 4.27 -54.53 -7.65
C GLY A 657 5.30 -55.03 -8.64
N ASP A 658 5.13 -54.74 -9.92
CA ASP A 658 6.09 -55.09 -10.95
C ASP A 658 6.55 -53.88 -11.77
N GLN A 659 5.69 -52.89 -11.96
CA GLN A 659 6.04 -51.66 -12.67
C GLN A 659 5.65 -50.48 -11.80
N TRP A 660 6.55 -49.51 -11.67
CA TRP A 660 6.34 -48.37 -10.79
C TRP A 660 6.72 -47.08 -11.51
N THR A 661 6.14 -45.98 -11.04
CA THR A 661 6.34 -44.68 -11.65
C THR A 661 7.59 -44.01 -11.09
N LEU A 662 8.40 -43.45 -11.99
CA LEU A 662 9.52 -42.62 -11.56
C LEU A 662 9.00 -41.32 -10.96
N SER A 663 9.76 -40.79 -10.01
CA SER A 663 9.38 -39.54 -9.37
C SER A 663 9.48 -38.38 -10.36
N ARG A 664 8.58 -37.41 -10.20
CA ARG A 664 8.63 -36.21 -11.02
C ARG A 664 9.93 -35.46 -10.77
N LYS A 665 10.51 -34.94 -11.86
CA LYS A 665 11.81 -34.29 -11.76
C LYS A 665 11.72 -32.90 -11.12
N ARG A 666 10.57 -32.26 -11.18
CA ARG A 666 10.39 -30.96 -10.55
C ARG A 666 8.90 -30.72 -10.34
N LEU A 667 8.58 -29.67 -9.59
CA LEU A 667 7.20 -29.42 -9.18
C LEU A 667 6.30 -29.18 -10.39
N SER A 668 6.77 -28.37 -11.34
CA SER A 668 6.00 -28.06 -12.53
C SER A 668 6.45 -28.93 -13.71
N CYS A 669 5.52 -29.17 -14.64
CA CYS A 669 5.85 -29.87 -15.88
C CYS A 669 6.85 -29.07 -16.69
N GLN B 762 -20.62 48.65 -23.65
CA GLN B 762 -20.21 47.46 -22.91
C GLN B 762 -21.35 46.94 -22.02
N GLU B 763 -21.10 45.84 -21.34
CA GLU B 763 -22.12 45.16 -20.54
C GLU B 763 -21.62 44.95 -19.13
N GLU B 764 -22.56 45.02 -18.19
CA GLU B 764 -22.29 44.78 -16.78
C GLU B 764 -23.61 44.53 -16.08
N ASP B 765 -23.59 43.66 -15.07
CA ASP B 765 -24.81 43.28 -14.37
C ASP B 765 -24.48 42.84 -12.96
N LEU B 766 -25.42 43.08 -12.04
CA LEU B 766 -25.30 42.58 -10.68
C LEU B 766 -25.59 41.09 -10.64
N ILE B 767 -25.01 40.42 -9.64
CA ILE B 767 -25.10 38.97 -9.51
C ILE B 767 -25.53 38.64 -8.09
N ASP B 768 -26.39 37.63 -7.96
CA ASP B 768 -26.93 37.22 -6.67
C ASP B 768 -26.22 35.96 -6.19
N GLU B 769 -25.75 35.99 -4.95
CA GLU B 769 -25.17 34.80 -4.31
C GLU B 769 -25.41 34.95 -2.81
N ASP B 770 -26.45 34.28 -2.31
CA ASP B 770 -26.65 34.22 -0.87
C ASP B 770 -25.76 33.15 -0.24
N ASP B 771 -25.71 31.97 -0.85
CA ASP B 771 -24.78 30.91 -0.47
C ASP B 771 -24.79 29.86 -1.57
N ILE B 772 -23.64 29.25 -1.79
CA ILE B 772 -23.49 28.20 -2.79
C ILE B 772 -22.82 26.99 -2.12
N PRO B 773 -23.38 25.78 -2.26
CA PRO B 773 -22.76 24.62 -1.61
C PRO B 773 -21.36 24.38 -2.14
N VAL B 774 -20.37 24.54 -1.24
CA VAL B 774 -18.98 24.37 -1.64
C VAL B 774 -18.67 22.89 -1.82
N ARG B 775 -17.64 22.62 -2.62
CA ARG B 775 -17.17 21.26 -2.86
C ARG B 775 -15.72 21.15 -2.43
N SER B 776 -15.43 20.23 -1.52
CA SER B 776 -14.10 20.09 -0.95
C SER B 776 -13.60 18.67 -0.84
N PHE B 777 -14.48 17.66 -0.86
CA PHE B 777 -14.11 16.27 -0.59
C PHE B 777 -13.85 15.58 -1.92
N PHE B 778 -12.58 15.31 -2.22
CA PHE B 778 -12.16 14.71 -3.49
C PHE B 778 -11.26 13.52 -3.24
N PRO B 779 -11.82 12.39 -2.84
CA PRO B 779 -11.02 11.20 -2.60
C PRO B 779 -10.76 10.46 -3.90
N GLU B 780 -10.00 9.36 -3.80
CA GLU B 780 -9.86 8.41 -4.89
C GLU B 780 -10.57 7.09 -4.63
N ASN B 781 -10.78 6.75 -3.36
CA ASN B 781 -11.46 5.52 -2.98
C ASN B 781 -11.91 5.57 -1.52
N TRP B 782 -13.20 5.40 -1.29
CA TRP B 782 -13.76 5.63 0.04
C TRP B 782 -14.50 4.44 0.62
N LEU B 783 -15.31 3.74 -0.18
CA LEU B 783 -16.12 2.64 0.35
C LEU B 783 -15.22 1.43 0.59
N TRP B 784 -14.57 1.44 1.74
CA TRP B 784 -13.61 0.41 2.14
C TRP B 784 -14.08 -0.13 3.49
N ARG B 785 -14.97 -1.13 3.45
CA ARG B 785 -15.56 -1.65 4.66
C ARG B 785 -16.01 -3.09 4.41
N VAL B 786 -16.25 -3.81 5.51
CA VAL B 786 -16.71 -5.20 5.46
C VAL B 786 -17.92 -5.34 6.36
N GLU B 787 -18.95 -6.04 5.87
CA GLU B 787 -20.19 -6.24 6.62
C GLU B 787 -20.69 -7.66 6.41
N THR B 788 -21.56 -8.10 7.32
CA THR B 788 -22.25 -9.37 7.17
C THR B 788 -23.49 -9.19 6.30
N VAL B 789 -23.94 -10.31 5.72
CA VAL B 789 -25.08 -10.31 4.80
C VAL B 789 -26.09 -11.33 5.26
N ASP B 790 -27.36 -10.91 5.35
CA ASP B 790 -28.47 -11.82 5.64
C ASP B 790 -29.42 -11.84 4.45
N ARG B 791 -28.85 -11.90 3.25
CA ARG B 791 -29.53 -11.93 1.96
C ARG B 791 -30.06 -10.54 1.58
N PHE B 792 -30.03 -9.61 2.54
CA PHE B 792 -30.68 -8.32 2.34
C PHE B 792 -30.11 -7.33 3.36
N GLN B 793 -29.48 -6.26 2.87
CA GLN B 793 -29.24 -5.09 3.70
C GLN B 793 -29.15 -3.88 2.78
N ILE B 794 -29.77 -2.79 3.20
CA ILE B 794 -29.83 -1.59 2.37
C ILE B 794 -28.99 -0.50 3.03
N LEU B 795 -27.71 -0.43 2.67
CA LEU B 795 -26.83 0.59 3.19
C LEU B 795 -26.93 1.84 2.32
N THR B 796 -27.15 2.98 2.95
CA THR B 796 -27.28 4.25 2.24
C THR B 796 -25.97 5.01 2.39
N LEU B 797 -25.33 5.31 1.27
CA LEU B 797 -24.06 6.00 1.24
C LEU B 797 -24.22 7.41 0.68
N TRP B 798 -23.25 8.26 1.00
CA TRP B 798 -23.24 9.64 0.55
C TRP B 798 -22.18 9.81 -0.53
N LEU B 799 -22.58 10.33 -1.67
CA LEU B 799 -21.67 10.44 -2.81
C LEU B 799 -20.56 11.43 -2.50
N PRO B 800 -19.30 11.06 -2.69
CA PRO B 800 -18.21 12.04 -2.57
C PRO B 800 -18.36 13.13 -3.59
N ASP B 801 -17.91 14.33 -3.22
CA ASP B 801 -18.11 15.53 -4.04
C ASP B 801 -17.07 15.55 -5.16
N SER B 802 -17.36 14.79 -6.21
CA SER B 802 -16.51 14.77 -7.39
C SER B 802 -17.39 14.47 -8.61
N LEU B 803 -16.78 14.59 -9.79
CA LEU B 803 -17.49 14.35 -11.05
C LEU B 803 -16.70 13.32 -11.86
N THR B 804 -16.93 12.05 -11.56
CA THR B 804 -16.34 10.94 -12.30
C THR B 804 -17.42 9.88 -12.46
N THR B 805 -17.03 8.68 -12.85
CA THR B 805 -17.96 7.54 -12.90
C THR B 805 -17.42 6.46 -11.96
N TRP B 806 -17.93 6.43 -10.74
CA TRP B 806 -17.32 5.59 -9.72
C TRP B 806 -17.74 4.15 -9.93
N GLU B 807 -16.78 3.24 -9.84
CA GLU B 807 -17.04 1.82 -10.02
C GLU B 807 -16.88 1.11 -8.68
N ILE B 808 -17.88 0.32 -8.30
CA ILE B 808 -17.91 -0.38 -7.03
C ILE B 808 -17.71 -1.88 -7.30
N HIS B 809 -16.70 -2.47 -6.66
CA HIS B 809 -16.41 -3.88 -6.81
C HIS B 809 -16.40 -4.52 -5.42
N GLY B 810 -17.05 -5.68 -5.30
CA GLY B 810 -17.16 -6.34 -4.02
C GLY B 810 -16.84 -7.82 -4.13
N LEU B 811 -16.35 -8.37 -3.02
CA LEU B 811 -16.02 -9.79 -2.90
C LEU B 811 -16.75 -10.36 -1.70
N SER B 812 -17.41 -11.51 -1.90
CA SER B 812 -18.12 -12.19 -0.84
C SER B 812 -17.38 -13.46 -0.47
N LEU B 813 -17.17 -13.67 0.83
CA LEU B 813 -16.58 -14.88 1.36
C LEU B 813 -17.59 -15.55 2.27
N SER B 814 -18.02 -16.75 1.90
CA SER B 814 -19.04 -17.49 2.64
C SER B 814 -18.43 -18.74 3.24
N LYS B 815 -18.73 -18.99 4.52
CA LYS B 815 -18.24 -20.20 5.17
C LYS B 815 -18.76 -21.46 4.49
N THR B 816 -20.02 -21.43 4.06
CA THR B 816 -20.61 -22.60 3.41
C THR B 816 -20.26 -22.65 1.93
N LYS B 817 -20.65 -21.63 1.17
CA LYS B 817 -20.49 -21.67 -0.29
C LYS B 817 -19.04 -21.46 -0.70
N GLY B 818 -18.48 -20.29 -0.37
CA GLY B 818 -17.13 -19.97 -0.79
C GLY B 818 -16.94 -18.51 -1.13
N LEU B 819 -16.08 -18.22 -2.10
CA LEU B 819 -15.75 -16.85 -2.48
C LEU B 819 -16.30 -16.55 -3.87
N CYS B 820 -17.02 -15.44 -3.99
CA CYS B 820 -17.44 -14.90 -5.26
C CYS B 820 -17.15 -13.40 -5.31
N VAL B 821 -16.81 -12.92 -6.50
CA VAL B 821 -16.62 -11.49 -6.75
C VAL B 821 -17.81 -10.98 -7.54
N ALA B 822 -18.33 -9.83 -7.12
CA ALA B 822 -19.47 -9.22 -7.82
C ALA B 822 -19.06 -8.78 -9.21
N THR B 823 -20.04 -8.74 -10.11
CA THR B 823 -19.82 -8.04 -11.36
C THR B 823 -19.62 -6.55 -11.08
N PRO B 824 -18.67 -5.90 -11.73
CA PRO B 824 -18.46 -4.47 -11.47
C PRO B 824 -19.71 -3.67 -11.82
N VAL B 825 -20.03 -2.71 -10.96
CA VAL B 825 -21.14 -1.80 -11.17
C VAL B 825 -20.61 -0.38 -11.26
N GLN B 826 -21.05 0.34 -12.27
CA GLN B 826 -20.60 1.71 -12.51
C GLN B 826 -21.65 2.67 -12.01
N LEU B 827 -21.29 3.49 -11.02
CA LEU B 827 -22.17 4.46 -10.39
C LEU B 827 -21.73 5.83 -10.87
N ARG B 828 -22.23 6.23 -12.04
CA ARG B 828 -21.75 7.47 -12.66
C ARG B 828 -22.42 8.66 -12.00
N VAL B 829 -21.62 9.50 -11.36
CA VAL B 829 -22.10 10.74 -10.75
C VAL B 829 -21.76 11.87 -11.70
N PHE B 830 -22.72 12.76 -11.92
CA PHE B 830 -22.52 13.85 -12.86
C PHE B 830 -23.28 15.07 -12.38
N ARG B 831 -22.64 16.23 -12.49
CA ARG B 831 -23.30 17.50 -12.28
C ARG B 831 -23.37 18.22 -13.61
N GLU B 832 -24.56 18.73 -13.93
CA GLU B 832 -24.80 19.34 -15.23
C GLU B 832 -23.95 20.58 -15.47
N PHE B 833 -23.60 21.29 -14.41
CA PHE B 833 -22.83 22.52 -14.53
C PHE B 833 -21.81 22.54 -13.40
N HIS B 834 -20.54 22.73 -13.75
CA HIS B 834 -19.48 22.55 -12.77
C HIS B 834 -18.24 23.32 -13.22
N LEU B 835 -17.31 23.44 -12.29
CA LEU B 835 -15.99 24.01 -12.54
C LEU B 835 -14.95 22.97 -12.13
N HIS B 836 -13.85 22.92 -12.87
CA HIS B 836 -12.82 21.92 -12.67
C HIS B 836 -11.47 22.61 -12.45
N LEU B 837 -10.69 22.09 -11.49
CA LEU B 837 -9.37 22.62 -11.19
C LEU B 837 -8.34 21.50 -11.24
N ARG B 838 -7.12 21.86 -11.63
CA ARG B 838 -5.98 20.95 -11.60
C ARG B 838 -4.77 21.72 -11.06
N LEU B 839 -4.59 21.67 -9.76
CA LEU B 839 -3.41 22.28 -9.15
C LEU B 839 -2.19 21.45 -9.45
N PRO B 840 -1.10 22.04 -9.94
CA PRO B 840 0.12 21.27 -10.17
C PRO B 840 0.62 20.65 -8.87
N MET B 841 1.15 19.42 -8.98
CA MET B 841 1.52 18.68 -7.79
C MET B 841 2.64 19.36 -7.02
N SER B 842 3.52 20.10 -7.71
CA SER B 842 4.62 20.80 -7.08
C SER B 842 4.60 22.24 -7.53
N VAL B 843 4.68 23.17 -6.57
CA VAL B 843 4.81 24.58 -6.87
C VAL B 843 5.89 25.17 -5.97
N ARG B 844 7.00 25.58 -6.57
CA ARG B 844 8.09 26.20 -5.83
C ARG B 844 7.63 27.50 -5.20
N ARG B 845 7.97 27.71 -3.93
CA ARG B 845 7.68 28.98 -3.30
C ARG B 845 8.45 30.09 -3.99
N PHE B 846 7.88 31.29 -3.95
CA PHE B 846 8.43 32.56 -4.38
C PHE B 846 8.37 32.67 -5.90
N GLU B 847 7.96 31.62 -6.60
CA GLU B 847 7.95 31.55 -8.05
C GLU B 847 6.54 31.74 -8.58
N GLN B 848 6.44 32.31 -9.77
CA GLN B 848 5.14 32.68 -10.32
C GLN B 848 4.30 31.45 -10.63
N LEU B 849 3.02 31.53 -10.33
CA LEU B 849 2.05 30.46 -10.57
C LEU B 849 0.98 30.93 -11.52
N GLU B 850 0.58 30.07 -12.44
CA GLU B 850 -0.53 30.32 -13.35
C GLU B 850 -1.69 29.40 -12.96
N LEU B 851 -2.80 29.99 -12.56
CA LEU B 851 -3.96 29.25 -12.10
C LEU B 851 -5.09 29.41 -13.11
N ARG B 852 -5.65 28.29 -13.56
CA ARG B 852 -6.59 28.27 -14.69
C ARG B 852 -7.87 27.55 -14.30
N PRO B 853 -8.79 28.22 -13.60
CA PRO B 853 -10.13 27.64 -13.42
C PRO B 853 -10.92 27.73 -14.71
N VAL B 854 -11.40 26.58 -15.16
CA VAL B 854 -12.13 26.48 -16.43
C VAL B 854 -13.60 26.22 -16.14
N LEU B 855 -14.46 26.90 -16.88
CA LEU B 855 -15.91 26.77 -16.71
C LEU B 855 -16.46 25.77 -17.71
N TYR B 856 -17.26 24.83 -17.22
CA TYR B 856 -17.96 23.88 -18.06
C TYR B 856 -19.46 24.14 -17.95
N ASN B 857 -20.12 24.25 -19.11
CA ASN B 857 -21.54 24.58 -19.16
C ASN B 857 -22.20 23.70 -20.21
N TYR B 858 -22.97 22.72 -19.76
CA TYR B 858 -23.76 21.87 -20.64
C TYR B 858 -25.22 22.31 -20.75
N LEU B 859 -25.60 23.43 -20.14
CA LEU B 859 -26.98 23.92 -20.25
C LEU B 859 -27.30 24.35 -21.68
N ASP B 860 -28.54 24.79 -21.84
CA ASP B 860 -29.10 25.17 -23.13
C ASP B 860 -29.12 26.68 -23.35
N LYS B 861 -28.84 27.48 -22.32
CA LYS B 861 -28.91 28.93 -22.41
C LYS B 861 -27.54 29.53 -22.08
N ASN B 862 -27.21 30.63 -22.75
CA ASN B 862 -25.94 31.32 -22.53
C ASN B 862 -25.94 31.96 -21.15
N LEU B 863 -24.88 31.70 -20.37
CA LEU B 863 -24.80 32.17 -18.99
C LEU B 863 -23.73 33.25 -18.86
N THR B 864 -24.04 34.29 -18.09
CA THR B 864 -23.12 35.38 -17.78
C THR B 864 -22.89 35.35 -16.28
N VAL B 865 -21.80 34.71 -15.85
CA VAL B 865 -21.55 34.54 -14.42
C VAL B 865 -20.28 35.29 -14.03
N SER B 866 -19.95 35.24 -12.74
CA SER B 866 -18.78 35.92 -12.20
C SER B 866 -17.85 34.90 -11.56
N VAL B 867 -16.55 35.13 -11.69
CA VAL B 867 -15.52 34.28 -11.10
C VAL B 867 -14.63 35.14 -10.23
N HIS B 868 -14.42 34.72 -8.98
CA HIS B 868 -13.51 35.42 -8.10
C HIS B 868 -12.97 34.44 -7.08
N VAL B 869 -11.69 34.59 -6.76
CA VAL B 869 -11.04 33.78 -5.74
C VAL B 869 -11.16 34.48 -4.40
N SER B 870 -11.57 33.75 -3.37
CA SER B 870 -11.77 34.34 -2.07
C SER B 870 -10.44 34.81 -1.48
N PRO B 871 -10.40 35.99 -0.86
CA PRO B 871 -9.15 36.47 -0.26
C PRO B 871 -8.73 35.59 0.90
N VAL B 872 -7.55 34.99 0.78
CA VAL B 872 -7.03 34.07 1.78
C VAL B 872 -5.65 34.53 2.23
N GLU B 873 -5.39 34.42 3.52
CA GLU B 873 -4.09 34.79 4.06
C GLU B 873 -3.01 33.83 3.57
N GLY B 874 -1.82 34.38 3.32
CA GLY B 874 -0.70 33.60 2.84
C GLY B 874 -0.53 33.60 1.34
N LEU B 875 -1.51 34.08 0.59
CA LEU B 875 -1.46 34.12 -0.86
C LEU B 875 -1.67 35.56 -1.33
N CYS B 876 -0.88 35.96 -2.32
CA CYS B 876 -1.11 37.21 -3.05
C CYS B 876 -1.94 36.95 -4.28
N LEU B 877 -3.21 37.34 -4.20
CA LEU B 877 -4.08 37.28 -5.36
C LEU B 877 -3.58 38.25 -6.41
N ALA B 878 -3.85 37.93 -7.68
CA ALA B 878 -3.50 38.86 -8.74
C ALA B 878 -4.20 40.20 -8.54
N GLY B 879 -5.49 40.17 -8.22
CA GLY B 879 -6.21 41.35 -7.81
C GLY B 879 -6.05 41.70 -6.35
N GLY B 880 -5.36 40.87 -5.58
CA GLY B 880 -5.10 41.16 -4.19
C GLY B 880 -6.31 41.21 -3.29
N GLY B 881 -7.43 40.64 -3.72
CA GLY B 881 -8.63 40.63 -2.92
C GLY B 881 -9.79 40.03 -3.68
N GLY B 882 -10.99 40.21 -3.13
CA GLY B 882 -12.19 39.63 -3.72
C GLY B 882 -12.73 40.45 -4.87
N LEU B 883 -11.96 40.50 -5.96
CA LEU B 883 -12.31 41.29 -7.13
C LEU B 883 -12.86 40.38 -8.23
N ALA B 884 -14.04 40.70 -8.73
CA ALA B 884 -14.77 39.79 -9.59
C ALA B 884 -14.38 39.94 -11.06
N GLN B 885 -14.53 38.86 -11.81
CA GLN B 885 -14.30 38.84 -13.24
C GLN B 885 -15.57 38.37 -13.95
N GLN B 886 -15.98 39.09 -14.98
CA GLN B 886 -17.19 38.80 -15.73
C GLN B 886 -16.86 38.10 -17.03
N VAL B 887 -17.60 37.03 -17.34
CA VAL B 887 -17.44 36.30 -18.59
C VAL B 887 -18.76 35.62 -18.89
N LEU B 888 -19.13 35.63 -20.18
CA LEU B 888 -20.32 34.95 -20.64
C LEU B 888 -19.93 33.63 -21.30
N VAL B 889 -20.66 32.58 -20.98
CA VAL B 889 -20.41 31.25 -21.52
C VAL B 889 -21.56 30.86 -22.43
N PRO B 890 -21.31 30.61 -23.71
CA PRO B 890 -22.37 30.06 -24.57
C PRO B 890 -22.64 28.60 -24.24
N ALA B 891 -23.83 28.16 -24.62
CA ALA B 891 -24.28 26.81 -24.29
C ALA B 891 -23.38 25.77 -24.94
N GLY B 892 -23.08 24.70 -24.20
CA GLY B 892 -22.28 23.61 -24.71
C GLY B 892 -20.87 24.02 -25.06
N SER B 893 -20.21 24.77 -24.18
CA SER B 893 -18.88 25.28 -24.44
C SER B 893 -18.15 25.47 -23.12
N ALA B 894 -16.93 25.98 -23.21
CA ALA B 894 -16.10 26.24 -22.04
C ALA B 894 -15.46 27.62 -22.16
N ARG B 895 -15.16 28.22 -21.01
CA ARG B 895 -14.52 29.53 -20.96
C ARG B 895 -13.56 29.60 -19.77
N PRO B 896 -12.27 29.63 -20.02
CA PRO B 896 -11.29 29.72 -18.93
C PRO B 896 -11.00 31.16 -18.53
N VAL B 897 -10.61 31.32 -17.28
CA VAL B 897 -10.20 32.62 -16.73
C VAL B 897 -8.83 32.45 -16.11
N ALA B 898 -7.85 33.21 -16.61
CA ALA B 898 -6.49 33.11 -16.11
C ALA B 898 -6.34 33.80 -14.77
N PHE B 899 -5.53 33.21 -13.89
CA PHE B 899 -5.21 33.80 -12.60
C PHE B 899 -3.72 33.66 -12.33
N SER B 900 -3.13 34.69 -11.74
CA SER B 900 -1.70 34.72 -11.45
C SER B 900 -1.52 35.00 -9.96
N VAL B 901 -1.37 33.95 -9.17
CA VAL B 901 -1.24 34.05 -7.72
C VAL B 901 0.08 33.39 -7.32
N VAL B 902 1.00 34.19 -6.80
CA VAL B 902 2.28 33.66 -6.33
C VAL B 902 2.15 33.29 -4.85
N PRO B 903 2.49 32.06 -4.48
CA PRO B 903 2.34 31.65 -3.08
C PRO B 903 3.33 32.35 -2.16
N THR B 904 2.88 32.57 -0.91
CA THR B 904 3.72 33.18 0.10
C THR B 904 3.59 32.51 1.46
N ALA B 905 2.88 31.38 1.55
CA ALA B 905 2.71 30.68 2.82
C ALA B 905 3.95 29.85 3.12
N ALA B 906 3.86 28.99 4.13
CA ALA B 906 5.00 28.18 4.57
C ALA B 906 4.95 26.76 4.03
N ALA B 907 3.87 26.03 4.31
CA ALA B 907 3.77 24.62 3.94
C ALA B 907 2.56 24.32 3.08
N ALA B 908 1.38 24.78 3.47
CA ALA B 908 0.17 24.50 2.70
C ALA B 908 -0.87 25.55 3.03
N VAL B 909 -1.63 25.96 2.02
CA VAL B 909 -2.68 26.96 2.18
C VAL B 909 -3.92 26.49 1.43
N SER B 910 -5.09 26.70 2.04
CA SER B 910 -6.35 26.32 1.43
C SER B 910 -6.85 27.42 0.51
N LEU B 911 -7.38 27.02 -0.65
CA LEU B 911 -7.86 27.96 -1.64
C LEU B 911 -9.21 27.51 -2.16
N LYS B 912 -10.17 28.43 -2.20
CA LYS B 912 -11.50 28.17 -2.73
C LYS B 912 -11.90 29.27 -3.69
N VAL B 913 -12.50 28.86 -4.80
CA VAL B 913 -12.95 29.79 -5.83
C VAL B 913 -14.47 29.71 -5.93
N VAL B 914 -15.09 30.83 -6.28
CA VAL B 914 -16.55 30.94 -6.32
C VAL B 914 -16.97 31.35 -7.72
N ALA B 915 -17.92 30.62 -8.29
CA ALA B 915 -18.51 30.93 -9.59
C ALA B 915 -19.99 31.22 -9.35
N ARG B 916 -20.29 32.48 -9.03
CA ARG B 916 -21.64 32.87 -8.66
C ARG B 916 -22.48 33.18 -9.89
N GLY B 917 -23.73 32.72 -9.88
CA GLY B 917 -24.58 32.77 -11.04
C GLY B 917 -25.60 33.90 -11.03
N SER B 918 -26.10 34.21 -12.22
CA SER B 918 -26.98 35.35 -12.43
C SER B 918 -28.42 35.02 -12.03
N PHE B 919 -29.26 36.05 -12.09
CA PHE B 919 -30.68 35.88 -11.76
C PHE B 919 -31.40 35.00 -12.76
N GLU B 920 -30.95 34.98 -14.01
CA GLU B 920 -31.66 34.26 -15.06
C GLU B 920 -31.77 32.77 -14.74
N PHE B 921 -30.66 32.16 -14.32
CA PHE B 921 -30.67 30.84 -13.70
C PHE B 921 -29.64 30.85 -12.57
N PRO B 922 -30.08 30.95 -11.33
CA PRO B 922 -29.14 31.01 -10.21
C PRO B 922 -28.46 29.68 -9.94
N VAL B 923 -27.45 29.34 -10.75
CA VAL B 923 -26.65 28.14 -10.55
C VAL B 923 -25.23 28.55 -10.22
N GLY B 924 -24.62 27.87 -9.26
CA GLY B 924 -23.27 28.21 -8.84
C GLY B 924 -22.54 26.98 -8.33
N ASP B 925 -21.22 27.13 -8.22
CA ASP B 925 -20.39 26.07 -7.69
C ASP B 925 -19.17 26.67 -7.01
N ALA B 926 -18.58 25.90 -6.10
CA ALA B 926 -17.39 26.32 -5.37
C ALA B 926 -16.53 25.10 -5.09
N VAL B 927 -15.27 25.15 -5.51
CA VAL B 927 -14.33 24.07 -5.28
C VAL B 927 -13.21 24.57 -4.38
N SER B 928 -12.83 23.75 -3.41
CA SER B 928 -11.80 24.11 -2.44
C SER B 928 -10.81 22.95 -2.36
N LYS B 929 -9.68 23.08 -3.05
CA LYS B 929 -8.61 22.10 -3.03
C LYS B 929 -7.43 22.67 -2.25
N VAL B 930 -6.91 21.89 -1.31
CA VAL B 930 -5.77 22.33 -0.53
C VAL B 930 -4.54 22.41 -1.43
N LEU B 931 -3.86 23.55 -1.39
CA LEU B 931 -2.66 23.78 -2.19
C LEU B 931 -1.44 23.65 -1.30
N GLN B 932 -0.60 22.67 -1.59
CA GLN B 932 0.61 22.42 -0.81
C GLN B 932 1.82 22.92 -1.58
N ILE B 933 2.69 23.65 -0.88
CA ILE B 933 3.92 24.19 -1.46
C ILE B 933 5.10 23.44 -0.86
N GLU B 934 6.01 23.02 -1.73
CA GLU B 934 7.17 22.29 -1.23
C GLU B 934 8.14 23.24 -0.54
N LYS B 935 9.15 22.67 0.09
CA LYS B 935 10.14 23.44 0.83
C LYS B 935 11.07 24.16 -0.14
N GLU B 936 12.02 24.91 0.42
CA GLU B 936 12.87 25.77 -0.39
C GLU B 936 13.95 24.93 -1.05
N GLY B 937 14.24 25.25 -2.32
CA GLY B 937 15.36 24.63 -3.00
C GLY B 937 15.08 23.21 -3.45
N ALA B 938 16.13 22.58 -3.99
CA ALA B 938 16.06 21.23 -4.50
C ALA B 938 16.47 20.22 -3.43
N ILE B 939 16.34 18.93 -3.76
CA ILE B 939 16.66 17.86 -2.84
C ILE B 939 17.98 17.23 -3.25
N HIS B 940 18.63 16.57 -2.29
CA HIS B 940 19.92 15.95 -2.51
C HIS B 940 19.93 14.55 -1.90
N ARG B 941 20.68 13.66 -2.53
CA ARG B 941 20.80 12.26 -2.11
C ARG B 941 22.27 11.92 -1.94
N GLU B 942 22.60 11.31 -0.80
CA GLU B 942 23.96 10.88 -0.51
C GLU B 942 24.01 9.36 -0.42
N GLU B 943 24.97 8.76 -1.11
CA GLU B 943 25.15 7.32 -1.14
C GLU B 943 26.52 6.98 -0.58
N LEU B 944 26.55 6.00 0.34
CA LEU B 944 27.79 5.55 0.98
C LEU B 944 27.85 4.04 0.86
N VAL B 945 28.43 3.54 -0.24
CA VAL B 945 28.53 2.11 -0.47
C VAL B 945 29.66 1.53 0.38
N TYR B 946 29.40 0.36 0.96
CA TYR B 946 30.38 -0.30 1.80
C TYR B 946 30.18 -1.81 1.72
N GLU B 947 31.21 -2.54 2.10
CA GLU B 947 31.17 -3.99 2.15
C GLU B 947 31.47 -4.45 3.57
N LEU B 948 30.85 -5.56 3.96
CA LEU B 948 30.95 -6.07 5.32
C LEU B 948 31.51 -7.48 5.33
N ASN B 949 32.28 -7.77 6.36
CA ASN B 949 32.90 -9.07 6.56
C ASN B 949 32.81 -9.45 8.03
N PRO B 950 32.87 -10.75 8.36
CA PRO B 950 32.85 -11.21 9.75
C PRO B 950 33.94 -10.57 10.61
N ARG B 954 38.67 -9.50 8.77
CA ARG B 954 38.67 -8.52 9.84
C ARG B 954 37.92 -7.26 9.43
N GLY B 955 38.25 -6.15 10.08
CA GLY B 955 37.59 -4.89 9.79
C GLY B 955 36.11 -4.91 10.11
N ARG B 956 35.77 -5.42 11.30
CA ARG B 956 34.36 -5.55 11.67
C ARG B 956 33.71 -4.18 11.85
N THR B 957 34.19 -3.40 12.81
CA THR B 957 33.54 -2.14 13.15
C THR B 957 33.98 -1.03 12.20
N LEU B 958 33.01 -0.27 11.68
CA LEU B 958 33.29 0.91 10.88
C LEU B 958 32.38 2.04 11.33
N GLU B 959 32.83 3.26 11.08
CA GLU B 959 32.13 4.45 11.52
C GLU B 959 31.79 5.33 10.33
N ILE B 960 30.55 5.78 10.26
CA ILE B 960 30.07 6.65 9.18
C ILE B 960 30.17 8.09 9.67
N PRO B 961 30.90 8.96 8.98
CA PRO B 961 30.98 10.36 9.40
C PRO B 961 29.63 11.05 9.29
N GLY B 962 29.40 12.01 10.19
CA GLY B 962 28.16 12.74 10.18
C GLY B 962 28.06 13.69 8.99
N ASN B 963 26.85 14.19 8.78
CA ASN B 963 26.62 15.12 7.69
C ASN B 963 27.42 16.42 7.88
N SER B 964 28.12 16.83 6.83
CA SER B 964 28.98 18.00 6.93
C SER B 964 28.98 18.85 5.67
N ASP B 965 28.01 18.67 4.78
CA ASP B 965 27.98 19.43 3.54
C ASP B 965 27.61 20.88 3.85
N PRO B 966 28.35 21.86 3.33
CA PRO B 966 28.07 23.26 3.70
C PRO B 966 26.79 23.81 3.10
N ASN B 967 26.24 23.19 2.07
CA ASN B 967 24.99 23.65 1.48
C ASN B 967 23.77 23.21 2.27
N MET B 968 23.95 22.67 3.47
CA MET B 968 22.82 22.31 4.31
C MET B 968 22.04 23.53 4.73
N ILE B 969 20.73 23.48 4.53
CA ILE B 969 19.83 24.58 4.88
C ILE B 969 19.36 24.39 6.32
N PRO B 970 19.50 25.41 7.18
CA PRO B 970 19.28 25.19 8.63
C PRO B 970 17.93 24.59 8.97
N ASP B 971 16.87 24.96 8.27
CA ASP B 971 15.56 24.34 8.43
C ASP B 971 15.31 23.40 7.27
N GLY B 972 14.65 22.29 7.56
CA GLY B 972 14.31 21.33 6.53
C GLY B 972 14.16 19.94 7.11
N ASP B 973 13.80 19.00 6.23
CA ASP B 973 13.68 17.61 6.62
C ASP B 973 15.05 16.92 6.57
N PHE B 974 15.14 15.80 7.30
CA PHE B 974 16.36 15.01 7.30
C PHE B 974 15.95 13.54 7.46
N ASN B 975 15.81 12.86 6.34
CA ASN B 975 15.41 11.46 6.31
C ASN B 975 16.60 10.59 5.95
N SER B 976 16.87 9.58 6.77
CA SER B 976 18.01 8.70 6.59
C SER B 976 17.54 7.25 6.58
N TYR B 977 18.00 6.47 5.61
CA TYR B 977 17.61 5.08 5.46
C TYR B 977 18.85 4.21 5.30
N VAL B 978 18.77 3.00 5.82
CA VAL B 978 19.84 2.02 5.71
C VAL B 978 19.42 0.95 4.72
N ARG B 979 20.34 0.60 3.82
CA ARG B 979 20.07 -0.36 2.75
C ARG B 979 21.16 -1.42 2.80
N VAL B 980 20.80 -2.61 3.27
CA VAL B 980 21.75 -3.71 3.43
C VAL B 980 21.33 -4.85 2.51
N THR B 981 22.29 -5.42 1.80
CA THR B 981 22.06 -6.51 0.87
C THR B 981 22.80 -7.75 1.35
N ALA B 982 22.10 -8.88 1.39
CA ALA B 982 22.73 -10.12 1.85
C ALA B 982 23.88 -10.54 0.95
N SER B 983 23.70 -10.41 -0.37
CA SER B 983 24.73 -10.76 -1.35
C SER B 983 25.20 -12.19 -1.18
N ASP B 984 24.26 -13.09 -0.90
CA ASP B 984 24.61 -14.50 -0.72
C ASP B 984 25.10 -15.10 -2.03
N PRO B 985 26.10 -15.98 -1.98
CA PRO B 985 26.62 -16.64 -3.18
C PRO B 985 25.66 -17.68 -3.74
N ALA B 994 28.85 -37.83 -6.65
CA ALA B 994 28.05 -38.91 -6.11
C ALA B 994 28.21 -40.18 -6.92
N LEU B 995 27.66 -41.28 -6.42
CA LEU B 995 27.75 -42.58 -7.06
C LEU B 995 26.36 -43.06 -7.47
N SER B 996 26.31 -43.88 -8.51
CA SER B 996 25.05 -44.39 -9.00
C SER B 996 24.42 -45.33 -7.97
N PRO B 997 23.22 -45.06 -7.47
CA PRO B 997 22.61 -45.95 -6.47
C PRO B 997 22.33 -47.35 -6.99
N GLY B 998 22.23 -47.53 -8.31
CA GLY B 998 21.92 -48.84 -8.84
C GLY B 998 23.00 -49.87 -8.55
N GLY B 999 24.27 -49.48 -8.75
CA GLY B 999 25.36 -50.41 -8.52
C GLY B 999 25.49 -50.82 -7.06
N VAL B 1000 25.41 -49.86 -6.14
CA VAL B 1000 25.54 -50.17 -4.73
C VAL B 1000 24.31 -50.92 -4.21
N ALA B 1001 23.21 -50.89 -4.94
CA ALA B 1001 22.03 -51.65 -4.52
C ALA B 1001 22.25 -53.15 -4.63
N SER B 1002 23.06 -53.59 -5.58
CA SER B 1002 23.33 -55.01 -5.76
C SER B 1002 24.03 -55.62 -4.56
N LEU B 1003 24.72 -54.82 -3.75
CA LEU B 1003 25.39 -55.34 -2.57
C LEU B 1003 24.43 -55.78 -1.49
N LEU B 1004 23.15 -55.44 -1.61
CA LEU B 1004 22.14 -55.88 -0.64
C LEU B 1004 21.91 -57.37 -0.83
N ARG B 1005 22.48 -58.18 0.05
CA ARG B 1005 22.45 -59.63 -0.09
C ARG B 1005 21.99 -60.29 1.19
N LEU B 1006 21.35 -61.45 1.03
CA LEU B 1006 20.90 -62.22 2.18
C LEU B 1006 22.09 -62.85 2.89
N PRO B 1007 22.10 -62.83 4.23
CA PRO B 1007 23.18 -63.53 4.96
C PRO B 1007 23.11 -65.03 4.76
N ARG B 1008 24.28 -65.66 4.70
CA ARG B 1008 24.38 -67.10 4.53
C ARG B 1008 25.80 -67.52 4.86
N GLY B 1009 26.02 -68.83 4.91
CA GLY B 1009 27.35 -69.37 5.14
C GLY B 1009 27.63 -69.64 6.61
N CYS B 1010 28.87 -70.05 6.86
CA CYS B 1010 29.33 -70.39 8.20
C CYS B 1010 29.73 -69.12 8.95
N GLY B 1011 30.41 -69.29 10.08
CA GLY B 1011 30.73 -68.17 10.95
C GLY B 1011 31.62 -67.12 10.34
N GLU B 1012 32.32 -67.45 9.25
CA GLU B 1012 33.13 -66.47 8.55
C GLU B 1012 32.56 -66.05 7.20
N GLN B 1013 31.75 -66.88 6.56
CA GLN B 1013 31.05 -66.47 5.36
C GLN B 1013 29.87 -65.56 5.64
N THR B 1014 29.49 -65.38 6.90
CA THR B 1014 28.37 -64.52 7.22
C THR B 1014 28.74 -63.04 7.16
N MET B 1015 29.91 -62.66 7.71
CA MET B 1015 30.34 -61.26 7.65
C MET B 1015 30.50 -60.75 6.22
N ILE B 1016 30.97 -61.59 5.30
CA ILE B 1016 31.17 -61.12 3.94
C ILE B 1016 29.84 -60.77 3.29
N TYR B 1017 28.74 -61.03 4.00
CA TYR B 1017 27.41 -60.65 3.53
C TYR B 1017 26.67 -59.69 4.44
N LEU B 1018 27.02 -59.59 5.72
CA LEU B 1018 26.44 -58.53 6.55
C LEU B 1018 27.19 -57.21 6.42
N ALA B 1019 28.52 -57.25 6.40
CA ALA B 1019 29.27 -56.00 6.28
C ALA B 1019 28.94 -55.24 5.00
N PRO B 1020 28.98 -55.85 3.80
CA PRO B 1020 28.53 -55.09 2.62
C PRO B 1020 27.08 -54.67 2.70
N THR B 1021 26.21 -55.52 3.28
CA THR B 1021 24.80 -55.17 3.38
C THR B 1021 24.60 -53.97 4.31
N LEU B 1022 25.24 -54.00 5.47
CA LEU B 1022 25.14 -52.87 6.39
C LEU B 1022 25.71 -51.60 5.76
N ALA B 1023 26.85 -51.74 5.06
CA ALA B 1023 27.45 -50.58 4.43
C ALA B 1023 26.53 -49.98 3.38
N ALA B 1024 25.92 -50.83 2.55
CA ALA B 1024 25.01 -50.32 1.53
C ALA B 1024 23.78 -49.67 2.16
N SER B 1025 23.25 -50.28 3.22
CA SER B 1025 22.10 -49.70 3.90
C SER B 1025 22.43 -48.33 4.46
N ARG B 1026 23.59 -48.20 5.11
CA ARG B 1026 24.00 -46.91 5.65
C ARG B 1026 24.21 -45.90 4.55
N TYR B 1027 24.85 -46.30 3.45
CA TYR B 1027 25.11 -45.38 2.36
C TYR B 1027 23.81 -44.86 1.75
N LEU B 1028 22.86 -45.76 1.50
CA LEU B 1028 21.58 -45.34 0.93
C LEU B 1028 20.80 -44.47 1.92
N ASP B 1029 20.80 -44.85 3.20
CA ASP B 1029 20.07 -44.07 4.20
C ASP B 1029 20.64 -42.66 4.33
N LYS B 1030 21.96 -42.53 4.33
CA LYS B 1030 22.59 -41.26 4.63
C LYS B 1030 22.79 -40.39 3.41
N THR B 1031 22.78 -40.98 2.21
CA THR B 1031 22.76 -40.24 0.96
C THR B 1031 21.35 -40.07 0.43
N GLU B 1032 20.35 -40.62 1.15
CA GLU B 1032 18.94 -40.62 0.73
C GLU B 1032 18.77 -40.92 -0.75
N GLN B 1033 19.24 -42.09 -1.16
CA GLN B 1033 18.99 -42.61 -2.50
C GLN B 1033 17.92 -43.70 -2.50
N TRP B 1034 17.26 -43.94 -1.37
CA TRP B 1034 16.21 -44.96 -1.33
C TRP B 1034 15.05 -44.61 -2.25
N SER B 1035 14.80 -43.31 -2.45
CA SER B 1035 13.69 -42.90 -3.31
C SER B 1035 13.90 -43.37 -4.75
N THR B 1036 15.12 -43.27 -5.24
CA THR B 1036 15.40 -43.71 -6.61
C THR B 1036 15.19 -45.21 -6.74
N LEU B 1037 15.61 -45.98 -5.74
CA LEU B 1037 15.38 -47.41 -5.74
C LEU B 1037 13.90 -47.71 -5.57
N PRO B 1038 13.45 -48.91 -5.94
CA PRO B 1038 12.07 -49.31 -5.69
C PRO B 1038 11.73 -49.20 -4.22
N PRO B 1039 10.50 -48.79 -3.89
CA PRO B 1039 10.18 -48.45 -2.50
C PRO B 1039 10.37 -49.58 -1.51
N GLU B 1040 10.10 -50.81 -1.92
CA GLU B 1040 10.13 -51.94 -1.01
C GLU B 1040 11.53 -52.44 -0.71
N THR B 1041 12.56 -51.92 -1.38
CA THR B 1041 13.92 -52.39 -1.14
C THR B 1041 14.37 -52.09 0.28
N LYS B 1042 14.00 -50.92 0.82
CA LYS B 1042 14.40 -50.56 2.17
C LYS B 1042 13.82 -51.52 3.20
N ASP B 1043 12.55 -51.89 3.04
CA ASP B 1043 11.96 -52.87 3.94
C ASP B 1043 12.60 -54.24 3.76
N HIS B 1044 12.88 -54.63 2.52
CA HIS B 1044 13.64 -55.85 2.29
C HIS B 1044 15.02 -55.76 2.94
N ALA B 1045 15.65 -54.58 2.87
CA ALA B 1045 16.95 -54.39 3.48
C ALA B 1045 16.90 -54.56 4.99
N VAL B 1046 15.90 -53.98 5.64
CA VAL B 1046 15.83 -54.08 7.09
C VAL B 1046 15.49 -55.52 7.50
N ASP B 1047 14.67 -56.21 6.70
CA ASP B 1047 14.41 -57.63 6.98
C ASP B 1047 15.70 -58.44 6.90
N LEU B 1048 16.49 -58.20 5.86
CA LEU B 1048 17.76 -58.93 5.70
C LEU B 1048 18.73 -58.61 6.83
N ILE B 1049 18.79 -57.34 7.24
CA ILE B 1049 19.72 -56.97 8.31
C ILE B 1049 19.27 -57.56 9.65
N GLN B 1050 17.96 -57.65 9.88
CA GLN B 1050 17.49 -58.33 11.09
C GLN B 1050 17.84 -59.80 11.06
N LYS B 1051 17.65 -60.45 9.91
CA LYS B 1051 18.02 -61.85 9.78
C LYS B 1051 19.51 -62.06 10.02
N GLY B 1052 20.35 -61.16 9.48
CA GLY B 1052 21.78 -61.27 9.72
C GLY B 1052 22.16 -61.04 11.17
N TYR B 1053 21.52 -60.06 11.81
CA TYR B 1053 21.75 -59.81 13.23
C TYR B 1053 21.44 -61.05 14.05
N MET B 1054 20.32 -61.71 13.74
CA MET B 1054 20.02 -62.96 14.43
C MET B 1054 21.02 -64.05 14.10
N ARG B 1055 21.47 -64.10 12.83
CA ARG B 1055 22.35 -65.18 12.39
C ARG B 1055 23.70 -65.13 13.07
N ILE B 1056 24.31 -63.94 13.16
CA ILE B 1056 25.60 -63.88 13.85
C ILE B 1056 25.44 -63.88 15.37
N GLN B 1057 24.28 -63.52 15.89
CA GLN B 1057 24.11 -63.49 17.34
C GLN B 1057 24.15 -64.90 17.93
N GLN B 1058 23.74 -65.92 17.15
CA GLN B 1058 23.69 -67.27 17.67
C GLN B 1058 25.08 -67.89 17.87
N PHE B 1059 26.13 -67.27 17.34
CA PHE B 1059 27.49 -67.76 17.50
C PHE B 1059 28.20 -67.10 18.68
N ARG B 1060 27.46 -66.54 19.62
CA ARG B 1060 28.08 -65.86 20.75
C ARG B 1060 28.66 -66.87 21.74
N LYS B 1061 29.90 -66.65 22.15
CA LYS B 1061 30.53 -67.46 23.18
C LYS B 1061 30.04 -66.99 24.55
N ALA B 1062 30.66 -67.49 25.62
CA ALA B 1062 30.33 -67.00 26.95
C ALA B 1062 30.81 -65.56 27.13
N ASP B 1063 31.91 -65.18 26.47
CA ASP B 1063 32.48 -63.85 26.57
C ASP B 1063 32.13 -62.95 25.40
N GLY B 1064 31.29 -63.41 24.47
CA GLY B 1064 30.88 -62.57 23.35
C GLY B 1064 32.01 -62.16 22.43
N SER B 1065 32.92 -63.10 22.12
CA SER B 1065 34.03 -62.80 21.23
C SER B 1065 33.70 -63.05 19.76
N TYR B 1066 32.68 -63.86 19.48
CA TYR B 1066 32.20 -64.14 18.13
C TYR B 1066 33.32 -64.70 17.25
N ALA B 1067 33.79 -65.89 17.61
CA ALA B 1067 34.84 -66.53 16.84
C ALA B 1067 34.31 -66.97 15.48
N ALA B 1068 35.25 -67.41 14.62
CA ALA B 1068 34.86 -67.96 13.33
C ALA B 1068 34.02 -69.22 13.51
N TRP B 1069 34.40 -70.06 14.47
CA TRP B 1069 33.62 -71.24 14.84
C TRP B 1069 33.49 -71.29 16.35
N LEU B 1070 32.43 -71.96 16.82
CA LEU B 1070 32.22 -72.07 18.26
C LEU B 1070 33.35 -72.84 18.92
N SER B 1071 33.81 -73.92 18.30
CA SER B 1071 34.92 -74.69 18.85
C SER B 1071 36.26 -74.01 18.60
N ARG B 1072 36.40 -73.32 17.47
CA ARG B 1072 37.67 -72.69 17.13
C ARG B 1072 37.94 -71.50 18.04
N ASP B 1073 39.22 -71.17 18.18
CA ASP B 1073 39.63 -70.06 19.04
C ASP B 1073 39.16 -68.73 18.46
N SER B 1074 38.92 -67.77 19.35
CA SER B 1074 38.47 -66.46 18.95
C SER B 1074 39.61 -65.66 18.31
N SER B 1075 39.24 -64.67 17.51
CA SER B 1075 40.17 -63.73 16.91
C SER B 1075 39.77 -62.32 17.30
N THR B 1076 40.73 -61.53 17.77
CA THR B 1076 40.43 -60.17 18.17
C THR B 1076 40.01 -59.31 16.98
N TRP B 1077 40.57 -59.55 15.80
CA TRP B 1077 40.16 -58.80 14.61
C TRP B 1077 38.70 -59.04 14.30
N LEU B 1078 38.27 -60.31 14.33
CA LEU B 1078 36.86 -60.61 14.11
C LEU B 1078 35.98 -59.96 15.17
N THR B 1079 36.41 -60.01 16.43
CA THR B 1079 35.61 -59.43 17.50
C THR B 1079 35.46 -57.92 17.32
N ALA B 1080 36.55 -57.24 16.93
CA ALA B 1080 36.46 -55.80 16.70
C ALA B 1080 35.58 -55.48 15.49
N PHE B 1081 35.68 -56.29 14.43
CA PHE B 1081 34.83 -56.11 13.27
C PHE B 1081 33.37 -56.23 13.65
N VAL B 1082 33.06 -57.26 14.44
CA VAL B 1082 31.70 -57.42 14.96
C VAL B 1082 31.29 -56.22 15.80
N LEU B 1083 32.17 -55.77 16.69
CA LEU B 1083 31.83 -54.65 17.55
C LEU B 1083 31.43 -53.45 16.73
N LYS B 1084 32.25 -53.09 15.74
CA LYS B 1084 31.94 -51.90 14.95
C LYS B 1084 30.67 -52.08 14.12
N VAL B 1085 30.49 -53.25 13.49
CA VAL B 1085 29.33 -53.40 12.61
C VAL B 1085 28.04 -53.47 13.42
N LEU B 1086 28.04 -54.18 14.55
CA LEU B 1086 26.84 -54.24 15.38
C LEU B 1086 26.55 -52.90 16.06
N SER B 1087 27.58 -52.17 16.47
CA SER B 1087 27.36 -50.84 17.02
C SER B 1087 26.75 -49.92 15.98
N LEU B 1088 27.24 -50.01 14.74
CA LEU B 1088 26.66 -49.19 13.67
C LEU B 1088 25.21 -49.57 13.41
N ALA B 1089 24.90 -50.87 13.44
CA ALA B 1089 23.55 -51.33 13.16
C ALA B 1089 22.62 -51.23 14.36
N GLN B 1090 23.15 -50.99 15.56
CA GLN B 1090 22.33 -50.98 16.76
C GLN B 1090 21.28 -49.88 16.76
N GLU B 1091 21.51 -48.80 16.00
CA GLU B 1091 20.54 -47.71 15.96
C GLU B 1091 19.20 -48.12 15.38
N GLN B 1092 19.15 -49.24 14.65
CA GLN B 1092 17.92 -49.73 14.04
C GLN B 1092 17.40 -51.01 14.68
N VAL B 1093 18.24 -52.04 14.78
CA VAL B 1093 17.79 -53.29 15.38
C VAL B 1093 17.68 -53.14 16.89
N GLY B 1094 16.60 -53.64 17.46
CA GLY B 1094 16.37 -53.54 18.88
C GLY B 1094 17.17 -54.55 19.68
N GLY B 1095 18.49 -54.35 19.74
CA GLY B 1095 19.36 -55.24 20.48
C GLY B 1095 19.40 -54.91 21.96
N SER B 1096 20.25 -55.66 22.67
CA SER B 1096 20.43 -55.46 24.10
C SER B 1096 21.76 -54.78 24.35
N PRO B 1097 21.77 -53.55 24.87
CA PRO B 1097 23.05 -52.84 25.05
C PRO B 1097 24.03 -53.57 25.97
N GLU B 1098 23.54 -54.24 27.00
CA GLU B 1098 24.43 -54.87 27.96
C GLU B 1098 25.13 -56.10 27.39
N LYS B 1099 24.56 -56.73 26.38
CA LYS B 1099 25.20 -57.88 25.76
C LYS B 1099 26.40 -57.49 24.89
N LEU B 1100 26.52 -56.21 24.53
CA LEU B 1100 27.69 -55.72 23.82
C LEU B 1100 28.72 -55.07 24.73
N GLN B 1101 28.29 -54.58 25.89
CA GLN B 1101 29.23 -54.01 26.86
C GLN B 1101 30.20 -55.09 27.35
N GLU B 1102 29.71 -56.31 27.56
CA GLU B 1102 30.60 -57.40 27.94
C GLU B 1102 31.55 -57.78 26.81
N THR B 1103 31.10 -57.68 25.56
CA THR B 1103 32.01 -57.89 24.44
C THR B 1103 33.12 -56.84 24.44
N SER B 1104 32.76 -55.57 24.67
CA SER B 1104 33.78 -54.52 24.74
C SER B 1104 34.74 -54.76 25.89
N ASN B 1105 34.22 -55.22 27.03
CA ASN B 1105 35.08 -55.53 28.17
C ASN B 1105 36.05 -56.67 27.83
N TRP B 1106 35.56 -57.70 27.15
CA TRP B 1106 36.44 -58.80 26.75
C TRP B 1106 37.50 -58.31 25.78
N LEU B 1107 37.15 -57.40 24.87
CA LEU B 1107 38.14 -56.83 23.97
C LEU B 1107 39.22 -56.08 24.75
N LEU B 1108 38.83 -55.34 25.78
CA LEU B 1108 39.80 -54.65 26.62
C LEU B 1108 40.78 -55.63 27.26
N SER B 1109 40.33 -56.85 27.56
CA SER B 1109 41.20 -57.84 28.19
C SER B 1109 42.35 -58.26 27.29
N GLN B 1110 42.29 -57.95 26.00
CA GLN B 1110 43.33 -58.32 25.04
C GLN B 1110 44.36 -57.23 24.82
N GLN B 1111 44.31 -56.15 25.58
CA GLN B 1111 45.33 -55.11 25.51
C GLN B 1111 46.59 -55.52 26.27
N GLN B 1112 47.75 -55.15 25.74
CA GLN B 1112 49.02 -55.40 26.38
C GLN B 1112 49.50 -54.15 27.12
N ALA B 1113 50.73 -54.21 27.64
CA ALA B 1113 51.23 -53.16 28.53
C ALA B 1113 51.38 -51.83 27.80
N ASP B 1114 51.87 -51.85 26.56
CA ASP B 1114 52.08 -50.61 25.82
C ASP B 1114 50.80 -50.09 25.16
N GLY B 1115 49.68 -50.81 25.31
CA GLY B 1115 48.46 -50.43 24.65
C GLY B 1115 48.21 -51.10 23.33
N SER B 1116 48.99 -52.11 22.99
CA SER B 1116 48.88 -52.79 21.71
C SER B 1116 47.89 -53.96 21.79
N PHE B 1117 47.59 -54.53 20.63
CA PHE B 1117 46.68 -55.65 20.50
C PHE B 1117 47.29 -56.69 19.58
N GLN B 1118 47.15 -57.96 19.93
CA GLN B 1118 47.58 -59.06 19.07
C GLN B 1118 46.47 -60.10 18.98
N ASP B 1119 46.41 -60.77 17.82
CA ASP B 1119 45.41 -61.80 17.60
C ASP B 1119 45.85 -63.10 18.25
N PRO B 1120 45.03 -63.69 19.13
CA PRO B 1120 45.33 -65.05 19.62
C PRO B 1120 45.21 -66.10 18.53
N CYS B 1121 44.49 -65.84 17.45
CA CYS B 1121 44.31 -66.80 16.37
C CYS B 1121 44.05 -66.05 15.07
N PRO B 1122 44.83 -66.31 14.02
CA PRO B 1122 44.63 -65.60 12.76
C PRO B 1122 43.36 -66.05 12.06
N VAL B 1123 42.88 -65.19 11.16
CA VAL B 1123 41.70 -65.52 10.36
C VAL B 1123 42.02 -66.68 9.42
N LEU B 1124 41.00 -67.48 9.12
CA LEU B 1124 41.18 -68.58 8.19
C LEU B 1124 41.56 -68.08 6.79
N ASP B 1125 40.90 -67.03 6.34
CA ASP B 1125 41.16 -66.44 5.03
C ASP B 1125 41.68 -65.02 5.21
N ARG B 1126 42.79 -64.70 4.55
CA ARG B 1126 43.35 -63.37 4.59
C ARG B 1126 42.74 -62.42 3.57
N SER B 1127 41.80 -62.90 2.74
CA SER B 1127 41.20 -62.05 1.72
C SER B 1127 40.43 -60.90 2.34
N MET B 1128 39.70 -61.15 3.41
CA MET B 1128 38.93 -60.09 4.05
C MET B 1128 39.75 -59.26 5.04
N GLN B 1129 41.06 -59.49 5.10
CA GLN B 1129 41.95 -58.59 5.81
C GLN B 1129 42.51 -57.48 4.90
N GLY B 1130 42.77 -57.80 3.64
CA GLY B 1130 43.14 -56.81 2.65
C GLY B 1130 44.37 -56.01 2.98
N GLY B 1131 44.18 -54.76 3.43
CA GLY B 1131 45.30 -53.91 3.75
C GLY B 1131 46.02 -54.24 5.04
N LEU B 1132 45.46 -55.16 5.84
CA LEU B 1132 46.11 -55.52 7.10
C LEU B 1132 47.42 -56.25 6.85
N VAL B 1133 47.44 -57.21 5.92
CA VAL B 1133 48.63 -57.98 5.66
C VAL B 1133 49.69 -57.09 5.00
N GLY B 1134 50.93 -57.24 5.43
CA GLY B 1134 52.01 -56.43 4.91
C GLY B 1134 53.23 -56.53 5.80
N ASN B 1135 54.07 -55.50 5.74
CA ASN B 1135 55.26 -55.46 6.58
C ASN B 1135 54.88 -55.37 8.05
N ASP B 1136 53.88 -54.55 8.38
CA ASP B 1136 53.42 -54.39 9.76
C ASP B 1136 51.94 -54.69 9.85
N GLU B 1137 51.55 -55.34 10.95
CA GLU B 1137 50.14 -55.64 11.18
C GLU B 1137 49.68 -55.13 12.54
N THR B 1138 50.58 -55.17 13.53
CA THR B 1138 50.20 -54.79 14.88
C THR B 1138 49.77 -53.32 14.95
N VAL B 1139 50.47 -52.44 14.22
CA VAL B 1139 50.05 -51.05 14.16
C VAL B 1139 48.68 -50.95 13.48
N ALA B 1140 48.53 -51.65 12.36
CA ALA B 1140 47.26 -51.64 11.64
C ALA B 1140 46.14 -52.25 12.48
N LEU B 1141 46.44 -53.37 13.13
CA LEU B 1141 45.43 -54.03 13.95
C LEU B 1141 45.00 -53.14 15.10
N THR B 1142 45.96 -52.48 15.75
CA THR B 1142 45.63 -51.58 16.84
C THR B 1142 44.81 -50.39 16.36
N ALA B 1143 45.15 -49.83 15.20
CA ALA B 1143 44.35 -48.74 14.66
C ALA B 1143 42.91 -49.18 14.41
N PHE B 1144 42.74 -50.37 13.83
CA PHE B 1144 41.39 -50.88 13.57
C PHE B 1144 40.63 -51.12 14.87
N VAL B 1145 41.32 -51.65 15.89
CA VAL B 1145 40.68 -51.87 17.18
C VAL B 1145 40.25 -50.54 17.80
N THR B 1146 41.11 -49.53 17.72
CA THR B 1146 40.76 -48.22 18.26
C THR B 1146 39.54 -47.64 17.55
N ILE B 1147 39.47 -47.80 16.23
CA ILE B 1147 38.27 -47.39 15.51
C ILE B 1147 37.06 -48.16 16.03
N ALA B 1148 37.22 -49.46 16.28
CA ALA B 1148 36.10 -50.29 16.70
C ALA B 1148 35.57 -49.85 18.06
N LEU B 1149 36.45 -49.62 19.02
CA LEU B 1149 36.00 -49.27 20.37
C LEU B 1149 35.25 -47.94 20.39
N HIS B 1150 35.77 -46.93 19.70
CA HIS B 1150 35.11 -45.63 19.71
C HIS B 1150 33.70 -45.71 19.16
N HIS B 1151 33.46 -46.60 18.19
CA HIS B 1151 32.10 -46.87 17.75
C HIS B 1151 31.28 -47.56 18.83
N GLY B 1152 31.94 -48.21 19.80
CA GLY B 1152 31.25 -48.85 20.90
C GLY B 1152 30.97 -47.96 22.09
N LEU B 1153 31.53 -46.75 22.13
CA LEU B 1153 31.18 -45.82 23.20
C LEU B 1153 29.74 -45.36 23.08
N ALA B 1154 29.25 -45.16 21.84
CA ALA B 1154 27.91 -44.64 21.65
C ALA B 1154 26.85 -45.60 22.19
N VAL B 1155 27.02 -46.90 21.96
CA VAL B 1155 26.02 -47.88 22.37
C VAL B 1155 25.97 -48.07 23.88
N PHE B 1156 26.97 -47.59 24.61
CA PHE B 1156 26.97 -47.71 26.06
C PHE B 1156 25.86 -46.85 26.65
N GLN B 1157 25.15 -47.40 27.65
CA GLN B 1157 24.08 -46.67 28.29
C GLN B 1157 24.64 -45.49 29.07
N ASP B 1158 23.90 -44.37 29.03
CA ASP B 1158 24.34 -43.18 29.77
C ASP B 1158 24.25 -43.39 31.28
N GLU B 1159 23.36 -44.28 31.72
CA GLU B 1159 23.21 -44.61 33.13
C GLU B 1159 23.79 -45.99 33.38
N GLY B 1160 24.64 -46.11 34.39
CA GLY B 1160 25.32 -47.36 34.69
C GLY B 1160 26.57 -47.55 33.85
N ALA B 1161 27.32 -48.59 34.21
CA ALA B 1161 28.55 -48.97 33.50
C ALA B 1161 29.57 -47.86 33.48
N GLU B 1162 29.54 -46.98 34.49
CA GLU B 1162 30.55 -45.93 34.59
C GLU B 1162 31.97 -46.48 34.73
N PRO B 1163 32.24 -47.49 35.58
CA PRO B 1163 33.59 -48.07 35.57
C PRO B 1163 34.00 -48.60 34.22
N LEU B 1164 33.06 -49.21 33.48
CA LEU B 1164 33.39 -49.72 32.15
C LEU B 1164 33.74 -48.57 31.21
N LYS B 1165 32.98 -47.48 31.26
CA LYS B 1165 33.29 -46.33 30.41
C LYS B 1165 34.66 -45.75 30.75
N GLN B 1166 34.96 -45.63 32.04
CA GLN B 1166 36.25 -45.08 32.44
C GLN B 1166 37.39 -45.99 31.99
N ARG B 1167 37.23 -47.30 32.14
CA ARG B 1167 38.30 -48.21 31.76
C ARG B 1167 38.49 -48.27 30.25
N VAL B 1168 37.42 -48.19 29.47
CA VAL B 1168 37.59 -48.17 28.02
C VAL B 1168 38.22 -46.84 27.58
N GLU B 1169 37.88 -45.74 28.26
CA GLU B 1169 38.56 -44.48 27.95
C GLU B 1169 40.06 -44.57 28.27
N ALA B 1170 40.41 -45.19 29.39
CA ALA B 1170 41.83 -45.38 29.70
C ALA B 1170 42.50 -46.25 28.66
N SER B 1171 41.82 -47.31 28.23
CA SER B 1171 42.38 -48.21 27.21
C SER B 1171 42.64 -47.47 25.90
N ILE B 1172 41.66 -46.67 25.46
CA ILE B 1172 41.84 -45.95 24.20
C ILE B 1172 42.91 -44.87 24.36
N SER B 1173 43.05 -44.30 25.56
CA SER B 1173 44.12 -43.33 25.78
C SER B 1173 45.49 -44.00 25.64
N LYS B 1174 45.66 -45.17 26.26
CA LYS B 1174 46.92 -45.90 26.13
C LYS B 1174 47.18 -46.30 24.68
N ALA B 1175 46.15 -46.78 23.99
CA ALA B 1175 46.30 -47.17 22.60
C ALA B 1175 46.67 -45.97 21.74
N ASN B 1176 46.04 -44.82 21.98
CA ASN B 1176 46.38 -43.61 21.23
C ASN B 1176 47.81 -43.20 21.50
N SER B 1177 48.27 -43.33 22.75
CA SER B 1177 49.66 -43.04 23.05
C SER B 1177 50.60 -43.94 22.25
N PHE B 1178 50.30 -45.23 22.21
CA PHE B 1178 51.16 -46.16 21.48
C PHE B 1178 51.16 -45.85 19.98
N LEU B 1179 49.98 -45.63 19.41
CA LEU B 1179 49.89 -45.34 17.98
C LEU B 1179 50.57 -44.01 17.65
N GLY B 1180 50.46 -43.02 18.53
CA GLY B 1180 51.17 -41.78 18.30
C GLY B 1180 52.67 -41.94 18.35
N GLU B 1181 53.17 -42.76 19.28
CA GLU B 1181 54.60 -43.07 19.31
C GLU B 1181 55.03 -43.73 18.01
N LYS B 1182 54.25 -44.70 17.53
CA LYS B 1182 54.60 -45.39 16.28
C LYS B 1182 54.56 -44.42 15.10
N ALA B 1183 53.58 -43.52 15.06
CA ALA B 1183 53.51 -42.54 13.99
C ALA B 1183 54.71 -41.60 14.03
N SER B 1184 55.11 -41.17 15.22
CA SER B 1184 56.31 -40.35 15.35
C SER B 1184 57.54 -41.12 14.90
N ALA B 1185 57.56 -42.44 15.09
CA ALA B 1185 58.64 -43.25 14.55
C ALA B 1185 58.67 -43.21 13.02
N GLY B 1186 57.51 -43.01 12.40
CA GLY B 1186 57.46 -42.94 10.95
C GLY B 1186 57.75 -44.27 10.29
N LEU B 1187 58.27 -44.21 9.06
CA LEU B 1187 58.67 -45.36 8.26
C LEU B 1187 57.58 -46.45 8.21
N LEU B 1188 56.32 -46.03 8.28
CA LEU B 1188 55.19 -46.94 8.23
C LEU B 1188 54.55 -46.92 6.84
N GLY B 1189 53.74 -47.94 6.58
CA GLY B 1189 53.10 -48.06 5.28
C GLY B 1189 52.01 -47.03 5.08
N ALA B 1190 51.65 -46.83 3.81
CA ALA B 1190 50.61 -45.86 3.48
C ALA B 1190 49.28 -46.24 4.09
N HIS B 1191 48.91 -47.53 4.01
CA HIS B 1191 47.71 -48.01 4.68
C HIS B 1191 47.81 -47.77 6.18
N ALA B 1192 48.94 -48.15 6.78
CA ALA B 1192 49.13 -47.96 8.21
C ALA B 1192 49.08 -46.48 8.57
N ALA B 1193 49.77 -45.64 7.80
CA ALA B 1193 49.78 -44.21 8.10
C ALA B 1193 48.38 -43.63 8.05
N ALA B 1194 47.63 -43.96 7.00
CA ALA B 1194 46.28 -43.41 6.86
C ALA B 1194 45.37 -43.88 7.98
N ILE B 1195 45.42 -45.17 8.33
CA ILE B 1195 44.51 -45.67 9.34
C ILE B 1195 44.88 -45.14 10.72
N THR B 1196 46.17 -45.00 11.01
CA THR B 1196 46.58 -44.38 12.26
C THR B 1196 46.14 -42.93 12.33
N ALA B 1197 46.28 -42.20 11.21
CA ALA B 1197 45.83 -40.82 11.19
C ALA B 1197 44.35 -40.73 11.50
N TYR B 1198 43.54 -41.58 10.87
CA TYR B 1198 42.11 -41.59 11.14
C TYR B 1198 41.82 -41.96 12.59
N ALA B 1199 42.54 -42.95 13.13
CA ALA B 1199 42.29 -43.39 14.49
C ALA B 1199 42.58 -42.28 15.49
N LEU B 1200 43.72 -41.59 15.35
CA LEU B 1200 44.02 -40.48 16.25
C LEU B 1200 43.05 -39.33 16.04
N SER B 1201 42.63 -39.07 14.80
CA SER B 1201 41.71 -37.98 14.55
C SER B 1201 40.36 -38.23 15.21
N LEU B 1202 39.85 -39.45 15.12
CA LEU B 1202 38.54 -39.76 15.69
C LEU B 1202 38.57 -39.91 17.20
N THR B 1203 39.73 -40.17 17.78
CA THR B 1203 39.86 -40.37 19.22
C THR B 1203 40.22 -39.10 19.97
N LYS B 1204 40.29 -37.95 19.29
CA LYS B 1204 40.67 -36.68 19.90
C LYS B 1204 42.05 -36.79 20.56
N ALA B 1205 43.04 -37.11 19.72
CA ALA B 1205 44.40 -37.28 20.18
C ALA B 1205 45.02 -35.94 20.55
N PRO B 1206 46.13 -35.94 21.28
CA PRO B 1206 46.82 -34.68 21.58
C PRO B 1206 47.23 -33.96 20.30
N VAL B 1207 47.19 -32.63 20.36
CA VAL B 1207 47.29 -31.80 19.16
C VAL B 1207 48.63 -32.03 18.45
N ASP B 1208 49.71 -32.23 19.21
CA ASP B 1208 51.01 -32.45 18.59
C ASP B 1208 51.05 -33.75 17.80
N LEU B 1209 50.48 -34.83 18.36
CA LEU B 1209 50.48 -36.10 17.66
C LEU B 1209 49.59 -36.03 16.41
N LEU B 1210 48.44 -35.37 16.53
CA LEU B 1210 47.61 -35.16 15.36
C LEU B 1210 48.35 -34.39 14.28
N GLY B 1211 49.08 -33.34 14.68
CA GLY B 1211 49.82 -32.55 13.71
C GLY B 1211 50.91 -33.35 13.01
N VAL B 1212 51.66 -34.15 13.76
CA VAL B 1212 52.74 -34.91 13.15
C VAL B 1212 52.18 -35.99 12.24
N ALA B 1213 51.11 -36.66 12.66
CA ALA B 1213 50.49 -37.67 11.80
C ALA B 1213 49.94 -37.05 10.53
N HIS B 1214 49.29 -35.89 10.64
CA HIS B 1214 48.75 -35.20 9.47
C HIS B 1214 49.87 -34.78 8.53
N ASN B 1215 50.97 -34.28 9.09
CA ASN B 1215 52.11 -33.88 8.25
C ASN B 1215 52.69 -35.08 7.51
N ASN B 1216 52.86 -36.21 8.20
CA ASN B 1216 53.37 -37.40 7.54
C ASN B 1216 52.43 -37.88 6.44
N LEU B 1217 51.12 -37.85 6.70
CA LEU B 1217 50.17 -38.29 5.69
C LEU B 1217 50.19 -37.37 4.47
N MET B 1218 50.29 -36.05 4.70
CA MET B 1218 50.40 -35.13 3.57
C MET B 1218 51.69 -35.34 2.79
N ALA B 1219 52.79 -35.64 3.49
CA ALA B 1219 54.03 -35.94 2.80
C ALA B 1219 53.90 -37.19 1.94
N MET B 1220 53.20 -38.20 2.44
CA MET B 1220 53.02 -39.44 1.69
C MET B 1220 52.09 -39.23 0.49
N ALA B 1221 51.24 -38.22 0.54
CA ALA B 1221 50.24 -38.01 -0.51
C ALA B 1221 50.90 -37.88 -1.87
N GLN B 1222 50.34 -38.57 -2.86
CA GLN B 1222 50.89 -38.66 -4.20
C GLN B 1222 49.96 -38.01 -5.21
N GLU B 1223 50.52 -37.19 -6.08
CA GLU B 1223 49.75 -36.55 -7.16
C GLU B 1223 50.17 -37.08 -8.52
N ASN B 1227 42.99 -35.29 -10.56
CA ASN B 1227 42.54 -35.83 -9.28
C ASN B 1227 43.31 -37.11 -8.92
N LEU B 1228 44.54 -37.20 -9.43
CA LEU B 1228 45.32 -38.42 -9.26
C LEU B 1228 45.88 -38.52 -7.84
N TYR B 1229 45.57 -39.64 -7.17
CA TYR B 1229 46.03 -39.87 -5.80
C TYR B 1229 46.18 -41.35 -5.54
N TRP B 1230 47.28 -41.71 -4.87
CA TRP B 1230 47.60 -43.08 -4.49
C TRP B 1230 47.46 -44.06 -5.66
N GLN B 1256 43.47 -50.48 -13.22
CA GLN B 1256 42.53 -50.53 -12.11
C GLN B 1256 43.27 -50.64 -10.79
N ALA B 1257 42.86 -49.83 -9.81
CA ALA B 1257 43.52 -49.83 -8.52
C ALA B 1257 43.22 -51.11 -7.75
N PRO B 1258 44.17 -51.59 -6.96
CA PRO B 1258 43.93 -52.76 -6.10
C PRO B 1258 43.10 -52.37 -4.89
N ALA B 1259 42.84 -53.36 -4.04
CA ALA B 1259 42.09 -53.09 -2.81
C ALA B 1259 42.87 -52.15 -1.88
N LEU B 1260 44.17 -52.35 -1.77
CA LEU B 1260 44.98 -51.58 -0.82
C LEU B 1260 44.91 -50.08 -1.10
N TRP B 1261 44.96 -49.71 -2.38
CA TRP B 1261 44.98 -48.30 -2.73
C TRP B 1261 43.67 -47.61 -2.36
N ILE B 1262 42.54 -48.26 -2.60
CA ILE B 1262 41.26 -47.67 -2.21
C ILE B 1262 41.13 -47.67 -0.69
N GLU B 1263 41.70 -48.67 -0.01
CA GLU B 1263 41.75 -48.62 1.45
C GLU B 1263 42.42 -47.33 1.92
N THR B 1264 43.61 -47.07 1.37
CA THR B 1264 44.39 -45.90 1.77
C THR B 1264 43.63 -44.61 1.46
N THR B 1265 43.06 -44.52 0.26
CA THR B 1265 42.35 -43.30 -0.13
C THR B 1265 41.14 -43.05 0.78
N ALA B 1266 40.39 -44.10 1.08
CA ALA B 1266 39.22 -43.94 1.94
C ALA B 1266 39.63 -43.47 3.34
N TYR B 1267 40.66 -44.10 3.92
CA TYR B 1267 41.08 -43.71 5.25
C TYR B 1267 41.61 -42.27 5.26
N ALA B 1268 42.35 -41.89 4.23
CA ALA B 1268 42.85 -40.52 4.14
C ALA B 1268 41.70 -39.53 4.03
N LEU B 1269 40.67 -39.87 3.24
CA LEU B 1269 39.53 -38.98 3.12
C LEU B 1269 38.81 -38.82 4.45
N LEU B 1270 38.64 -39.91 5.20
CA LEU B 1270 38.06 -39.78 6.54
C LEU B 1270 38.90 -38.87 7.42
N HIS B 1271 40.23 -39.03 7.40
CA HIS B 1271 41.06 -38.18 8.25
C HIS B 1271 40.90 -36.71 7.87
N LEU B 1272 41.03 -36.40 6.58
CA LEU B 1272 40.96 -35.01 6.15
C LEU B 1272 39.58 -34.41 6.44
N LEU B 1273 38.53 -35.22 6.36
CA LEU B 1273 37.21 -34.74 6.76
C LEU B 1273 37.18 -34.43 8.25
N LEU B 1274 37.73 -35.32 9.07
CA LEU B 1274 37.78 -35.10 10.50
C LEU B 1274 38.85 -34.09 10.90
N HIS B 1275 39.71 -33.67 9.97
CA HIS B 1275 40.72 -32.67 10.26
C HIS B 1275 40.18 -31.27 9.97
N LYS B 1278 37.77 -30.16 4.60
CA LYS B 1278 37.51 -29.85 3.20
C LYS B 1278 38.00 -28.46 2.84
N ALA B 1279 39.20 -28.37 2.25
CA ALA B 1279 39.68 -27.12 1.67
C ALA B 1279 40.47 -27.49 0.42
N GLU B 1280 39.79 -27.52 -0.73
CA GLU B 1280 40.35 -27.77 -2.04
C GLU B 1280 40.94 -29.19 -2.15
N MET B 1281 40.95 -29.95 -1.06
CA MET B 1281 41.64 -31.23 -0.97
C MET B 1281 40.68 -32.42 -0.94
N ALA B 1282 39.67 -32.36 -0.06
CA ALA B 1282 38.77 -33.49 0.09
C ALA B 1282 38.00 -33.79 -1.19
N ASP B 1283 37.52 -32.75 -1.86
CA ASP B 1283 36.77 -32.96 -3.11
C ASP B 1283 37.65 -33.60 -4.18
N GLN B 1284 38.90 -33.17 -4.27
CA GLN B 1284 39.76 -33.59 -5.38
C GLN B 1284 40.10 -35.07 -5.28
N ALA B 1285 40.29 -35.59 -4.06
CA ALA B 1285 40.51 -37.02 -3.89
C ALA B 1285 39.22 -37.82 -3.81
N SER B 1286 38.14 -37.19 -3.35
CA SER B 1286 36.84 -37.85 -3.36
C SER B 1286 36.40 -38.13 -4.79
N ALA B 1287 36.74 -37.23 -5.72
CA ALA B 1287 36.45 -37.49 -7.13
C ALA B 1287 37.19 -38.73 -7.62
N TRP B 1288 38.45 -38.90 -7.19
CA TRP B 1288 39.19 -40.10 -7.56
C TRP B 1288 38.53 -41.34 -6.98
N LEU B 1289 38.12 -41.28 -5.72
CA LEU B 1289 37.46 -42.44 -5.11
C LEU B 1289 36.16 -42.75 -5.84
N THR B 1290 35.41 -41.72 -6.21
CA THR B 1290 34.15 -41.92 -6.92
C THR B 1290 34.38 -42.53 -8.30
N ARG B 1291 35.41 -42.05 -9.03
CA ARG B 1291 35.68 -42.62 -10.34
C ARG B 1291 36.16 -44.06 -10.23
N GLN B 1292 36.91 -44.38 -9.18
CA GLN B 1292 37.33 -45.77 -8.99
C GLN B 1292 36.15 -46.66 -8.66
N GLY B 1293 35.23 -46.17 -7.81
CA GLY B 1293 34.05 -46.96 -7.48
C GLY B 1293 33.05 -47.06 -8.60
N SER B 1294 33.05 -46.10 -9.53
CA SER B 1294 32.15 -46.15 -10.68
C SER B 1294 32.48 -47.30 -11.62
N PHE B 1295 33.67 -47.88 -11.49
CA PHE B 1295 34.00 -49.06 -12.28
C PHE B 1295 33.06 -50.20 -11.93
N GLN B 1296 32.66 -50.96 -12.94
CA GLN B 1296 31.67 -52.01 -12.75
C GLN B 1296 32.18 -53.04 -11.76
N GLY B 1297 31.29 -53.47 -10.86
CA GLY B 1297 31.69 -54.39 -9.80
C GLY B 1297 32.74 -53.79 -8.89
N GLY B 1298 32.63 -52.52 -8.56
CA GLY B 1298 33.63 -51.87 -7.74
C GLY B 1298 33.64 -52.38 -6.32
N PHE B 1299 34.73 -52.07 -5.62
CA PHE B 1299 34.93 -52.49 -4.22
C PHE B 1299 34.88 -54.02 -4.12
N ARG B 1300 35.87 -54.65 -4.75
CA ARG B 1300 35.88 -56.10 -4.89
C ARG B 1300 35.97 -56.80 -3.53
N SER B 1301 36.78 -56.27 -2.63
CA SER B 1301 36.96 -56.89 -1.31
C SER B 1301 35.77 -56.55 -0.42
N THR B 1302 35.89 -56.83 0.88
CA THR B 1302 34.79 -56.63 1.82
C THR B 1302 34.95 -55.33 2.62
N GLN B 1303 36.05 -55.19 3.36
CA GLN B 1303 36.20 -54.03 4.24
C GLN B 1303 36.39 -52.75 3.44
N ASP B 1304 37.05 -52.83 2.28
CA ASP B 1304 37.17 -51.65 1.43
C ASP B 1304 35.79 -51.15 1.05
N THR B 1305 34.86 -52.05 0.76
CA THR B 1305 33.50 -51.66 0.45
C THR B 1305 32.90 -50.83 1.57
N VAL B 1306 33.00 -51.33 2.81
CA VAL B 1306 32.31 -50.66 3.91
C VAL B 1306 32.95 -49.32 4.22
N ILE B 1307 34.28 -49.26 4.25
CA ILE B 1307 34.90 -47.99 4.60
C ILE B 1307 34.74 -46.98 3.47
N ALA B 1308 34.75 -47.44 2.21
CA ALA B 1308 34.56 -46.52 1.10
C ALA B 1308 33.14 -45.98 1.06
N LEU B 1309 32.15 -46.81 1.37
CA LEU B 1309 30.79 -46.31 1.45
C LEU B 1309 30.64 -45.30 2.57
N ASP B 1310 31.25 -45.58 3.73
CA ASP B 1310 31.26 -44.57 4.80
C ASP B 1310 31.96 -43.30 4.36
N ALA B 1311 33.03 -43.43 3.58
CA ALA B 1311 33.78 -42.27 3.10
C ALA B 1311 32.93 -41.41 2.18
N LEU B 1312 32.25 -42.04 1.22
CA LEU B 1312 31.38 -41.27 0.32
C LEU B 1312 30.25 -40.62 1.10
N SER B 1313 29.67 -41.33 2.07
CA SER B 1313 28.59 -40.75 2.87
C SER B 1313 29.07 -39.50 3.62
N ALA B 1314 30.19 -39.62 4.31
CA ALA B 1314 30.71 -38.49 5.08
C ALA B 1314 31.12 -37.34 4.17
N TYR B 1315 31.80 -37.64 3.07
CA TYR B 1315 32.17 -36.59 2.13
C TYR B 1315 30.95 -35.90 1.56
N TRP B 1316 29.90 -36.66 1.27
CA TRP B 1316 28.73 -36.06 0.63
C TRP B 1316 27.96 -35.19 1.61
N ILE B 1317 27.87 -35.59 2.87
CA ILE B 1317 27.22 -34.72 3.85
C ILE B 1317 28.06 -33.46 4.07
N ALA B 1318 29.40 -33.61 4.06
CA ALA B 1318 30.25 -32.45 4.21
C ALA B 1318 30.10 -31.48 3.06
N SER B 1319 29.95 -32.00 1.84
CA SER B 1319 29.80 -31.14 0.67
C SER B 1319 28.48 -30.38 0.71
N HIS B 1320 27.40 -31.06 1.03
CA HIS B 1320 26.06 -30.47 1.01
C HIS B 1320 25.61 -30.21 2.45
N THR B 1321 25.90 -29.01 2.93
CA THR B 1321 25.45 -28.57 4.24
C THR B 1321 25.32 -27.05 4.21
N THR B 1322 24.26 -26.54 4.82
CA THR B 1322 23.92 -25.12 4.76
C THR B 1322 23.82 -24.55 6.16
N GLU B 1323 24.29 -23.31 6.31
CA GLU B 1323 24.29 -22.60 7.57
C GLU B 1323 23.23 -21.50 7.56
N GLU B 1324 23.16 -20.76 8.66
CA GLU B 1324 22.15 -19.70 8.77
C GLU B 1324 22.48 -18.50 7.89
N ARG B 1325 23.77 -18.23 7.67
CA ARG B 1325 24.22 -17.13 6.81
C ARG B 1325 23.67 -15.79 7.29
N GLY B 1326 23.56 -15.62 8.60
CA GLY B 1326 23.03 -14.38 9.16
C GLY B 1326 24.05 -13.26 9.09
N LEU B 1327 23.55 -12.04 8.83
CA LEU B 1327 24.39 -10.86 8.74
C LEU B 1327 23.72 -9.74 9.55
N ASN B 1328 23.36 -10.06 10.78
CA ASN B 1328 22.82 -9.06 11.70
C ASN B 1328 23.81 -7.92 11.93
N VAL B 1329 23.28 -6.69 11.86
CA VAL B 1329 24.05 -5.48 12.14
C VAL B 1329 23.21 -4.61 13.07
N THR B 1330 23.90 -3.74 13.80
CA THR B 1330 23.26 -2.78 14.70
C THR B 1330 23.75 -1.38 14.39
N LEU B 1331 22.82 -0.42 14.38
CA LEU B 1331 23.13 0.97 14.14
C LEU B 1331 22.78 1.79 15.37
N SER B 1332 23.74 2.58 15.84
CA SER B 1332 23.54 3.37 17.05
C SER B 1332 24.27 4.70 16.90
N SER B 1333 23.67 5.75 17.46
CA SER B 1333 24.25 7.09 17.39
C SER B 1333 23.72 7.91 18.54
N THR B 1334 24.44 8.98 18.87
CA THR B 1334 24.07 9.90 19.94
C THR B 1334 23.55 11.18 19.31
N GLY B 1335 22.26 11.20 19.00
CA GLY B 1335 21.62 12.43 18.56
C GLY B 1335 21.37 13.37 19.72
N ARG B 1336 21.13 14.65 19.38
CA ARG B 1336 20.82 15.63 20.41
C ARG B 1336 19.54 15.27 21.15
N ASN B 1337 18.67 14.48 20.53
CA ASN B 1337 17.40 14.05 21.09
C ASN B 1337 17.52 12.80 21.95
N GLY B 1338 18.67 12.14 21.96
CA GLY B 1338 18.89 10.96 22.76
C GLY B 1338 19.70 9.94 22.02
N PHE B 1339 19.64 8.70 22.49
CA PHE B 1339 20.38 7.57 21.93
C PHE B 1339 19.41 6.54 21.41
N LYS B 1340 19.69 5.99 20.23
CA LYS B 1340 18.80 5.02 19.59
C LYS B 1340 19.62 3.86 19.05
N SER B 1341 18.95 2.73 18.86
CA SER B 1341 19.58 1.52 18.33
C SER B 1341 18.58 0.76 17.47
N HIS B 1342 19.12 -0.06 16.57
CA HIS B 1342 18.30 -0.84 15.65
C HIS B 1342 18.98 -2.17 15.38
N ALA B 1343 18.18 -3.14 14.94
CA ALA B 1343 18.68 -4.47 14.58
C ALA B 1343 18.03 -4.92 13.28
N LEU B 1344 18.83 -5.55 12.41
CA LEU B 1344 18.38 -5.97 11.09
C LEU B 1344 18.78 -7.42 10.85
N GLN B 1345 17.83 -8.33 11.04
CA GLN B 1345 18.08 -9.74 10.74
C GLN B 1345 18.22 -9.96 9.24
N LEU B 1346 19.17 -10.80 8.85
CA LEU B 1346 19.35 -11.17 7.45
C LEU B 1346 19.63 -12.67 7.33
N ASN B 1347 18.89 -13.48 8.09
CA ASN B 1347 19.09 -14.92 8.02
C ASN B 1347 18.69 -15.48 6.67
N ASN B 1348 17.50 -15.12 6.19
CA ASN B 1348 17.01 -15.57 4.89
C ASN B 1348 16.14 -14.51 4.23
N LEU B 1354 17.22 -12.57 2.03
CA LEU B 1354 16.56 -11.37 1.53
C LEU B 1354 17.30 -10.12 1.98
N GLU B 1355 16.68 -8.96 1.78
CA GLU B 1355 17.29 -7.68 2.10
C GLU B 1355 16.27 -6.82 2.84
N GLU B 1356 16.76 -5.99 3.78
CA GLU B 1356 15.87 -5.22 4.63
C GLU B 1356 16.33 -3.77 4.73
N GLU B 1357 15.37 -2.86 4.78
CA GLU B 1357 15.62 -1.42 4.95
C GLU B 1357 14.61 -0.88 5.95
N LEU B 1358 15.10 -0.31 7.04
CA LEU B 1358 14.26 0.22 8.10
C LEU B 1358 14.61 1.68 8.35
N GLN B 1359 13.58 2.48 8.62
CA GLN B 1359 13.78 3.89 8.89
C GLN B 1359 14.39 4.12 10.28
N PHE B 1360 15.11 5.22 10.40
CA PHE B 1360 15.68 5.63 11.69
C PHE B 1360 15.85 7.13 11.69
N SER B 1361 15.96 7.70 12.89
CA SER B 1361 16.13 9.14 13.07
C SER B 1361 17.42 9.37 13.85
N LEU B 1362 18.52 9.52 13.12
CA LEU B 1362 19.85 9.75 13.72
C LEU B 1362 20.55 10.83 12.91
N GLY B 1363 20.69 12.01 13.48
CA GLY B 1363 21.29 13.15 12.81
C GLY B 1363 22.78 13.33 13.04
N SER B 1364 23.45 12.38 13.69
CA SER B 1364 24.87 12.51 13.98
C SER B 1364 25.66 11.31 13.49
N LYS B 1365 26.93 11.23 13.86
CA LYS B 1365 27.77 10.10 13.47
C LYS B 1365 27.22 8.81 14.08
N ILE B 1366 27.22 7.75 13.27
CA ILE B 1366 26.57 6.50 13.64
C ILE B 1366 27.62 5.39 13.75
N ASN B 1367 27.27 4.35 14.50
CA ASN B 1367 28.15 3.23 14.78
C ASN B 1367 27.59 1.96 14.16
N VAL B 1368 28.50 1.05 13.81
CA VAL B 1368 28.15 -0.24 13.21
C VAL B 1368 28.85 -1.34 13.98
N LYS B 1369 28.11 -2.41 14.30
CA LYS B 1369 28.59 -3.54 15.08
C LYS B 1369 28.24 -4.84 14.38
N VAL B 1370 28.57 -4.92 13.09
CA VAL B 1370 28.22 -6.08 12.27
C VAL B 1370 28.70 -7.37 12.92
N GLY B 1371 27.86 -8.40 12.84
CA GLY B 1371 28.22 -9.73 13.31
C GLY B 1371 27.57 -10.81 12.48
N GLY B 1372 28.37 -11.75 11.98
CA GLY B 1372 27.83 -12.82 11.17
C GLY B 1372 28.84 -13.43 10.21
N ASN B 1373 28.68 -14.73 9.94
CA ASN B 1373 29.63 -15.42 9.07
C ASN B 1373 29.50 -14.99 7.61
N SER B 1374 28.30 -14.59 7.19
CA SER B 1374 28.11 -14.20 5.80
C SER B 1374 28.71 -12.83 5.54
N LYS B 1375 28.76 -12.46 4.25
CA LYS B 1375 29.30 -11.19 3.81
C LYS B 1375 28.30 -10.52 2.88
N GLY B 1376 28.18 -9.20 2.98
CA GLY B 1376 27.20 -8.47 2.22
C GLY B 1376 27.56 -7.00 2.10
N THR B 1377 26.67 -6.25 1.49
CA THR B 1377 26.87 -4.84 1.20
C THR B 1377 25.85 -4.00 1.97
N LEU B 1378 26.33 -2.99 2.69
CA LEU B 1378 25.48 -2.06 3.43
C LEU B 1378 25.71 -0.66 2.90
N LYS B 1379 24.62 0.01 2.53
CA LYS B 1379 24.67 1.37 2.03
C LYS B 1379 23.60 2.21 2.73
N VAL B 1380 23.91 3.49 2.93
CA VAL B 1380 23.04 4.39 3.68
C VAL B 1380 22.69 5.58 2.80
N LEU B 1381 21.42 5.98 2.84
CA LEU B 1381 20.90 7.09 2.05
C LEU B 1381 20.49 8.22 2.97
N ARG B 1382 20.95 9.43 2.67
CA ARG B 1382 20.57 10.64 3.39
C ARG B 1382 19.96 11.63 2.42
N THR B 1383 18.76 12.12 2.74
CA THR B 1383 18.01 13.03 1.89
C THR B 1383 17.84 14.36 2.60
N TYR B 1384 18.11 15.45 1.88
CA TYR B 1384 17.99 16.79 2.45
C TYR B 1384 17.89 17.79 1.31
N ASN B 1385 17.52 19.02 1.65
CA ASN B 1385 17.42 20.10 0.69
C ASN B 1385 18.73 20.88 0.63
N VAL B 1386 19.00 21.46 -0.55
CA VAL B 1386 20.20 22.24 -0.79
C VAL B 1386 19.80 23.58 -1.40
N LEU B 1387 20.79 24.46 -1.54
CA LEU B 1387 20.57 25.74 -2.19
C LEU B 1387 20.33 25.54 -3.67
N ASP B 1388 19.17 25.97 -4.15
CA ASP B 1388 18.81 25.74 -5.55
C ASP B 1388 19.66 26.61 -6.48
N MET B 1389 19.87 26.11 -7.68
CA MET B 1389 20.57 26.84 -8.72
C MET B 1389 19.84 26.81 -10.06
N LYS B 1390 18.69 26.14 -10.15
CA LYS B 1390 18.01 25.96 -11.42
C LYS B 1390 17.63 27.29 -12.05
N ASN B 1391 17.87 27.38 -13.35
CA ASN B 1391 17.53 28.59 -14.11
C ASN B 1391 16.02 28.73 -14.26
N THR B 1392 15.55 29.98 -14.21
CA THR B 1392 14.14 30.29 -14.39
C THR B 1392 13.78 30.64 -15.82
N THR B 1393 14.76 30.68 -16.73
CA THR B 1393 14.57 31.03 -18.12
C THR B 1393 14.67 29.80 -19.01
N CYS B 1394 13.82 29.74 -20.04
CA CYS B 1394 13.87 28.62 -20.97
C CYS B 1394 15.22 28.53 -21.65
N GLN B 1395 15.65 27.30 -21.92
CA GLN B 1395 16.98 27.02 -22.45
C GLN B 1395 16.98 26.53 -23.88
N ASP B 1396 16.04 25.66 -24.25
CA ASP B 1396 16.03 25.07 -25.58
C ASP B 1396 15.17 25.86 -26.57
N LEU B 1397 13.88 26.05 -26.25
CA LEU B 1397 12.99 26.87 -27.05
C LEU B 1397 12.51 28.05 -26.23
N GLN B 1398 12.48 29.22 -26.86
CA GLN B 1398 12.10 30.46 -26.21
C GLN B 1398 10.96 31.12 -26.97
N ILE B 1399 9.94 31.54 -26.23
CA ILE B 1399 8.78 32.19 -26.81
C ILE B 1399 8.56 33.51 -26.09
N GLU B 1400 8.39 34.58 -26.85
CA GLU B 1400 8.00 35.87 -26.30
C GLU B 1400 6.87 36.44 -27.13
N VAL B 1401 5.87 36.98 -26.45
CA VAL B 1401 4.71 37.58 -27.11
C VAL B 1401 4.49 38.96 -26.52
N THR B 1402 4.26 39.94 -27.39
CA THR B 1402 3.98 41.30 -26.99
C THR B 1402 2.65 41.72 -27.57
N VAL B 1403 1.83 42.37 -26.76
CA VAL B 1403 0.50 42.83 -27.17
C VAL B 1403 0.52 44.35 -27.18
N LYS B 1404 -0.04 44.93 -28.24
CA LYS B 1404 -0.05 46.38 -28.42
C LYS B 1404 -1.45 46.83 -28.80
N GLY B 1405 -1.83 47.99 -28.30
CA GLY B 1405 -3.14 48.55 -28.56
C GLY B 1405 -3.74 49.09 -27.27
N HIS B 1406 -5.06 49.20 -27.27
CA HIS B 1406 -5.80 49.70 -26.12
C HIS B 1406 -6.75 48.62 -25.61
N VAL B 1407 -6.83 48.49 -24.29
CA VAL B 1407 -7.72 47.54 -23.65
C VAL B 1407 -8.65 48.29 -22.71
N GLU B 1408 -9.94 47.99 -22.79
CA GLU B 1408 -10.91 48.58 -21.87
C GLU B 1408 -11.00 47.73 -20.62
N TYR B 1409 -11.11 48.40 -19.47
CA TYR B 1409 -11.22 47.71 -18.19
C TYR B 1409 -12.29 48.37 -17.34
N THR B 1410 -12.75 47.63 -16.34
CA THR B 1410 -13.81 48.08 -15.45
C THR B 1410 -13.23 49.06 -14.43
N MET B 1411 -14.05 49.43 -13.44
CA MET B 1411 -13.65 50.41 -12.42
C MET B 1411 -12.59 49.78 -11.52
N GLU B 1412 -11.33 50.16 -11.75
CA GLU B 1412 -10.21 49.71 -10.93
C GLU B 1412 -9.10 50.74 -11.04
N ALA B 1413 -8.42 50.98 -9.92
CA ALA B 1413 -7.34 51.97 -9.84
C ALA B 1413 -7.82 53.35 -10.29
N ARG C 1465 -10.12 44.62 -31.52
CA ARG C 1465 -9.76 45.96 -31.06
C ARG C 1465 -8.36 45.97 -30.47
N VAL C 1466 -7.79 44.78 -30.29
CA VAL C 1466 -6.45 44.62 -29.74
C VAL C 1466 -5.64 43.73 -30.67
N HIS C 1467 -4.42 44.16 -30.97
CA HIS C 1467 -3.54 43.44 -31.89
C HIS C 1467 -2.55 42.58 -31.11
N TYR C 1468 -2.23 41.42 -31.66
CA TYR C 1468 -1.32 40.46 -31.04
C TYR C 1468 -0.18 40.12 -31.99
N THR C 1469 0.96 39.74 -31.42
CA THR C 1469 2.08 39.25 -32.22
C THR C 1469 2.87 38.24 -31.39
N VAL C 1470 2.62 36.96 -31.63
CA VAL C 1470 3.40 35.90 -31.02
C VAL C 1470 4.71 35.75 -31.79
N CYS C 1471 5.79 35.43 -31.08
CA CYS C 1471 7.05 35.22 -31.77
C CYS C 1471 7.77 34.01 -31.21
N ILE C 1472 8.48 33.32 -32.11
CA ILE C 1472 9.04 32.00 -31.85
C ILE C 1472 10.45 31.94 -32.41
N TRP C 1473 11.36 31.31 -31.66
CA TRP C 1473 12.68 30.99 -32.20
C TRP C 1473 13.20 29.76 -31.47
N ARG C 1474 14.16 29.08 -32.10
CA ARG C 1474 14.74 27.87 -31.56
C ARG C 1474 16.25 28.01 -31.55
N ASN C 1475 16.87 27.63 -30.43
CA ASN C 1475 18.33 27.66 -30.35
C ASN C 1475 18.96 26.67 -31.32
N GLY C 1476 18.35 25.49 -31.46
CA GLY C 1476 18.82 24.51 -32.42
C GLY C 1476 20.01 23.73 -31.91
N LYS C 1477 20.53 22.87 -32.80
CA LYS C 1477 21.68 22.01 -32.54
C LYS C 1477 21.60 21.32 -31.18
N VAL C 1478 20.39 20.92 -30.81
CA VAL C 1478 20.18 20.10 -29.62
C VAL C 1478 19.73 18.69 -29.96
N GLY C 1479 19.11 18.48 -31.12
CA GLY C 1479 18.52 17.21 -31.47
C GLY C 1479 17.01 17.17 -31.38
N LEU C 1480 16.40 18.20 -30.78
CA LEU C 1480 14.95 18.31 -30.62
C LEU C 1480 14.27 18.96 -31.81
N SER C 1481 15.02 19.29 -32.85
CA SER C 1481 14.51 20.17 -33.89
C SER C 1481 13.31 19.54 -34.59
N GLY C 1482 12.38 20.39 -34.98
CA GLY C 1482 11.16 19.94 -35.61
C GLY C 1482 10.06 20.97 -35.44
N MET C 1483 8.83 20.51 -35.66
CA MET C 1483 7.68 21.37 -35.53
C MET C 1483 7.39 21.68 -34.07
N ALA C 1484 6.65 22.77 -33.86
CA ALA C 1484 6.30 23.22 -32.52
C ALA C 1484 4.82 23.60 -32.50
N ILE C 1485 4.24 23.51 -31.30
CA ILE C 1485 2.84 23.85 -31.09
C ILE C 1485 2.76 24.97 -30.07
N ALA C 1486 1.99 26.00 -30.39
CA ALA C 1486 1.85 27.17 -29.53
C ALA C 1486 0.54 27.11 -28.76
N ASP C 1487 0.57 27.63 -27.53
CA ASP C 1487 -0.57 27.63 -26.63
C ASP C 1487 -0.81 29.04 -26.10
N VAL C 1488 -0.81 30.02 -26.99
CA VAL C 1488 -1.04 31.40 -26.59
C VAL C 1488 -2.48 31.56 -26.12
N THR C 1489 -2.65 32.20 -24.97
CA THR C 1489 -3.96 32.44 -24.38
C THR C 1489 -4.15 33.95 -24.22
N LEU C 1490 -5.22 34.47 -24.78
CA LEU C 1490 -5.51 35.90 -24.68
C LEU C 1490 -6.03 36.20 -23.28
N LEU C 1491 -6.43 37.45 -23.05
CA LEU C 1491 -6.95 37.87 -21.76
C LEU C 1491 -8.38 37.37 -21.61
N SER C 1492 -9.05 37.79 -20.55
CA SER C 1492 -10.43 37.37 -20.33
C SER C 1492 -11.37 38.16 -21.23
N GLY C 1493 -12.35 37.46 -21.80
CA GLY C 1493 -13.35 38.10 -22.63
C GLY C 1493 -12.92 38.43 -24.04
N PHE C 1494 -11.81 37.87 -24.52
CA PHE C 1494 -11.35 38.12 -25.87
C PHE C 1494 -11.59 36.89 -26.75
N HIS C 1495 -11.57 37.11 -28.06
CA HIS C 1495 -11.58 36.03 -29.02
C HIS C 1495 -11.07 36.55 -30.36
N ALA C 1496 -10.17 35.78 -30.98
CA ALA C 1496 -9.57 36.22 -32.23
C ALA C 1496 -10.55 36.09 -33.39
N LEU C 1497 -10.24 36.79 -34.47
CA LEU C 1497 -11.06 36.75 -35.68
C LEU C 1497 -10.67 35.53 -36.51
N ARG C 1498 -11.65 34.68 -36.82
CA ARG C 1498 -11.37 33.50 -37.63
C ARG C 1498 -10.90 33.88 -39.04
N ALA C 1499 -11.43 34.98 -39.58
CA ALA C 1499 -11.07 35.37 -40.94
C ALA C 1499 -9.58 35.71 -41.04
N ASP C 1500 -9.03 36.39 -40.03
CA ASP C 1500 -7.63 36.76 -40.07
C ASP C 1500 -6.73 35.53 -40.06
N LEU C 1501 -7.01 34.59 -39.16
CA LEU C 1501 -6.23 33.36 -39.10
C LEU C 1501 -6.35 32.57 -40.38
N GLU C 1502 -7.55 32.52 -40.96
CA GLU C 1502 -7.73 31.82 -42.23
C GLU C 1502 -6.92 32.48 -43.33
N LYS C 1503 -6.88 33.82 -43.35
CA LYS C 1503 -6.09 34.52 -44.36
C LYS C 1503 -4.60 34.21 -44.20
N LEU C 1504 -4.12 34.19 -42.96
CA LEU C 1504 -2.72 33.80 -42.73
C LEU C 1504 -2.46 32.36 -43.17
N THR C 1505 -3.41 31.47 -42.92
CA THR C 1505 -3.22 30.06 -43.27
C THR C 1505 -3.22 29.85 -44.79
N SER C 1506 -4.07 30.58 -45.51
CA SER C 1506 -4.31 30.29 -46.92
C SER C 1506 -3.12 30.62 -47.81
N LEU C 1507 -2.17 31.43 -47.34
CA LEU C 1507 -1.08 31.86 -48.19
C LEU C 1507 -0.16 30.69 -48.54
N SER C 1508 0.39 30.74 -49.75
CA SER C 1508 1.32 29.70 -50.19
C SER C 1508 2.57 29.67 -49.33
N ASP C 1509 3.12 30.85 -49.03
CA ASP C 1509 4.26 30.96 -48.10
C ASP C 1509 3.71 30.96 -46.67
N ARG C 1510 3.17 29.82 -46.28
CA ARG C 1510 2.43 29.68 -45.05
C ARG C 1510 3.36 29.47 -43.86
N TYR C 1511 3.09 30.19 -42.77
CA TYR C 1511 3.77 29.95 -41.51
C TYR C 1511 2.90 29.22 -40.50
N VAL C 1512 1.58 29.42 -40.58
CA VAL C 1512 0.62 28.74 -39.71
C VAL C 1512 0.08 27.56 -40.50
N SER C 1513 0.64 26.38 -40.25
CA SER C 1513 0.17 25.18 -40.93
C SER C 1513 -1.26 24.84 -40.52
N HIS C 1514 -1.59 25.03 -39.23
CA HIS C 1514 -2.92 24.76 -38.74
C HIS C 1514 -3.21 25.70 -37.58
N PHE C 1515 -4.49 26.08 -37.45
CA PHE C 1515 -4.93 26.96 -36.39
C PHE C 1515 -6.26 26.47 -35.85
N GLU C 1516 -6.67 27.04 -34.72
CA GLU C 1516 -7.94 26.71 -34.10
C GLU C 1516 -8.20 27.71 -32.99
N THR C 1517 -9.46 28.12 -32.84
CA THR C 1517 -9.79 29.18 -31.89
C THR C 1517 -11.15 28.94 -31.26
N GLU C 1518 -11.19 28.99 -29.92
CA GLU C 1518 -12.43 28.99 -29.15
C GLU C 1518 -12.29 30.04 -28.07
N GLY C 1519 -12.82 31.23 -28.32
CA GLY C 1519 -12.74 32.31 -27.36
C GLY C 1519 -11.30 32.72 -27.08
N PRO C 1520 -10.96 32.84 -25.79
CA PRO C 1520 -9.62 33.32 -25.44
C PRO C 1520 -8.48 32.45 -25.94
N HIS C 1521 -8.67 31.13 -26.00
CA HIS C 1521 -7.56 30.21 -26.21
C HIS C 1521 -7.38 29.94 -27.70
N VAL C 1522 -6.16 30.12 -28.19
CA VAL C 1522 -5.83 29.98 -29.61
C VAL C 1522 -4.61 29.10 -29.74
N LEU C 1523 -4.68 28.12 -30.66
CA LEU C 1523 -3.56 27.23 -30.93
C LEU C 1523 -2.88 27.62 -32.24
N LEU C 1524 -1.56 27.51 -32.26
CA LEU C 1524 -0.76 27.76 -33.46
C LEU C 1524 0.21 26.60 -33.64
N TYR C 1525 0.08 25.89 -34.76
CA TYR C 1525 0.98 24.80 -35.10
C TYR C 1525 1.96 25.27 -36.16
N PHE C 1526 3.25 25.20 -35.86
CA PHE C 1526 4.30 25.69 -36.75
C PHE C 1526 5.03 24.51 -37.35
N ASP C 1527 5.12 24.48 -38.68
CA ASP C 1527 5.83 23.40 -39.36
C ASP C 1527 7.33 23.57 -39.24
N SER C 1528 7.83 24.79 -39.34
CA SER C 1528 9.26 25.07 -39.26
C SER C 1528 9.51 26.11 -38.18
N VAL C 1529 10.56 25.88 -37.39
CA VAL C 1529 10.93 26.79 -36.31
C VAL C 1529 12.18 27.56 -36.75
N PRO C 1530 12.07 28.85 -37.03
CA PRO C 1530 13.26 29.63 -37.40
C PRO C 1530 14.21 29.79 -36.23
N THR C 1531 15.50 29.89 -36.57
CA THR C 1531 16.50 30.10 -35.52
C THR C 1531 16.49 31.53 -35.01
N SER C 1532 16.34 32.51 -35.90
CA SER C 1532 16.38 33.92 -35.55
C SER C 1532 14.98 34.46 -35.35
N ARG C 1533 14.88 35.79 -35.20
CA ARG C 1533 13.60 36.46 -34.98
C ARG C 1533 12.80 36.44 -36.27
N GLU C 1534 11.82 35.55 -36.35
CA GLU C 1534 10.92 35.48 -37.49
C GLU C 1534 9.59 34.96 -36.99
N CYS C 1535 8.54 35.78 -37.06
CA CYS C 1535 7.32 35.45 -36.35
C CYS C 1535 6.11 36.07 -37.06
N VAL C 1536 4.94 35.93 -36.44
CA VAL C 1536 3.66 36.25 -37.06
C VAL C 1536 2.73 36.86 -36.01
N GLY C 1537 1.84 37.74 -36.47
CA GLY C 1537 0.89 38.39 -35.59
C GLY C 1537 -0.52 38.32 -36.15
N PHE C 1538 -1.48 38.59 -35.28
CA PHE C 1538 -2.89 38.64 -35.67
C PHE C 1538 -3.61 39.62 -34.76
N GLU C 1539 -4.94 39.58 -34.79
CA GLU C 1539 -5.77 40.56 -34.10
C GLU C 1539 -6.92 39.86 -33.36
N ALA C 1540 -7.31 40.45 -32.23
CA ALA C 1540 -8.39 39.91 -31.41
C ALA C 1540 -9.32 41.03 -30.99
N VAL C 1541 -10.56 40.68 -30.67
CA VAL C 1541 -11.61 41.64 -30.33
C VAL C 1541 -12.15 41.31 -28.95
N GLN C 1542 -12.50 42.36 -28.20
CA GLN C 1542 -13.08 42.22 -26.88
C GLN C 1542 -14.59 42.39 -26.94
N GLU C 1543 -15.28 41.72 -26.01
CA GLU C 1543 -16.71 41.85 -25.86
C GLU C 1543 -17.18 42.03 -24.43
N VAL C 1544 -16.37 41.66 -23.44
CA VAL C 1544 -16.69 41.85 -22.02
C VAL C 1544 -15.53 42.59 -21.39
N PRO C 1545 -15.78 43.66 -20.62
CA PRO C 1545 -14.68 44.35 -19.95
C PRO C 1545 -13.99 43.45 -18.94
N VAL C 1546 -12.69 43.62 -18.79
CA VAL C 1546 -11.90 42.82 -17.87
C VAL C 1546 -12.09 43.36 -16.46
N GLY C 1547 -12.26 42.44 -15.51
CA GLY C 1547 -12.48 42.81 -14.12
C GLY C 1547 -11.24 43.05 -13.30
N LEU C 1548 -10.05 42.84 -13.86
CA LEU C 1548 -8.81 43.00 -13.10
C LEU C 1548 -7.67 43.20 -14.09
N VAL C 1549 -6.48 43.44 -13.55
CA VAL C 1549 -5.26 43.58 -14.33
C VAL C 1549 -4.27 42.52 -13.86
N GLN C 1550 -3.84 41.67 -14.77
CA GLN C 1550 -2.92 40.60 -14.46
C GLN C 1550 -2.27 40.11 -15.74
N PRO C 1551 -1.03 39.63 -15.69
CA PRO C 1551 -0.42 39.04 -16.88
C PRO C 1551 -1.06 37.72 -17.24
N ALA C 1552 -0.95 37.36 -18.51
CA ALA C 1552 -1.49 36.12 -19.04
C ALA C 1552 -0.35 35.14 -19.34
N SER C 1553 -0.72 34.00 -19.90
CA SER C 1553 0.21 32.89 -20.09
C SER C 1553 0.37 32.57 -21.58
N ALA C 1554 1.41 31.81 -21.89
CA ALA C 1554 1.72 31.35 -23.23
C ALA C 1554 2.76 30.25 -23.13
N THR C 1555 2.56 29.16 -23.87
CA THR C 1555 3.40 27.98 -23.76
C THR C 1555 3.67 27.41 -25.14
N LEU C 1556 4.85 26.81 -25.30
CA LEU C 1556 5.25 26.12 -26.51
C LEU C 1556 5.67 24.70 -26.15
N TYR C 1557 5.15 23.73 -26.89
CA TYR C 1557 5.49 22.33 -26.67
C TYR C 1557 6.18 21.79 -27.92
N ASP C 1558 7.26 21.03 -27.70
CA ASP C 1558 7.89 20.32 -28.82
C ASP C 1558 6.93 19.25 -29.33
N TYR C 1559 6.78 19.19 -30.66
CA TYR C 1559 5.75 18.34 -31.25
C TYR C 1559 6.00 16.88 -30.94
N TYR C 1560 7.24 16.42 -31.04
CA TYR C 1560 7.58 15.04 -30.77
C TYR C 1560 7.86 14.77 -29.28
N ASN C 1561 7.83 15.80 -28.44
CA ASN C 1561 8.15 15.63 -27.02
C ASN C 1561 7.47 16.75 -26.24
N PRO C 1562 6.24 16.52 -25.78
CA PRO C 1562 5.50 17.59 -25.07
C PRO C 1562 6.12 17.98 -23.74
N GLU C 1563 6.96 17.12 -23.13
CA GLU C 1563 7.48 17.43 -21.81
C GLU C 1563 8.35 18.68 -21.82
N ARG C 1564 9.20 18.81 -22.84
CA ARG C 1564 10.16 19.91 -22.93
C ARG C 1564 9.44 21.13 -23.48
N ARG C 1565 8.74 21.82 -22.60
CA ARG C 1565 7.94 23.00 -22.90
C ARG C 1565 8.70 24.27 -22.57
N CYS C 1566 8.03 25.41 -22.71
CA CYS C 1566 8.58 26.71 -22.31
C CYS C 1566 7.40 27.64 -22.02
N SER C 1567 7.15 27.89 -20.73
CA SER C 1567 6.09 28.79 -20.32
C SER C 1567 6.62 30.22 -20.22
N VAL C 1568 5.89 31.17 -20.79
CA VAL C 1568 6.28 32.57 -20.78
C VAL C 1568 5.06 33.40 -20.39
N PHE C 1569 5.32 34.53 -19.73
CA PHE C 1569 4.27 35.42 -19.26
C PHE C 1569 4.30 36.73 -20.05
N TYR C 1570 3.12 37.31 -20.24
CA TYR C 1570 2.98 38.60 -20.90
C TYR C 1570 1.81 39.34 -20.26
N GLY C 1571 1.89 40.67 -20.25
CA GLY C 1571 0.91 41.50 -19.62
C GLY C 1571 0.27 42.48 -20.60
N ALA C 1572 -0.57 43.35 -20.03
CA ALA C 1572 -1.27 44.35 -20.82
C ALA C 1572 -0.27 45.34 -21.40
N PRO C 1573 -0.63 46.04 -22.49
CA PRO C 1573 0.33 46.94 -23.15
C PRO C 1573 0.88 48.02 -22.24
N SER C 1574 0.08 48.50 -21.28
CA SER C 1574 0.54 49.53 -20.35
C SER C 1574 0.92 48.95 -18.99
N LYS C 1575 1.04 47.63 -18.87
CA LYS C 1575 1.33 46.98 -17.61
C LYS C 1575 2.59 46.12 -17.73
N SER C 1576 3.01 45.57 -16.61
CA SER C 1576 4.21 44.76 -16.55
C SER C 1576 3.87 43.27 -16.69
N ARG C 1577 4.90 42.48 -16.98
CA ARG C 1577 4.75 41.04 -17.14
C ARG C 1577 4.89 40.29 -15.83
N LEU C 1578 5.09 40.99 -14.72
CA LEU C 1578 5.14 40.39 -13.40
C LEU C 1578 4.38 41.25 -12.41
N LEU C 1579 3.91 40.63 -11.34
CA LEU C 1579 3.22 41.37 -10.29
C LEU C 1579 4.20 42.20 -9.48
N ALA C 1580 3.66 43.16 -8.74
CA ALA C 1580 4.47 44.07 -7.93
C ALA C 1580 4.72 43.42 -6.58
N THR C 1581 5.92 42.89 -6.39
CA THR C 1581 6.34 42.27 -5.13
C THR C 1581 7.66 42.88 -4.69
N LEU C 1582 7.88 42.92 -3.37
CA LEU C 1582 9.07 43.54 -2.78
C LEU C 1582 9.97 42.54 -2.09
N CYS C 1583 9.82 41.24 -2.35
CA CYS C 1583 10.45 40.33 -1.43
C CYS C 1583 11.96 40.38 -1.40
N SER C 1584 12.63 40.11 -2.52
CA SER C 1584 14.06 40.40 -2.61
C SER C 1584 14.87 39.87 -1.44
N ALA C 1585 14.42 38.77 -0.83
CA ALA C 1585 15.03 38.28 0.40
C ALA C 1585 14.48 36.91 0.77
N GLU C 1586 14.85 36.40 1.94
CA GLU C 1586 14.36 35.09 2.36
C GLU C 1586 12.85 35.08 2.60
N VAL C 1587 12.32 36.18 3.06
CA VAL C 1587 10.88 36.34 3.28
C VAL C 1587 10.29 36.95 2.03
N CYS C 1588 9.04 36.64 1.70
CA CYS C 1588 8.53 37.26 0.49
C CYS C 1588 7.16 37.91 0.70
N GLN C 1589 7.00 39.10 0.14
CA GLN C 1589 5.76 39.86 0.27
C GLN C 1589 5.48 40.60 -1.03
N CYS C 1590 4.23 41.01 -1.13
CA CYS C 1590 3.62 41.52 -2.34
C CYS C 1590 2.80 42.76 -2.01
N ALA C 1591 2.59 43.60 -3.02
CA ALA C 1591 2.16 44.98 -2.77
C ALA C 1591 1.03 45.43 -3.68
N GLU C 1592 -0.04 44.63 -3.78
CA GLU C 1592 -1.22 45.07 -4.53
C GLU C 1592 -2.15 45.82 -3.59
N GLY C 1593 -2.70 46.93 -4.07
CA GLY C 1593 -3.67 47.68 -3.28
C GLY C 1593 -3.81 49.09 -3.83
N LYS C 1594 -4.33 49.97 -2.97
CA LYS C 1594 -4.44 51.40 -3.26
C LYS C 1594 -3.56 52.15 -2.28
N CYS C 1595 -2.50 52.77 -2.80
CA CYS C 1595 -1.44 53.29 -1.92
C CYS C 1595 -1.89 54.55 -1.21
N PRO C 1596 -2.21 55.65 -1.90
CA PRO C 1596 -2.11 56.99 -1.28
C PRO C 1596 -3.34 57.36 -0.47
N ARG C 1597 -3.14 57.55 0.83
CA ARG C 1597 -4.19 58.14 1.65
C ARG C 1597 -4.33 59.63 1.37
N GLN C 1598 -3.20 60.33 1.24
CA GLN C 1598 -3.15 61.77 0.97
C GLN C 1598 -4.17 62.54 1.80
N ARG C 1599 -4.11 62.30 3.11
CA ARG C 1599 -5.07 62.87 4.05
C ARG C 1599 -4.48 64.09 4.73
N ARG C 1600 -5.22 65.19 4.68
CA ARG C 1600 -4.87 66.44 5.38
C ARG C 1600 -6.16 66.90 6.06
N ALA C 1601 -6.35 66.47 7.32
CA ALA C 1601 -7.60 66.74 8.01
C ALA C 1601 -7.75 68.22 8.37
N LEU C 1602 -6.62 68.93 8.55
CA LEU C 1602 -6.68 70.30 9.01
C LEU C 1602 -7.27 71.23 7.94
N GLU C 1603 -6.89 71.04 6.68
CA GLU C 1603 -7.34 71.92 5.62
C GLU C 1603 -8.73 71.57 5.10
N ARG C 1604 -9.32 70.49 5.58
CA ARG C 1604 -10.65 70.07 5.17
C ARG C 1604 -11.59 70.11 6.38
N GLY C 1605 -12.81 69.63 6.20
CA GLY C 1605 -13.82 69.66 7.24
C GLY C 1605 -14.06 68.38 7.99
N LEU C 1606 -13.35 67.30 7.67
CA LEU C 1606 -13.61 66.01 8.31
C LEU C 1606 -12.92 65.84 9.65
N GLN C 1607 -12.00 66.74 10.02
CA GLN C 1607 -11.29 66.59 11.28
C GLN C 1607 -12.23 66.81 12.46
N ASP C 1608 -11.96 66.11 13.55
CA ASP C 1608 -12.76 66.20 14.76
C ASP C 1608 -11.83 66.16 15.97
N GLU C 1609 -12.33 66.72 17.07
CA GLU C 1609 -11.60 66.73 18.34
C GLU C 1609 -11.96 65.54 19.22
N ASP C 1610 -12.72 64.57 18.69
CA ASP C 1610 -13.12 63.42 19.48
C ASP C 1610 -11.92 62.62 19.97
N GLY C 1611 -10.91 62.44 19.11
CA GLY C 1611 -9.75 61.66 19.47
C GLY C 1611 -9.82 60.23 18.99
N TYR C 1612 -10.21 60.05 17.72
CA TYR C 1612 -10.28 58.74 17.11
C TYR C 1612 -8.93 58.22 16.66
N ARG C 1613 -7.87 59.02 16.83
CA ARG C 1613 -6.54 58.58 16.40
C ARG C 1613 -6.09 57.35 17.18
N MET C 1614 -6.33 57.35 18.49
CA MET C 1614 -6.01 56.18 19.30
C MET C 1614 -6.83 54.97 18.87
N LYS C 1615 -8.11 55.20 18.55
CA LYS C 1615 -8.95 54.12 18.04
C LYS C 1615 -8.36 53.52 16.77
N PHE C 1616 -7.96 54.39 15.84
CA PHE C 1616 -7.36 53.93 14.59
C PHE C 1616 -6.07 53.16 14.86
N ALA C 1617 -5.24 53.67 15.77
CA ALA C 1617 -3.91 53.08 15.96
C ALA C 1617 -3.98 51.74 16.66
N CYS C 1618 -4.76 51.64 17.75
CA CYS C 1618 -4.68 50.47 18.62
C CYS C 1618 -5.94 49.62 18.65
N TYR C 1619 -7.04 50.05 18.03
CA TYR C 1619 -8.28 49.29 18.07
C TYR C 1619 -8.69 48.77 16.70
N TYR C 1620 -8.85 49.66 15.72
CA TYR C 1620 -9.34 49.30 14.39
C TYR C 1620 -9.01 50.43 13.43
N PRO C 1621 -8.42 50.13 12.27
CA PRO C 1621 -8.04 48.81 11.77
C PRO C 1621 -6.68 48.35 12.27
N ARG C 1622 -6.20 48.94 13.38
CA ARG C 1622 -4.98 48.54 14.06
C ARG C 1622 -3.74 48.93 13.28
N VAL C 1623 -2.74 49.45 13.99
CA VAL C 1623 -1.50 49.92 13.38
C VAL C 1623 -0.33 49.37 14.19
N GLU C 1624 0.75 49.01 13.49
CA GLU C 1624 1.88 48.35 14.14
C GLU C 1624 2.97 49.33 14.55
N TYR C 1625 3.55 50.05 13.60
CA TYR C 1625 4.70 50.91 13.87
C TYR C 1625 4.29 52.37 13.96
N GLY C 1626 5.12 53.15 14.65
CA GLY C 1626 4.89 54.57 14.78
C GLY C 1626 6.14 55.41 14.58
N PHE C 1627 6.12 56.29 13.58
CA PHE C 1627 7.25 57.16 13.29
C PHE C 1627 6.76 58.46 12.68
N GLN C 1628 7.49 59.54 12.98
CA GLN C 1628 7.41 60.78 12.23
C GLN C 1628 8.73 60.98 11.51
N VAL C 1629 8.67 61.15 10.20
CA VAL C 1629 9.86 61.01 9.35
C VAL C 1629 9.98 62.23 8.46
N LYS C 1630 11.19 62.78 8.36
CA LYS C 1630 11.47 63.92 7.49
C LYS C 1630 12.08 63.40 6.19
N VAL C 1631 11.51 63.82 5.06
CA VAL C 1631 11.89 63.29 3.76
C VAL C 1631 13.15 63.96 3.26
N LEU C 1632 14.06 63.17 2.70
CA LEU C 1632 15.28 63.68 2.08
C LEU C 1632 15.13 63.84 0.57
N ARG C 1633 14.82 62.74 -0.12
CA ARG C 1633 14.79 62.75 -1.58
C ARG C 1633 13.78 61.70 -2.06
N GLU C 1634 13.41 61.82 -3.33
CA GLU C 1634 12.49 60.89 -3.97
C GLU C 1634 13.25 60.04 -4.99
N ASP C 1635 13.09 58.73 -4.91
CA ASP C 1635 13.80 57.77 -5.73
C ASP C 1635 12.81 56.81 -6.37
N SER C 1636 13.28 56.04 -7.36
CA SER C 1636 12.43 55.12 -8.10
C SER C 1636 13.20 53.85 -8.45
N ARG C 1637 12.70 52.71 -8.00
CA ARG C 1637 13.27 51.40 -8.28
C ARG C 1637 12.18 50.44 -8.75
N ALA C 1638 12.42 49.77 -9.88
CA ALA C 1638 11.46 48.88 -10.55
C ALA C 1638 10.18 49.69 -10.78
N ALA C 1639 9.00 49.18 -10.44
CA ALA C 1639 7.77 49.95 -10.51
C ALA C 1639 7.44 50.65 -9.19
N PHE C 1640 8.46 50.95 -8.40
CA PHE C 1640 8.28 51.43 -7.04
C PHE C 1640 9.07 52.70 -6.82
N ARG C 1641 8.42 53.71 -6.24
CA ARG C 1641 9.07 54.96 -5.90
C ARG C 1641 9.61 54.87 -4.48
N LEU C 1642 10.92 55.00 -4.33
CA LEU C 1642 11.58 54.90 -3.04
C LEU C 1642 11.74 56.29 -2.45
N PHE C 1643 11.42 56.42 -1.16
CA PHE C 1643 11.56 57.70 -0.46
C PHE C 1643 12.69 57.55 0.54
N GLU C 1644 13.91 57.88 0.10
CA GLU C 1644 15.03 57.99 1.03
C GLU C 1644 14.78 59.14 1.98
N THR C 1645 14.92 58.89 3.28
CA THR C 1645 14.45 59.83 4.27
C THR C 1645 15.13 59.58 5.60
N LYS C 1646 14.93 60.50 6.53
CA LYS C 1646 15.54 60.44 7.85
C LYS C 1646 14.47 60.48 8.93
N ILE C 1647 14.62 59.63 9.94
CA ILE C 1647 13.71 59.60 11.07
C ILE C 1647 13.90 60.83 11.95
N THR C 1648 12.79 61.39 12.43
CA THR C 1648 12.82 62.48 13.40
C THR C 1648 12.58 61.98 14.82
N GLN C 1649 11.47 61.28 15.05
CA GLN C 1649 11.16 60.72 16.35
C GLN C 1649 10.44 59.39 16.17
N VAL C 1650 10.79 58.42 17.00
CA VAL C 1650 10.13 57.13 17.01
C VAL C 1650 8.91 57.19 17.92
N LEU C 1651 7.74 56.85 17.39
CA LEU C 1651 6.52 56.88 18.17
C LEU C 1651 6.21 55.53 18.80
N HIS C 1652 6.24 54.46 18.00
CA HIS C 1652 5.98 53.12 18.50
C HIS C 1652 6.51 52.11 17.50
N PHE C 1653 6.77 50.90 17.98
CA PHE C 1653 7.22 49.80 17.12
C PHE C 1653 6.88 48.48 17.78
N THR C 1654 6.88 47.42 16.97
CA THR C 1654 6.58 46.06 17.42
C THR C 1654 7.78 45.14 17.32
N LYS C 1655 8.38 45.02 16.14
CA LYS C 1655 9.72 44.45 15.95
C LYS C 1655 10.59 45.37 15.11
N ASP C 1656 11.26 46.29 15.81
CA ASP C 1656 12.47 46.92 15.30
C ASP C 1656 13.32 47.25 16.54
N VAL C 1657 14.22 46.32 16.90
CA VAL C 1657 15.05 46.52 18.08
C VAL C 1657 16.07 47.63 17.86
N LYS C 1658 16.34 47.95 16.60
CA LYS C 1658 17.32 48.95 16.22
C LYS C 1658 16.72 50.34 16.06
N ALA C 1659 15.49 50.56 16.52
CA ALA C 1659 14.82 51.84 16.35
C ALA C 1659 15.52 52.92 17.17
N ALA C 1660 15.79 54.05 16.53
CA ALA C 1660 16.40 55.20 17.17
C ALA C 1660 16.26 56.40 16.24
N ALA C 1661 16.64 57.57 16.75
CA ALA C 1661 16.65 58.77 15.93
C ALA C 1661 17.81 58.72 14.94
N ASN C 1662 17.85 59.72 14.05
CA ASN C 1662 18.85 59.89 13.00
C ASN C 1662 19.29 58.56 12.39
N GLN C 1663 18.33 57.74 11.96
CA GLN C 1663 18.59 56.47 11.32
C GLN C 1663 18.07 56.47 9.89
N MET C 1664 18.47 55.45 9.13
CA MET C 1664 18.09 55.33 7.73
C MET C 1664 16.90 54.37 7.61
N ARG C 1665 15.79 54.87 7.05
CA ARG C 1665 14.62 54.07 6.77
C ARG C 1665 14.17 54.34 5.35
N ASN C 1666 13.67 53.32 4.67
CA ASN C 1666 13.23 53.42 3.29
C ASN C 1666 11.76 53.07 3.17
N PHE C 1667 11.00 53.95 2.52
CA PHE C 1667 9.57 53.80 2.34
C PHE C 1667 9.28 53.69 0.85
N LEU C 1668 8.52 52.68 0.46
CA LEU C 1668 8.35 52.35 -0.95
C LEU C 1668 6.88 52.35 -1.33
N VAL C 1669 6.60 52.82 -2.55
CA VAL C 1669 5.25 52.97 -3.07
C VAL C 1669 5.27 52.70 -4.58
N ARG C 1670 4.20 52.08 -5.09
CA ARG C 1670 4.14 51.75 -6.51
C ARG C 1670 4.17 53.01 -7.37
N ALA C 1671 4.80 52.88 -8.55
CA ALA C 1671 4.84 54.00 -9.48
C ALA C 1671 3.46 54.35 -10.01
N SER C 1672 2.61 53.35 -10.22
CA SER C 1672 1.23 53.62 -10.62
C SER C 1672 0.47 54.36 -9.53
N CYS C 1673 0.88 54.18 -8.28
CA CYS C 1673 0.21 54.81 -7.15
C CYS C 1673 0.50 56.31 -7.19
N ARG C 1674 -0.56 57.14 -7.17
CA ARG C 1674 -0.39 58.56 -7.48
C ARG C 1674 -0.08 59.40 -6.24
N LEU C 1675 0.53 58.80 -5.23
CA LEU C 1675 0.92 59.52 -4.03
C LEU C 1675 1.95 60.60 -4.34
N ARG C 1676 1.77 61.76 -3.72
CA ARG C 1676 2.73 62.86 -3.81
C ARG C 1676 3.38 63.07 -2.45
N LEU C 1677 4.70 63.08 -2.43
CA LEU C 1677 5.47 63.24 -1.19
C LEU C 1677 6.68 64.12 -1.51
N GLU C 1678 6.59 65.39 -1.13
CA GLU C 1678 7.64 66.35 -1.47
C GLU C 1678 8.84 66.16 -0.54
N PRO C 1679 10.05 65.98 -1.09
CA PRO C 1679 11.23 65.86 -0.23
C PRO C 1679 11.53 67.16 0.50
N GLY C 1680 12.14 67.01 1.67
CA GLY C 1680 12.46 68.15 2.51
C GLY C 1680 11.42 68.51 3.54
N LYS C 1681 10.29 67.80 3.59
CA LYS C 1681 9.23 68.08 4.54
C LYS C 1681 9.09 66.92 5.52
N GLU C 1682 8.56 67.22 6.70
CA GLU C 1682 8.38 66.24 7.76
C GLU C 1682 6.95 65.70 7.70
N TYR C 1683 6.84 64.40 7.50
CA TYR C 1683 5.54 63.74 7.39
C TYR C 1683 5.38 62.71 8.51
N LEU C 1684 4.14 62.48 8.89
CA LEU C 1684 3.79 61.48 9.89
C LEU C 1684 3.34 60.21 9.19
N ILE C 1685 3.94 59.09 9.53
CA ILE C 1685 3.68 57.82 8.87
C ILE C 1685 3.20 56.80 9.89
N MET C 1686 2.11 56.11 9.57
CA MET C 1686 1.55 55.07 10.41
C MET C 1686 1.01 53.96 9.51
N GLY C 1687 1.38 52.72 9.80
CA GLY C 1687 0.91 51.61 9.00
C GLY C 1687 1.30 50.27 9.58
N LEU C 1688 1.22 49.24 8.73
CA LEU C 1688 1.56 47.88 9.12
C LEU C 1688 3.00 47.58 8.77
N ASP C 1689 3.61 46.69 9.56
CA ASP C 1689 5.04 46.39 9.42
C ASP C 1689 5.34 45.67 8.11
N GLY C 1690 6.57 45.86 7.62
CA GLY C 1690 7.06 45.18 6.44
C GLY C 1690 7.94 43.99 6.80
N ALA C 1691 8.34 43.26 5.75
CA ALA C 1691 9.14 42.05 5.93
C ALA C 1691 10.23 41.91 4.87
N THR C 1692 10.78 43.02 4.39
CA THR C 1692 11.74 42.96 3.28
C THR C 1692 13.16 43.35 3.67
N TYR C 1693 13.34 44.36 4.53
CA TYR C 1693 14.65 44.80 5.01
C TYR C 1693 15.48 45.46 3.90
N ASP C 1694 16.30 46.44 4.27
CA ASP C 1694 17.13 47.15 3.32
C ASP C 1694 18.40 46.34 3.02
N LEU C 1695 19.14 46.79 2.00
CA LEU C 1695 20.40 46.16 1.66
C LEU C 1695 21.44 46.36 2.76
N GLU C 1696 21.30 47.40 3.57
CA GLU C 1696 22.25 47.72 4.64
C GLU C 1696 21.76 47.31 6.02
N GLY C 1697 20.62 46.62 6.12
CA GLY C 1697 20.17 45.99 7.34
C GLY C 1697 18.85 46.52 7.87
N HIS C 1698 18.60 47.81 7.71
CA HIS C 1698 17.40 48.40 8.28
C HIS C 1698 16.16 47.81 7.62
N PRO C 1699 15.12 47.47 8.39
CA PRO C 1699 13.86 47.04 7.77
C PRO C 1699 13.27 48.17 6.93
N GLN C 1700 12.74 47.78 5.76
CA GLN C 1700 12.07 48.71 4.88
C GLN C 1700 10.56 48.55 5.02
N TYR C 1701 9.84 49.64 4.77
CA TYR C 1701 8.41 49.68 5.02
C TYR C 1701 7.68 50.09 3.74
N LEU C 1702 6.45 49.63 3.60
CA LEU C 1702 5.71 49.72 2.34
C LEU C 1702 4.46 50.57 2.53
N LEU C 1703 4.16 51.40 1.54
CA LEU C 1703 2.99 52.26 1.55
C LEU C 1703 1.85 51.59 0.78
N ASP C 1704 0.68 51.54 1.40
CA ASP C 1704 -0.47 50.85 0.84
C ASP C 1704 -1.73 51.42 1.49
N SER C 1705 -2.84 50.70 1.32
CA SER C 1705 -4.04 51.03 2.08
C SER C 1705 -3.82 50.71 3.56
N ASN C 1706 -4.69 51.27 4.41
CA ASN C 1706 -4.59 51.16 5.85
C ASN C 1706 -3.33 51.86 6.38
N SER C 1707 -2.63 52.60 5.52
CA SER C 1707 -1.45 53.35 5.92
C SER C 1707 -1.83 54.80 6.17
N TRP C 1708 -1.45 55.30 7.34
CA TRP C 1708 -1.79 56.65 7.77
C TRP C 1708 -0.62 57.59 7.49
N ILE C 1709 -0.88 58.63 6.69
CA ILE C 1709 0.11 59.63 6.34
C ILE C 1709 -0.47 61.01 6.60
N GLU C 1710 0.35 61.90 7.15
CA GLU C 1710 -0.06 63.26 7.49
C GLU C 1710 1.15 64.18 7.40
N GLU C 1711 0.89 65.44 7.10
CA GLU C 1711 1.88 66.51 7.24
C GLU C 1711 1.46 67.40 8.39
N MET C 1712 2.31 67.49 9.41
CA MET C 1712 2.00 68.35 10.55
C MET C 1712 2.06 69.81 10.14
N PRO C 1713 1.26 70.66 10.77
CA PRO C 1713 1.30 72.09 10.45
C PRO C 1713 2.46 72.78 11.16
N SER C 1714 2.59 74.07 10.90
CA SER C 1714 3.54 74.93 11.59
C SER C 1714 2.79 75.80 12.59
N GLU C 1715 3.53 76.67 13.28
CA GLU C 1715 2.89 77.58 14.23
C GLU C 1715 1.92 78.50 13.52
N ARG C 1716 2.30 79.02 12.35
CA ARG C 1716 1.39 79.83 11.56
C ARG C 1716 0.22 79.01 11.04
N LEU C 1717 0.41 77.70 10.88
CA LEU C 1717 -0.63 76.79 10.41
C LEU C 1717 -1.33 76.06 11.55
N CYS C 1718 -1.05 76.44 12.80
CA CYS C 1718 -1.72 75.87 13.97
C CYS C 1718 -2.44 76.90 14.81
N ARG C 1719 -2.06 78.19 14.71
CA ARG C 1719 -2.77 79.25 15.41
C ARG C 1719 -4.12 79.55 14.80
N SER C 1720 -4.34 79.18 13.54
CA SER C 1720 -5.51 79.62 12.80
C SER C 1720 -6.80 79.02 13.36
N THR C 1721 -7.91 79.70 13.06
CA THR C 1721 -9.18 79.34 13.66
C THR C 1721 -9.78 78.08 13.05
N ARG C 1722 -9.53 77.80 11.77
CA ARG C 1722 -10.16 76.62 11.18
C ARG C 1722 -9.47 75.33 11.59
N GLN C 1723 -8.33 75.39 12.31
CA GLN C 1723 -7.76 74.22 12.94
C GLN C 1723 -7.39 74.50 14.40
N ARG C 1724 -7.95 75.55 14.98
CA ARG C 1724 -7.66 75.90 16.37
C ARG C 1724 -8.16 74.79 17.29
N ALA C 1725 -7.32 74.41 18.26
CA ALA C 1725 -7.55 73.35 19.24
C ALA C 1725 -7.62 71.97 18.61
N ALA C 1726 -7.42 71.84 17.30
CA ALA C 1726 -7.33 70.54 16.64
C ALA C 1726 -5.90 70.14 16.32
N CYS C 1727 -5.10 71.07 15.82
CA CYS C 1727 -3.66 70.85 15.68
C CYS C 1727 -3.01 70.59 17.04
N ALA C 1728 -3.40 71.36 18.06
CA ALA C 1728 -2.88 71.12 19.40
C ALA C 1728 -3.30 69.74 19.90
N GLN C 1729 -4.54 69.33 19.61
CA GLN C 1729 -4.99 67.99 19.99
C GLN C 1729 -4.15 66.92 19.29
N LEU C 1730 -3.81 67.15 18.01
CA LEU C 1730 -2.99 66.19 17.29
C LEU C 1730 -1.59 66.09 17.89
N ASN C 1731 -0.99 67.23 18.26
CA ASN C 1731 0.31 67.19 18.92
C ASN C 1731 0.23 66.47 20.26
N ASP C 1732 -0.85 66.70 21.02
CA ASP C 1732 -1.02 66.02 22.29
C ASP C 1732 -1.14 64.52 22.09
N PHE C 1733 -1.89 64.09 21.07
CA PHE C 1733 -1.93 62.68 20.71
C PHE C 1733 -0.54 62.15 20.41
N LEU C 1734 0.23 62.87 19.60
CA LEU C 1734 1.55 62.38 19.24
C LEU C 1734 2.43 62.18 20.47
N GLN C 1735 2.43 63.16 21.37
CA GLN C 1735 3.23 63.03 22.58
C GLN C 1735 2.73 61.87 23.45
N GLU C 1736 1.41 61.77 23.63
CA GLU C 1736 0.86 60.72 24.48
C GLU C 1736 1.16 59.33 23.95
N TYR C 1737 1.02 59.15 22.63
CA TYR C 1737 1.28 57.84 22.05
C TYR C 1737 2.77 57.52 22.03
N GLY C 1738 3.62 58.54 21.82
CA GLY C 1738 5.04 58.31 21.91
C GLY C 1738 5.49 57.94 23.30
N THR C 1739 4.82 58.47 24.33
CA THR C 1739 5.20 58.18 25.71
C THR C 1739 4.50 56.92 26.24
N GLN C 1740 3.16 56.95 26.29
CA GLN C 1740 2.43 55.86 26.91
C GLN C 1740 2.32 54.63 26.00
N GLY C 1741 2.07 54.85 24.71
CA GLY C 1741 1.81 53.75 23.80
C GLY C 1741 0.37 53.28 23.88
N CYS C 1742 0.11 52.13 23.26
CA CYS C 1742 -1.25 51.61 23.21
C CYS C 1742 -1.69 51.12 24.58
N GLN C 1743 -3.01 51.08 24.76
CA GLN C 1743 -3.64 50.65 26.00
C GLN C 1743 -4.63 49.52 25.70
N VAL C 1744 -5.29 49.06 26.77
CA VAL C 1744 -6.25 47.93 26.77
C VAL C 1744 -5.84 46.75 25.89
N VAL D 2 1.47 39.67 -56.53
CA VAL D 2 1.36 40.65 -55.46
C VAL D 2 2.09 41.93 -55.86
N GLN D 3 1.37 42.82 -56.53
CA GLN D 3 1.93 44.09 -57.00
C GLN D 3 1.13 45.24 -56.44
N LEU D 4 1.78 46.39 -56.34
CA LEU D 4 1.17 47.60 -55.79
C LEU D 4 1.10 48.67 -56.86
N VAL D 5 -0.09 49.26 -57.02
CA VAL D 5 -0.31 50.37 -57.93
C VAL D 5 -0.84 51.56 -57.13
N GLU D 6 -0.20 52.70 -57.31
CA GLU D 6 -0.53 53.95 -56.62
C GLU D 6 -0.79 55.03 -57.68
N SER D 7 -1.70 55.95 -57.40
CA SER D 7 -1.96 57.02 -58.35
C SER D 7 -2.48 58.25 -57.62
N GLY D 8 -2.36 59.39 -58.31
CA GLY D 8 -2.84 60.65 -57.78
C GLY D 8 -1.77 61.69 -57.64
N VAL D 12 1.02 71.58 -55.67
CA VAL D 12 -0.13 71.70 -54.77
C VAL D 12 0.13 72.76 -53.70
N GLN D 13 -0.82 73.67 -53.53
CA GLN D 13 -0.67 74.74 -52.57
C GLN D 13 -0.69 74.18 -51.15
N ALA D 14 0.11 74.79 -50.27
CA ALA D 14 0.20 74.34 -48.90
C ALA D 14 -1.10 74.62 -48.14
N GLY D 15 -1.38 73.77 -47.16
CA GLY D 15 -2.56 73.93 -46.33
C GLY D 15 -3.84 73.37 -46.89
N GLY D 16 -3.78 72.67 -48.02
CA GLY D 16 -4.96 72.11 -48.66
C GLY D 16 -5.23 70.67 -48.26
N SER D 17 -5.99 69.99 -49.12
CA SER D 17 -6.36 68.60 -48.92
C SER D 17 -6.00 67.81 -50.16
N LEU D 18 -5.71 66.52 -49.98
CA LEU D 18 -5.21 65.71 -51.07
C LEU D 18 -5.61 64.25 -50.85
N ARG D 19 -5.62 63.47 -51.93
CA ARG D 19 -6.12 62.10 -51.93
C ARG D 19 -5.23 61.25 -52.82
N LEU D 20 -4.41 60.39 -52.21
CA LEU D 20 -3.61 59.40 -52.92
C LEU D 20 -4.16 58.01 -52.68
N SER D 21 -4.31 57.24 -53.75
CA SER D 21 -4.86 55.90 -53.69
C SER D 21 -3.80 54.88 -54.07
N CYS D 22 -3.72 53.79 -53.30
CA CYS D 22 -2.92 52.64 -53.63
C CYS D 22 -3.81 51.41 -53.70
N VAL D 23 -3.74 50.69 -54.81
CA VAL D 23 -4.54 49.48 -55.03
C VAL D 23 -3.61 48.29 -55.09
N ALA D 24 -4.05 47.18 -54.51
CA ALA D 24 -3.28 45.95 -54.45
C ALA D 24 -4.13 44.78 -54.91
N SER D 25 -3.48 43.81 -55.56
CA SER D 25 -4.19 42.62 -56.02
C SER D 25 -4.75 41.82 -54.84
N GLU D 26 -3.97 41.67 -53.77
CA GLU D 26 -4.36 40.86 -52.64
C GLU D 26 -4.79 41.75 -51.47
N ARG D 27 -5.87 41.34 -50.81
CA ARG D 27 -6.35 42.04 -49.62
C ARG D 27 -5.32 41.89 -48.51
N THR D 28 -4.60 42.97 -48.22
CA THR D 28 -3.47 42.93 -47.31
C THR D 28 -3.54 44.21 -46.47
N TYR D 29 -2.47 44.51 -45.74
CA TYR D 29 -2.44 45.59 -44.75
C TYR D 29 -1.40 46.64 -45.12
N MET D 30 -1.32 46.98 -46.40
CA MET D 30 -0.29 47.89 -46.87
C MET D 30 -0.32 49.22 -46.15
N ALA D 31 0.85 49.67 -45.71
CA ALA D 31 1.04 50.94 -45.03
C ALA D 31 1.64 51.96 -45.99
N TRP D 32 1.95 53.14 -45.47
CA TRP D 32 2.49 54.22 -46.29
C TRP D 32 3.80 54.71 -45.70
N PHE D 33 4.79 54.93 -46.58
CA PHE D 33 6.11 55.40 -46.19
C PHE D 33 6.47 56.58 -47.08
N ARG D 34 7.27 57.51 -46.53
CA ARG D 34 7.71 58.68 -47.27
C ARG D 34 9.23 58.78 -47.23
N GLN D 35 9.81 59.36 -48.28
CA GLN D 35 11.25 59.54 -48.36
C GLN D 35 11.52 60.90 -48.98
N ALA D 36 12.08 61.81 -48.20
CA ALA D 36 12.51 63.07 -48.77
C ALA D 36 13.90 62.94 -49.36
N PRO D 37 14.24 63.72 -50.38
CA PRO D 37 15.58 63.61 -50.97
C PRO D 37 16.67 63.92 -49.96
N GLY D 38 17.77 63.18 -50.05
CA GLY D 38 18.88 63.35 -49.15
C GLY D 38 18.73 62.69 -47.79
N LYS D 39 17.66 61.93 -47.58
CA LYS D 39 17.46 61.30 -46.28
C LYS D 39 16.74 59.99 -46.46
N GLU D 40 16.84 59.17 -45.41
CA GLU D 40 16.29 57.82 -45.38
C GLU D 40 14.75 57.91 -45.34
N ARG D 41 14.11 56.84 -45.82
CA ARG D 41 12.66 56.81 -45.90
C ARG D 41 12.01 56.54 -44.54
N GLU D 42 10.88 57.20 -44.28
CA GLU D 42 10.16 57.04 -43.02
C GLU D 42 8.68 56.84 -43.30
N PHE D 43 8.00 56.27 -42.29
CA PHE D 43 6.59 55.94 -42.38
C PHE D 43 5.73 57.16 -42.07
N VAL D 44 4.43 57.06 -42.39
CA VAL D 44 3.44 58.03 -41.94
C VAL D 44 2.34 57.37 -41.12
N ALA D 45 1.90 56.19 -41.51
CA ALA D 45 0.76 55.54 -40.86
C ALA D 45 0.69 54.10 -41.36
N ALA D 46 -0.22 53.33 -40.76
CA ALA D 46 -0.41 51.93 -41.12
C ALA D 46 -1.82 51.51 -40.72
N ILE D 47 -2.25 50.37 -41.27
CA ILE D 47 -3.59 49.85 -41.03
C ILE D 47 -3.54 48.34 -41.15
N THR D 48 -4.43 47.66 -40.42
CA THR D 48 -4.50 46.21 -40.46
C THR D 48 -5.36 45.75 -41.64
N SER D 49 -5.48 44.43 -41.79
CA SER D 49 -6.25 43.89 -42.90
C SER D 49 -7.73 44.23 -42.78
N SER D 50 -8.30 44.11 -41.58
CA SER D 50 -9.71 44.41 -41.39
C SER D 50 -9.99 45.89 -41.61
N GLY D 51 -9.08 46.77 -41.18
CA GLY D 51 -9.22 48.19 -41.38
C GLY D 51 -9.94 48.94 -40.29
N MET D 52 -10.32 48.29 -39.19
CA MET D 52 -11.02 48.99 -38.12
C MET D 52 -10.07 49.61 -37.09
N MET D 53 -8.76 49.42 -37.23
CA MET D 53 -7.80 50.09 -36.37
C MET D 53 -6.63 50.59 -37.20
N THR D 54 -6.02 51.69 -36.74
CA THR D 54 -4.94 52.34 -37.47
C THR D 54 -3.87 52.82 -36.49
N GLU D 55 -2.77 53.30 -37.06
CA GLU D 55 -1.72 53.98 -36.31
C GLU D 55 -1.22 55.15 -37.15
N TYR D 56 -0.71 56.17 -36.49
CA TYR D 56 -0.26 57.38 -37.15
C TYR D 56 1.12 57.78 -36.64
N ALA D 57 1.87 58.49 -37.49
CA ALA D 57 3.17 59.00 -37.08
C ALA D 57 2.99 60.16 -36.09
N PRO D 58 3.90 60.28 -35.11
CA PRO D 58 3.72 61.30 -34.07
C PRO D 58 3.65 62.73 -34.62
N SER D 59 4.26 62.99 -35.77
CA SER D 59 4.19 64.31 -36.36
C SER D 59 2.89 64.58 -37.12
N VAL D 60 2.06 63.55 -37.31
CA VAL D 60 0.81 63.72 -38.06
C VAL D 60 -0.36 63.22 -37.23
N LYS D 61 -0.24 63.28 -35.90
CA LYS D 61 -1.36 62.93 -35.03
C LYS D 61 -2.60 63.73 -35.37
N GLY D 62 -3.73 63.04 -35.47
CA GLY D 62 -5.01 63.69 -35.63
C GLY D 62 -5.17 64.52 -36.88
N ARG D 63 -4.41 64.23 -37.93
CA ARG D 63 -4.51 65.02 -39.15
C ARG D 63 -4.73 64.13 -40.37
N PHE D 64 -4.20 62.91 -40.35
CA PHE D 64 -4.29 62.00 -41.48
C PHE D 64 -5.05 60.75 -41.06
N THR D 65 -5.84 60.19 -41.97
CA THR D 65 -6.69 59.05 -41.68
C THR D 65 -6.63 58.05 -42.83
N ILE D 66 -6.51 56.76 -42.48
CA ILE D 66 -6.49 55.68 -43.46
C ILE D 66 -7.86 55.01 -43.48
N SER D 67 -8.36 54.74 -44.67
CA SER D 67 -9.57 53.94 -44.84
C SER D 67 -9.31 52.92 -45.94
N ARG D 68 -10.04 51.81 -45.88
CA ARG D 68 -9.91 50.74 -46.86
C ARG D 68 -11.28 50.35 -47.38
N ASP D 69 -11.31 49.86 -48.61
CA ASP D 69 -12.54 49.40 -49.24
C ASP D 69 -12.57 47.88 -49.23
N ASN D 70 -13.73 47.32 -48.87
CA ASN D 70 -13.87 45.87 -48.85
C ASN D 70 -13.93 45.28 -50.24
N ALA D 71 -14.47 46.02 -51.22
CA ALA D 71 -14.69 45.48 -52.55
C ALA D 71 -13.51 45.75 -53.50
N LYS D 72 -13.22 47.04 -53.74
CA LYS D 72 -12.19 47.38 -54.70
C LYS D 72 -10.78 47.03 -54.24
N ASN D 73 -10.61 46.67 -52.96
CA ASN D 73 -9.32 46.26 -52.41
C ASN D 73 -8.28 47.37 -52.60
N THR D 74 -8.54 48.50 -51.96
CA THR D 74 -7.65 49.66 -52.00
C THR D 74 -7.65 50.34 -50.64
N VAL D 75 -6.93 51.45 -50.55
CA VAL D 75 -6.83 52.22 -49.32
C VAL D 75 -7.17 53.68 -49.59
N TYR D 76 -7.82 54.31 -48.62
CA TYR D 76 -8.21 55.71 -48.70
C TYR D 76 -7.43 56.49 -47.66
N LEU D 77 -6.51 57.33 -48.11
CA LEU D 77 -5.72 58.20 -47.24
C LEU D 77 -6.01 59.65 -47.60
N GLN D 78 -6.41 60.44 -46.61
CA GLN D 78 -6.77 61.83 -46.81
C GLN D 78 -5.70 62.74 -46.22
N MET D 79 -5.34 63.78 -46.96
CA MET D 79 -4.27 64.68 -46.55
C MET D 79 -4.77 66.11 -46.37
N ASN D 80 -5.90 66.28 -45.69
CA ASN D 80 -6.37 67.62 -45.38
C ASN D 80 -5.39 68.33 -44.46
N SER D 81 -5.35 69.66 -44.58
CA SER D 81 -4.41 70.50 -43.84
C SER D 81 -2.97 70.10 -44.14
N LEU D 82 -2.58 70.27 -45.41
CA LEU D 82 -1.25 69.90 -45.84
C LEU D 82 -0.20 70.78 -45.16
N LYS D 83 0.97 70.18 -44.90
CA LYS D 83 2.09 70.86 -44.27
C LYS D 83 3.13 71.19 -45.33
N PRO D 84 3.71 72.40 -45.32
CA PRO D 84 4.67 72.76 -46.36
C PRO D 84 5.89 71.87 -46.42
N GLU D 85 6.31 71.31 -45.29
CA GLU D 85 7.50 70.44 -45.24
C GLU D 85 7.12 68.97 -45.34
N ASP D 86 6.01 68.65 -46.03
CA ASP D 86 5.55 67.29 -46.20
C ASP D 86 5.82 66.76 -47.60
N THR D 87 6.64 67.45 -48.39
CA THR D 87 6.91 67.06 -49.77
C THR D 87 7.92 65.92 -49.80
N ALA D 88 7.52 64.80 -50.39
CA ALA D 88 8.38 63.63 -50.56
C ALA D 88 7.65 62.63 -51.45
N VAL D 89 8.34 61.56 -51.80
CA VAL D 89 7.71 60.44 -52.49
C VAL D 89 7.07 59.53 -51.45
N TYR D 90 5.81 59.17 -51.67
CA TYR D 90 5.05 58.36 -50.73
C TYR D 90 4.89 56.96 -51.29
N TYR D 91 5.28 55.96 -50.51
CA TYR D 91 5.28 54.57 -50.92
C TYR D 91 4.15 53.81 -50.24
N CYS D 92 3.66 52.77 -50.91
CA CYS D 92 2.68 51.85 -50.34
C CYS D 92 3.20 50.43 -50.50
N ALA D 93 3.30 49.71 -49.38
CA ALA D 93 3.91 48.38 -49.36
C ALA D 93 3.42 47.63 -48.14
N ALA D 94 3.68 46.33 -48.12
CA ALA D 94 3.23 45.48 -47.02
C ALA D 94 4.05 44.20 -47.00
N ASP D 95 3.60 43.24 -46.20
CA ASP D 95 4.13 41.88 -46.14
C ASP D 95 2.96 40.92 -46.14
N LEU D 96 3.21 39.66 -45.79
CA LEU D 96 2.16 38.64 -45.75
C LEU D 96 2.09 37.91 -44.42
N ARG D 97 2.54 38.52 -43.33
CA ARG D 97 2.53 37.87 -42.03
C ARG D 97 1.74 38.62 -40.96
N GLN D 98 1.02 39.69 -41.33
CA GLN D 98 0.22 40.47 -40.38
C GLN D 98 1.07 40.91 -39.18
N ARG D 99 2.25 41.47 -39.49
CA ARG D 99 3.13 42.02 -38.47
C ARG D 99 2.91 43.52 -38.39
N PHE D 100 1.76 43.89 -37.81
CA PHE D 100 1.35 45.28 -37.75
C PHE D 100 2.29 46.08 -36.87
N GLY D 101 2.43 47.37 -37.21
CA GLY D 101 3.31 48.24 -36.45
C GLY D 101 4.78 47.98 -36.68
N GLU D 102 5.14 47.34 -37.78
CA GLU D 102 6.51 46.90 -38.03
C GLU D 102 7.26 48.10 -38.60
N ARG D 103 7.67 48.99 -37.68
CA ARG D 103 8.10 50.33 -38.05
C ARG D 103 9.41 50.31 -38.84
N VAL D 104 10.40 49.55 -38.36
CA VAL D 104 11.65 49.44 -39.08
C VAL D 104 11.44 48.69 -40.38
N THR D 105 12.26 49.00 -41.39
CA THR D 105 12.01 48.62 -42.77
C THR D 105 12.34 47.15 -43.00
N GLU D 106 11.35 46.28 -42.83
CA GLU D 106 11.34 44.92 -43.37
C GLU D 106 9.99 44.59 -43.98
N TYR D 107 9.44 45.53 -44.76
CA TYR D 107 8.34 45.23 -45.67
C TYR D 107 8.89 44.77 -47.00
N ASP D 108 8.20 43.84 -47.63
CA ASP D 108 8.61 43.35 -48.94
C ASP D 108 7.86 44.06 -50.06
N TYR D 109 8.34 43.88 -51.28
CA TYR D 109 7.67 44.31 -52.52
C TYR D 109 7.13 45.74 -52.42
N TRP D 110 8.06 46.67 -52.17
CA TRP D 110 7.70 48.06 -52.03
C TRP D 110 7.15 48.64 -53.33
N GLY D 111 6.12 49.48 -53.21
CA GLY D 111 5.57 50.14 -54.37
C GLY D 111 6.53 51.17 -54.96
N GLN D 112 6.27 51.53 -56.22
CA GLN D 112 7.16 52.44 -56.92
C GLN D 112 6.86 53.90 -56.60
N GLY D 113 5.71 54.19 -55.98
CA GLY D 113 5.46 55.47 -55.36
C GLY D 113 5.07 56.59 -56.32
N THR D 114 4.70 57.73 -55.73
CA THR D 114 4.34 58.95 -56.46
C THR D 114 4.93 60.15 -55.75
N GLN D 115 5.72 60.94 -56.48
CA GLN D 115 6.15 62.23 -55.97
C GLN D 115 4.96 63.17 -55.81
N VAL D 116 4.92 63.89 -54.70
CA VAL D 116 3.97 64.96 -54.48
C VAL D 116 4.74 66.16 -53.96
N THR D 117 4.42 67.34 -54.50
CA THR D 117 5.07 68.58 -54.10
C THR D 117 4.08 69.51 -53.43
N VAL D 118 4.57 70.25 -52.45
CA VAL D 118 3.78 71.22 -51.70
C VAL D 118 4.43 72.59 -51.90
N SER D 119 3.63 73.54 -52.36
CA SER D 119 4.09 74.90 -52.62
C SER D 119 3.49 75.84 -51.58
N SER D 120 4.31 76.74 -51.05
CA SER D 120 3.86 77.71 -50.08
C SER D 120 3.43 79.02 -50.75
N LYS E 244 -2.96 17.37 18.70
CA LYS E 244 -3.90 17.16 19.79
C LYS E 244 -3.15 16.70 21.03
N ILE E 245 -3.74 16.94 22.20
CA ILE E 245 -3.10 16.58 23.46
C ILE E 245 -3.14 15.07 23.61
N GLN E 246 -1.97 14.45 23.77
CA GLN E 246 -1.86 12.99 23.89
C GLN E 246 -2.03 12.61 25.35
N ILE E 247 -3.21 12.08 25.69
CA ILE E 247 -3.49 11.62 27.04
C ILE E 247 -2.95 10.19 27.15
N GLN E 248 -1.81 10.03 27.83
CA GLN E 248 -1.17 8.73 27.92
C GLN E 248 -0.43 8.60 29.24
N ARG E 249 -0.16 7.35 29.62
CA ARG E 249 0.56 7.09 30.86
C ARG E 249 2.03 7.42 30.74
N SER E 250 2.63 7.10 29.59
CA SER E 250 4.04 7.40 29.37
C SER E 250 4.27 8.90 29.29
N GLY E 251 5.35 9.36 29.92
CA GLY E 251 5.68 10.77 29.89
C GLY E 251 4.88 11.58 30.89
N HIS E 252 5.20 12.87 30.93
CA HIS E 252 4.57 13.82 31.82
C HIS E 252 3.98 14.95 30.99
N LEU E 253 2.82 15.45 31.42
CA LEU E 253 2.11 16.50 30.71
C LEU E 253 2.29 17.83 31.44
N ASN E 254 2.55 18.88 30.67
CA ASN E 254 2.46 20.24 31.18
C ASN E 254 1.35 21.00 30.44
N LEU E 255 0.46 21.61 31.20
CA LEU E 255 -0.52 22.54 30.67
C LEU E 255 -0.22 23.93 31.23
N TYR E 256 0.01 24.89 30.33
CA TYR E 256 0.30 26.26 30.74
C TYR E 256 -0.84 27.15 30.23
N LEU E 257 -1.66 27.62 31.16
CA LEU E 257 -2.86 28.36 30.81
C LEU E 257 -2.61 29.84 31.04
N LEU E 258 -2.74 30.63 29.97
CA LEU E 258 -2.46 32.06 30.00
C LEU E 258 -3.76 32.83 29.98
N LEU E 259 -3.93 33.74 30.93
CA LEU E 259 -5.19 34.46 31.13
C LEU E 259 -4.99 35.91 30.75
N ASP E 260 -5.80 36.41 29.82
CA ASP E 260 -5.75 37.81 29.41
C ASP E 260 -6.52 38.64 30.42
N CYS E 261 -5.84 39.57 31.08
CA CYS E 261 -6.45 40.46 32.07
C CYS E 261 -6.47 41.91 31.59
N SER E 262 -6.46 42.11 30.27
CA SER E 262 -6.49 43.46 29.71
C SER E 262 -7.81 44.14 30.02
N GLN E 263 -7.78 45.47 30.06
CA GLN E 263 -8.99 46.23 30.35
C GLN E 263 -10.04 46.04 29.26
N SER E 264 -9.62 45.74 28.03
CA SER E 264 -10.57 45.42 26.97
C SER E 264 -11.43 44.23 27.34
N VAL E 265 -10.86 43.27 28.07
CA VAL E 265 -11.64 42.17 28.63
C VAL E 265 -12.25 42.64 29.94
N SER E 266 -13.57 42.58 30.04
CA SER E 266 -14.25 43.05 31.24
C SER E 266 -14.10 42.02 32.36
N GLU E 267 -14.48 42.45 33.57
CA GLU E 267 -14.33 41.61 34.74
C GLU E 267 -15.18 40.34 34.65
N ASN E 268 -16.42 40.48 34.15
CA ASN E 268 -17.28 39.32 34.00
C ASN E 268 -16.71 38.34 32.97
N ASP E 269 -16.09 38.85 31.91
CA ASP E 269 -15.44 37.98 30.94
C ASP E 269 -14.28 37.24 31.58
N PHE E 270 -13.54 37.89 32.48
CA PHE E 270 -12.46 37.21 33.19
C PHE E 270 -13.02 36.13 34.12
N LEU E 271 -14.18 36.39 34.73
CA LEU E 271 -14.84 35.35 35.53
C LEU E 271 -15.24 34.16 34.66
N ILE E 272 -15.74 34.44 33.44
CA ILE E 272 -16.05 33.37 32.51
C ILE E 272 -14.78 32.59 32.16
N PHE E 273 -13.67 33.30 31.97
CA PHE E 273 -12.39 32.64 31.73
C PHE E 273 -12.02 31.73 32.89
N LYS E 274 -12.21 32.20 34.12
CA LYS E 274 -11.86 31.38 35.28
C LYS E 274 -12.76 30.16 35.40
N GLU E 275 -14.05 30.31 35.08
CA GLU E 275 -14.96 29.16 35.07
C GLU E 275 -14.53 28.13 34.03
N SER E 276 -14.23 28.60 32.82
CA SER E 276 -13.76 27.69 31.78
C SER E 276 -12.47 27.02 32.21
N ALA E 277 -11.56 27.79 32.83
CA ALA E 277 -10.31 27.23 33.33
C ALA E 277 -10.56 26.17 34.38
N SER E 278 -11.55 26.39 35.25
CA SER E 278 -11.88 25.42 36.28
C SER E 278 -12.30 24.10 35.65
N LEU E 279 -13.23 24.16 34.68
CA LEU E 279 -13.62 22.91 34.00
C LEU E 279 -12.44 22.31 33.24
N MET E 280 -11.60 23.15 32.65
CA MET E 280 -10.46 22.70 31.86
C MET E 280 -9.51 21.89 32.72
N VAL E 281 -9.15 22.41 33.90
CA VAL E 281 -8.23 21.70 34.76
C VAL E 281 -8.89 20.48 35.39
N ASP E 282 -10.20 20.53 35.65
CA ASP E 282 -10.88 19.36 36.18
C ASP E 282 -10.85 18.20 35.18
N ARG E 283 -11.04 18.49 33.89
CA ARG E 283 -11.13 17.41 32.91
C ARG E 283 -9.82 16.63 32.82
N ILE E 284 -8.69 17.32 32.77
CA ILE E 284 -7.39 16.65 32.61
C ILE E 284 -7.10 15.77 33.82
N PHE E 285 -7.29 16.31 35.03
CA PHE E 285 -6.96 15.54 36.23
C PHE E 285 -7.90 14.37 36.45
N SER E 286 -9.00 14.28 35.71
CA SER E 286 -9.88 13.12 35.81
C SER E 286 -9.25 11.88 35.20
N PHE E 287 -8.31 12.04 34.28
CA PHE E 287 -7.65 10.89 33.66
C PHE E 287 -6.52 10.34 34.51
N GLU E 288 -6.16 11.02 35.61
CA GLU E 288 -5.19 10.50 36.58
C GLU E 288 -3.84 10.21 35.93
N ILE E 289 -3.36 11.13 35.10
CA ILE E 289 -2.07 10.99 34.45
C ILE E 289 -1.10 12.00 35.07
N ASN E 290 0.18 11.84 34.75
CA ASN E 290 1.20 12.80 35.17
C ASN E 290 0.99 14.09 34.40
N VAL E 291 0.39 15.08 35.06
CA VAL E 291 0.17 16.40 34.46
C VAL E 291 0.61 17.45 35.46
N SER E 292 1.34 18.46 34.98
CA SER E 292 1.72 19.61 35.78
C SER E 292 1.10 20.84 35.16
N VAL E 293 0.38 21.62 35.98
CA VAL E 293 -0.42 22.74 35.50
C VAL E 293 0.11 24.03 36.10
N ALA E 294 0.35 25.02 35.26
CA ALA E 294 0.76 26.35 35.68
C ALA E 294 -0.18 27.38 35.04
N ILE E 295 -0.58 28.37 35.83
CA ILE E 295 -1.48 29.42 35.38
C ILE E 295 -0.76 30.76 35.47
N ILE E 296 -0.97 31.61 34.47
CA ILE E 296 -0.38 32.94 34.41
C ILE E 296 -1.42 33.92 33.88
N THR E 297 -1.49 35.09 34.51
CA THR E 297 -2.37 36.16 34.07
C THR E 297 -1.51 37.31 33.56
N PHE E 298 -1.96 37.95 32.49
CA PHE E 298 -1.18 39.01 31.86
C PHE E 298 -2.10 40.06 31.25
N ALA E 299 -1.86 41.33 31.58
CA ALA E 299 -2.39 42.44 30.81
C ALA E 299 -1.27 43.24 30.17
N SER E 300 -0.36 43.79 30.97
CA SER E 300 0.85 44.43 30.47
C SER E 300 2.12 43.75 30.92
N GLU E 301 2.07 42.94 31.97
CA GLU E 301 3.18 42.15 32.48
C GLU E 301 2.66 40.78 32.88
N PRO E 302 3.50 39.76 32.81
CA PRO E 302 3.04 38.41 33.20
C PRO E 302 3.11 38.21 34.70
N LYS E 303 2.07 37.58 35.25
CA LYS E 303 1.99 37.26 36.66
C LYS E 303 1.89 35.75 36.80
N VAL E 304 2.96 35.12 37.28
CA VAL E 304 3.02 33.66 37.39
C VAL E 304 2.35 33.30 38.71
N LEU E 305 1.04 33.05 38.65
CA LEU E 305 0.31 32.65 39.84
C LEU E 305 0.65 31.22 40.26
N MET E 306 1.23 30.43 39.36
CA MET E 306 1.65 29.08 39.69
C MET E 306 2.71 28.64 38.69
N SER E 307 3.69 27.88 39.17
CA SER E 307 4.79 27.40 38.35
C SER E 307 4.87 25.88 38.40
N VAL E 308 5.13 25.27 37.24
CA VAL E 308 5.31 23.82 37.19
C VAL E 308 6.56 23.39 37.94
N LEU E 309 7.52 24.29 38.13
CA LEU E 309 8.70 23.97 38.91
C LEU E 309 8.33 23.63 40.35
N ASN E 310 7.31 24.29 40.89
CA ASN E 310 6.78 23.92 42.20
C ASN E 310 6.07 22.57 42.11
N ASP E 311 6.26 21.74 43.14
CA ASP E 311 5.66 20.41 43.15
C ASP E 311 4.14 20.46 43.30
N ASN E 312 3.59 21.58 43.76
CA ASN E 312 2.14 21.71 43.90
C ASN E 312 1.44 21.82 42.55
N SER E 313 2.18 21.99 41.46
CA SER E 313 1.56 22.04 40.14
C SER E 313 0.89 20.73 39.77
N ARG E 314 1.36 19.62 40.34
CA ARG E 314 0.75 18.32 40.12
C ARG E 314 -0.43 18.05 41.05
N ASP E 315 -0.75 18.98 41.95
CA ASP E 315 -1.83 18.82 42.90
C ASP E 315 -3.06 19.58 42.42
N MET E 316 -4.21 18.89 42.41
CA MET E 316 -5.44 19.50 41.93
C MET E 316 -5.89 20.65 42.84
N THR E 317 -5.84 20.44 44.15
CA THR E 317 -6.39 21.43 45.08
C THR E 317 -5.59 22.72 45.06
N GLU E 318 -4.27 22.63 45.05
CA GLU E 318 -3.44 23.84 45.01
C GLU E 318 -3.68 24.60 43.72
N VAL E 319 -3.79 23.89 42.60
CA VAL E 319 -4.01 24.55 41.32
C VAL E 319 -5.35 25.26 41.29
N ILE E 320 -6.41 24.61 41.77
CA ILE E 320 -7.73 25.25 41.72
C ILE E 320 -7.80 26.41 42.70
N SER E 321 -7.16 26.28 43.86
CA SER E 321 -7.12 27.38 44.82
C SER E 321 -6.41 28.59 44.22
N SER E 322 -5.26 28.36 43.58
CA SER E 322 -4.55 29.46 42.93
C SER E 322 -5.34 30.02 41.76
N LEU E 323 -6.12 29.17 41.08
CA LEU E 323 -6.99 29.65 40.01
C LEU E 323 -8.02 30.63 40.54
N GLU E 324 -8.66 30.29 41.65
CA GLU E 324 -9.63 31.20 42.25
C GLU E 324 -8.99 32.35 43.01
N ASN E 325 -7.68 32.28 43.29
CA ASN E 325 -6.99 33.41 43.89
C ASN E 325 -6.80 34.56 42.90
N ALA E 326 -6.95 34.30 41.61
CA ALA E 326 -6.77 35.34 40.61
C ALA E 326 -7.81 36.44 40.79
N ASN E 327 -7.37 37.69 40.70
CA ASN E 327 -8.23 38.85 40.83
C ASN E 327 -8.10 39.72 39.59
N TYR E 328 -9.24 40.25 39.13
CA TYR E 328 -9.24 41.08 37.94
C TYR E 328 -8.48 42.39 38.15
N LYS E 329 -8.33 42.83 39.38
CA LYS E 329 -7.66 44.09 39.68
C LYS E 329 -6.17 43.92 39.93
N ASP E 330 -5.63 42.71 39.79
CA ASP E 330 -4.20 42.50 39.97
C ASP E 330 -3.38 43.23 38.92
N HIS E 331 -3.97 43.56 37.77
CA HIS E 331 -3.31 44.29 36.71
C HIS E 331 -3.85 45.71 36.59
N GLU E 332 -4.13 46.33 37.72
CA GLU E 332 -4.69 47.68 37.72
C GLU E 332 -3.71 48.70 37.14
N ASN E 333 -2.43 48.58 37.49
CA ASN E 333 -1.44 49.55 37.03
C ASN E 333 -1.23 49.46 35.52
N GLY E 334 -1.17 48.25 34.98
CA GLY E 334 -1.01 48.08 33.55
C GLY E 334 -2.19 47.35 32.93
N THR E 335 -2.98 48.06 32.13
CA THR E 335 -4.22 47.53 31.58
C THR E 335 -4.13 47.20 30.10
N GLY E 336 -2.95 47.29 29.50
CA GLY E 336 -2.79 47.03 28.08
C GLY E 336 -2.90 45.56 27.73
N THR E 337 -2.40 45.18 26.55
CA THR E 337 -2.38 43.79 26.10
C THR E 337 -0.95 43.45 25.67
N ASN E 338 -0.31 42.56 26.43
CA ASN E 338 1.07 42.16 26.19
C ASN E 338 1.17 40.64 26.18
N THR E 339 0.93 40.04 25.00
CA THR E 339 1.04 38.58 24.87
C THR E 339 2.50 38.14 24.84
N TYR E 340 3.38 38.96 24.27
CA TYR E 340 4.80 38.62 24.20
C TYR E 340 5.39 38.40 25.58
N ALA E 341 5.00 39.23 26.55
CA ALA E 341 5.50 39.07 27.91
C ALA E 341 5.09 37.72 28.48
N ALA E 342 3.85 37.31 28.25
CA ALA E 342 3.39 36.02 28.74
C ALA E 342 4.17 34.87 28.10
N LEU E 343 4.36 34.93 26.77
CA LEU E 343 5.09 33.87 26.10
C LEU E 343 6.54 33.82 26.58
N ASN E 344 7.15 35.00 26.80
CA ASN E 344 8.51 35.06 27.30
C ASN E 344 8.62 34.51 28.70
N SER E 345 7.60 34.75 29.54
CA SER E 345 7.58 34.14 30.87
C SER E 345 7.53 32.62 30.76
N VAL E 346 6.73 32.11 29.82
CA VAL E 346 6.71 30.67 29.59
C VAL E 346 8.09 30.16 29.20
N TYR E 347 8.78 30.89 28.34
CA TYR E 347 10.13 30.51 27.94
C TYR E 347 11.11 30.50 29.12
N LEU E 348 11.06 31.54 29.95
CA LEU E 348 11.98 31.61 31.09
C LEU E 348 11.73 30.44 32.04
N MET E 349 10.45 30.13 32.25
CA MET E 349 10.03 28.92 32.97
C MET E 349 10.66 27.67 32.38
N MET E 350 10.55 27.49 31.07
CA MET E 350 11.06 26.26 30.45
C MET E 350 12.57 26.16 30.60
N ASN E 351 13.27 27.29 30.44
CA ASN E 351 14.71 27.28 30.60
C ASN E 351 15.11 26.89 32.01
N ASN E 352 14.42 27.45 33.02
CA ASN E 352 14.76 27.09 34.39
C ASN E 352 14.47 25.62 34.66
N GLN E 353 13.38 25.11 34.11
CA GLN E 353 13.05 23.70 34.35
C GLN E 353 14.09 22.77 33.73
N MET E 354 14.51 23.04 32.49
CA MET E 354 15.52 22.18 31.87
C MET E 354 16.86 22.31 32.58
N ARG E 355 17.15 23.49 33.14
CA ARG E 355 18.34 23.62 34.00
C ARG E 355 18.22 22.72 35.22
N LEU E 356 17.05 22.69 35.85
CA LEU E 356 16.89 21.89 37.07
C LEU E 356 16.99 20.40 36.78
N LEU E 357 16.36 19.93 35.71
CA LEU E 357 16.30 18.49 35.49
C LEU E 357 17.49 17.97 34.68
N GLY E 358 17.82 18.61 33.57
CA GLY E 358 18.94 18.16 32.77
C GLY E 358 18.65 18.13 31.29
N MET E 359 19.64 18.46 30.48
CA MET E 359 19.43 18.52 29.03
C MET E 359 19.24 17.13 28.42
N GLU E 360 20.09 16.18 28.79
CA GLU E 360 20.04 14.84 28.24
C GLU E 360 19.22 13.88 29.08
N THR E 361 18.72 14.33 30.24
CA THR E 361 17.90 13.49 31.09
C THR E 361 16.56 13.22 30.43
N MET E 362 16.01 12.03 30.73
CA MET E 362 14.72 11.66 30.15
C MET E 362 13.56 12.41 30.80
N ALA E 363 13.76 12.97 32.00
CA ALA E 363 12.71 13.74 32.65
C ALA E 363 12.29 14.95 31.84
N TRP E 364 13.20 15.49 31.01
CA TRP E 364 12.86 16.55 30.08
C TRP E 364 12.46 16.02 28.71
N GLN E 365 12.95 14.83 28.34
CA GLN E 365 12.64 14.27 27.03
C GLN E 365 11.19 13.80 26.93
N GLU E 366 10.72 13.07 27.94
CA GLU E 366 9.40 12.44 27.87
C GLU E 366 8.27 13.45 27.88
N ILE E 367 8.51 14.66 28.36
CA ILE E 367 7.43 15.61 28.62
C ILE E 367 6.94 16.22 27.32
N ARG E 368 5.62 16.23 27.14
CA ARG E 368 4.95 16.90 26.04
C ARG E 368 4.21 18.12 26.58
N HIS E 369 4.44 19.27 25.96
CA HIS E 369 3.98 20.54 26.50
C HIS E 369 2.81 21.09 25.69
N ALA E 370 1.80 21.60 26.38
CA ALA E 370 0.65 22.23 25.77
C ALA E 370 0.38 23.57 26.44
N ILE E 371 0.14 24.59 25.62
CA ILE E 371 -0.14 25.94 26.09
C ILE E 371 -1.46 26.40 25.48
N ILE E 372 -2.35 26.93 26.31
CA ILE E 372 -3.69 27.34 25.89
C ILE E 372 -3.89 28.81 26.22
N LEU E 373 -4.35 29.57 25.23
CA LEU E 373 -4.62 31.01 25.36
C LEU E 373 -6.13 31.24 25.33
N LEU E 374 -6.65 31.85 26.39
CA LEU E 374 -8.03 32.30 26.45
C LEU E 374 -8.01 33.83 26.40
N THR E 375 -8.05 34.37 25.18
CA THR E 375 -7.90 35.81 24.99
C THR E 375 -8.64 36.24 23.73
N ASP E 376 -8.92 37.54 23.65
CA ASP E 376 -9.51 38.10 22.45
C ASP E 376 -8.47 38.27 21.34
N GLY E 377 -7.19 38.27 21.67
CA GLY E 377 -6.12 38.31 20.69
C GLY E 377 -5.71 39.67 20.20
N LYS E 378 -6.41 40.73 20.61
CA LYS E 378 -6.10 42.08 20.13
C LYS E 378 -4.90 42.64 20.87
N SER E 379 -3.73 42.06 20.59
CA SER E 379 -2.49 42.55 21.14
C SER E 379 -2.12 43.89 20.50
N ASN E 380 -1.51 44.76 21.29
CA ASN E 380 -1.19 46.10 20.83
C ASN E 380 0.19 46.61 21.21
N MET E 381 0.97 45.86 21.99
CA MET E 381 2.34 46.25 22.30
C MET E 381 3.08 45.01 22.80
N GLY E 382 4.35 45.21 23.17
CA GLY E 382 5.19 44.13 23.62
C GLY E 382 5.87 43.36 22.51
N GLY E 383 5.45 43.55 21.27
CA GLY E 383 6.04 42.84 20.15
C GLY E 383 5.14 41.72 19.65
N SER E 384 5.42 41.27 18.45
CA SER E 384 4.60 40.25 17.81
C SER E 384 4.81 38.91 18.51
N PRO E 385 3.75 38.26 19.00
CA PRO E 385 3.95 37.00 19.75
C PRO E 385 4.53 35.88 18.92
N LYS E 386 4.46 35.96 17.59
CA LYS E 386 4.94 34.86 16.75
C LYS E 386 6.44 34.63 16.91
N THR E 387 7.20 35.69 17.15
CA THR E 387 8.62 35.51 17.40
C THR E 387 8.87 34.70 18.67
N ALA E 388 8.08 34.93 19.71
CA ALA E 388 8.18 34.11 20.92
C ALA E 388 7.69 32.69 20.67
N VAL E 389 6.67 32.53 19.81
CA VAL E 389 6.22 31.20 19.43
C VAL E 389 7.35 30.42 18.78
N ASP E 390 8.09 31.08 17.89
CA ASP E 390 9.26 30.45 17.30
C ASP E 390 10.35 30.24 18.34
N HIS E 391 10.49 31.18 19.28
CA HIS E 391 11.53 31.09 20.30
C HIS E 391 11.37 29.85 21.16
N ILE E 392 10.14 29.55 21.56
CA ILE E 392 9.89 28.35 22.37
C ILE E 392 10.07 27.07 21.56
N ARG E 393 10.12 27.17 20.23
CA ARG E 393 10.26 25.98 19.41
C ARG E 393 11.68 25.40 19.48
N GLU E 394 12.71 26.24 19.37
CA GLU E 394 14.06 25.70 19.34
C GLU E 394 14.50 25.19 20.71
N ILE E 395 13.97 25.78 21.79
CA ILE E 395 14.31 25.29 23.12
C ILE E 395 13.74 23.90 23.34
N LEU E 396 12.75 23.51 22.55
CA LEU E 396 12.20 22.15 22.57
C LEU E 396 12.55 21.40 21.28
N ASN E 397 13.24 22.05 20.34
CA ASN E 397 13.67 21.45 19.09
C ASN E 397 12.48 20.90 18.31
N ILE E 398 11.56 21.80 17.96
CA ILE E 398 10.32 21.44 17.30
C ILE E 398 10.57 21.27 15.81
N ASN E 399 10.29 20.08 15.31
CA ASN E 399 10.33 19.80 13.87
C ASN E 399 9.29 18.73 13.59
N GLN E 400 9.37 18.10 12.42
CA GLN E 400 8.38 17.09 12.05
C GLN E 400 8.43 15.89 12.99
N LYS E 401 9.60 15.56 13.53
CA LYS E 401 9.71 14.37 14.36
C LYS E 401 9.26 14.62 15.80
N ARG E 402 9.23 15.88 16.26
CA ARG E 402 8.68 16.18 17.57
C ARG E 402 7.41 17.01 17.47
N ASN E 403 6.53 16.69 16.52
CA ASN E 403 5.33 17.52 16.36
C ASN E 403 4.39 17.38 17.56
N ASP E 404 4.31 16.19 18.13
CA ASP E 404 3.37 15.92 19.22
C ASP E 404 3.80 16.53 20.55
N TYR E 405 5.02 17.02 20.67
CA TYR E 405 5.52 17.54 21.93
C TYR E 405 5.08 18.97 22.22
N LEU E 406 4.52 19.66 21.24
CA LEU E 406 4.08 21.05 21.43
C LEU E 406 2.65 21.19 20.91
N ASP E 407 1.83 21.90 21.67
CA ASP E 407 0.45 22.19 21.28
C ASP E 407 0.10 23.58 21.77
N ILE E 408 -0.33 24.45 20.86
CA ILE E 408 -0.65 25.83 21.16
C ILE E 408 -2.06 26.13 20.66
N TYR E 409 -2.86 26.78 21.51
CA TYR E 409 -4.27 27.04 21.19
C TYR E 409 -4.66 28.42 21.68
N ALA E 410 -5.41 29.14 20.86
CA ALA E 410 -5.91 30.47 21.19
C ALA E 410 -7.41 30.49 20.94
N ILE E 411 -8.19 30.51 22.02
CA ILE E 411 -9.64 30.43 21.95
C ILE E 411 -10.25 31.62 22.66
N GLY E 412 -11.24 32.25 22.02
CA GLY E 412 -11.95 33.36 22.64
C GLY E 412 -13.31 32.93 23.16
N VAL E 413 -13.48 32.99 24.48
CA VAL E 413 -14.71 32.52 25.14
C VAL E 413 -15.34 33.69 25.87
N GLY E 414 -16.63 33.89 25.64
CA GLY E 414 -17.40 34.93 26.30
C GLY E 414 -17.91 35.97 25.33
N LYS E 415 -18.56 36.99 25.90
CA LYS E 415 -19.08 38.11 25.11
C LYS E 415 -17.94 39.07 24.81
N LEU E 416 -17.10 38.66 23.87
CA LEU E 416 -15.87 39.37 23.53
C LEU E 416 -15.88 39.75 22.06
N ASP E 417 -15.39 40.95 21.76
CA ASP E 417 -15.12 41.35 20.38
C ASP E 417 -13.83 40.66 19.97
N VAL E 418 -13.96 39.49 19.38
CA VAL E 418 -12.82 38.62 19.11
C VAL E 418 -12.26 38.93 17.73
N ASP E 419 -10.94 39.12 17.68
CA ASP E 419 -10.23 39.31 16.41
C ASP E 419 -9.84 37.94 15.89
N TRP E 420 -10.55 37.46 14.86
CA TRP E 420 -10.33 36.11 14.35
C TRP E 420 -8.95 35.96 13.72
N ARG E 421 -8.46 37.02 13.06
CA ARG E 421 -7.16 36.95 12.41
C ARG E 421 -6.03 36.72 13.42
N GLU E 422 -6.11 37.40 14.56
CA GLU E 422 -5.03 37.29 15.55
C GLU E 422 -4.93 35.88 16.12
N LEU E 423 -6.07 35.22 16.36
CA LEU E 423 -6.05 33.88 16.95
C LEU E 423 -5.43 32.85 16.02
N ASN E 424 -5.39 33.12 14.71
CA ASN E 424 -4.85 32.14 13.77
C ASN E 424 -3.33 32.02 13.89
N GLU E 425 -2.63 33.14 14.00
CA GLU E 425 -1.17 33.10 14.06
C GLU E 425 -0.70 32.43 15.34
N LEU E 426 -1.26 32.84 16.48
CA LEU E 426 -0.91 32.20 17.75
C LEU E 426 -1.29 30.73 17.75
N GLY E 427 -2.54 30.44 17.39
CA GLY E 427 -2.98 29.06 17.28
C GLY E 427 -2.74 28.51 15.89
N SER E 428 -1.46 28.29 15.56
CA SER E 428 -1.11 27.79 14.24
C SER E 428 -1.64 26.37 14.04
N LYS E 429 -2.21 26.13 12.87
CA LYS E 429 -2.76 24.82 12.56
C LYS E 429 -1.66 23.81 12.28
N LYS E 430 -1.77 22.63 12.88
CA LYS E 430 -0.93 21.50 12.55
C LYS E 430 -1.79 20.45 11.88
N ASP E 431 -1.29 19.85 10.80
CA ASP E 431 -1.99 18.80 10.05
C ASP E 431 -3.34 19.38 9.63
N GLY E 432 -4.46 18.74 9.95
CA GLY E 432 -5.77 19.31 9.73
C GLY E 432 -6.50 19.76 10.97
N GLU E 433 -5.87 19.71 12.15
CA GLU E 433 -6.52 20.05 13.40
C GLU E 433 -6.42 21.55 13.65
N ARG E 434 -7.56 22.16 13.97
CA ARG E 434 -7.62 23.59 14.24
C ARG E 434 -7.08 23.91 15.63
N HIS E 435 -6.46 25.09 15.74
CA HIS E 435 -5.95 25.59 17.00
C HIS E 435 -6.57 26.91 17.42
N ALA E 436 -7.41 27.51 16.58
CA ALA E 436 -8.08 28.77 16.88
C ALA E 436 -9.59 28.56 16.81
N PHE E 437 -10.29 28.95 17.87
CA PHE E 437 -11.73 28.77 17.95
C PHE E 437 -12.37 30.00 18.55
N ILE E 438 -13.60 30.28 18.14
CA ILE E 438 -14.42 31.35 18.70
C ILE E 438 -15.68 30.71 19.26
N LEU E 439 -15.91 30.89 20.56
CA LEU E 439 -17.03 30.25 21.23
C LEU E 439 -17.69 31.25 22.16
N GLN E 440 -18.97 30.98 22.47
CA GLN E 440 -19.76 31.92 23.27
C GLN E 440 -19.73 31.59 24.76
N ASP E 441 -19.74 30.32 25.13
CA ASP E 441 -19.93 29.93 26.52
C ASP E 441 -19.00 28.79 26.89
N THR E 442 -19.01 28.44 28.18
CA THR E 442 -18.14 27.39 28.70
C THR E 442 -18.55 26.01 28.19
N LYS E 443 -19.81 25.84 27.79
CA LYS E 443 -20.28 24.52 27.35
C LYS E 443 -19.74 24.16 25.97
N ALA E 444 -19.74 25.14 25.05
CA ALA E 444 -19.14 24.90 23.75
C ALA E 444 -17.64 24.60 23.89
N LEU E 445 -16.97 25.31 24.80
CA LEU E 445 -15.57 25.00 25.09
C LEU E 445 -15.43 23.61 25.70
N HIS E 446 -16.39 23.19 26.52
CA HIS E 446 -16.36 21.82 27.04
C HIS E 446 -16.37 20.81 25.92
N GLN E 447 -17.27 20.99 24.94
CA GLN E 447 -17.34 20.05 23.82
C GLN E 447 -16.06 20.07 22.99
N VAL E 448 -15.59 21.27 22.63
CA VAL E 448 -14.40 21.39 21.79
C VAL E 448 -13.19 20.80 22.51
N PHE E 449 -13.14 20.97 23.83
CA PHE E 449 -12.03 20.42 24.60
C PHE E 449 -12.15 18.91 24.76
N GLU E 450 -13.38 18.38 24.71
CA GLU E 450 -13.53 16.93 24.58
C GLU E 450 -12.93 16.45 23.27
N HIS E 451 -13.08 17.22 22.20
CA HIS E 451 -12.32 16.93 20.98
C HIS E 451 -10.87 17.38 21.04
N MET E 452 -10.43 18.00 22.13
CA MET E 452 -9.05 18.43 22.30
C MET E 452 -8.15 17.38 22.91
N LEU E 453 -8.67 16.19 23.20
CA LEU E 453 -7.93 15.17 23.95
C LEU E 453 -7.83 13.88 23.13
N ASP E 454 -6.64 13.28 23.14
CA ASP E 454 -6.40 11.98 22.51
C ASP E 454 -6.20 10.98 23.64
N VAL E 455 -7.31 10.38 24.08
CA VAL E 455 -7.30 9.48 25.24
C VAL E 455 -7.09 8.04 24.79
N SER E 456 -6.90 7.84 23.48
CA SER E 456 -6.68 6.51 22.95
C SER E 456 -5.28 5.98 23.26
N LYS E 457 -4.35 6.86 23.65
CA LYS E 457 -2.98 6.43 23.86
C LYS E 457 -2.83 5.52 25.08
N LEU E 458 -3.51 5.85 26.17
CA LEU E 458 -3.38 5.07 27.40
C LEU E 458 -4.41 3.96 27.44
N THR E 459 -4.06 2.88 28.16
CA THR E 459 -4.94 1.73 28.32
C THR E 459 -5.08 1.31 29.79
N ASP E 460 -4.75 2.21 30.73
CA ASP E 460 -4.83 1.85 32.14
C ASP E 460 -6.26 1.63 32.59
N THR E 461 -7.23 2.07 31.78
CA THR E 461 -8.63 1.62 31.82
C THR E 461 -9.25 1.67 33.23
N ILE E 462 -9.18 2.84 33.85
CA ILE E 462 -9.93 3.03 35.09
C ILE E 462 -11.42 3.13 34.72
N CYS E 463 -12.28 2.74 35.65
CA CYS E 463 -13.72 2.71 35.36
C CYS E 463 -14.25 4.11 35.08
N GLY E 464 -15.52 4.16 34.65
CA GLY E 464 -16.27 5.39 34.60
C GLY E 464 -15.78 6.44 33.62
N VAL E 465 -14.88 6.09 32.73
CA VAL E 465 -14.43 7.01 31.68
C VAL E 465 -15.29 6.70 30.46
N GLY E 466 -16.48 7.31 30.42
CA GLY E 466 -17.35 7.25 29.27
C GLY E 466 -16.90 8.26 28.24
N ASN E 467 -17.86 8.84 27.53
CA ASN E 467 -17.54 9.97 26.67
C ASN E 467 -18.55 11.08 26.93
N MET E 468 -18.05 12.31 27.05
CA MET E 468 -18.85 13.47 27.41
C MET E 468 -19.22 14.31 26.20
N SER E 469 -19.39 13.68 25.04
CA SER E 469 -19.73 14.38 23.81
C SER E 469 -20.96 13.73 23.19
N ALA E 470 -21.96 14.55 22.87
CA ALA E 470 -23.11 14.06 22.11
C ALA E 470 -22.71 13.61 20.71
N ASN E 471 -21.54 14.04 20.24
CA ASN E 471 -21.06 13.65 18.91
C ASN E 471 -20.72 12.17 18.88
N ALA E 472 -20.24 11.62 20.00
CA ALA E 472 -19.75 10.25 20.04
C ALA E 472 -20.90 9.24 20.02
N SER E 473 -20.55 8.00 19.75
CA SER E 473 -21.51 6.90 19.71
C SER E 473 -21.98 6.56 21.12
N ASP E 474 -23.13 5.87 21.18
CA ASP E 474 -23.71 5.50 22.47
C ASP E 474 -22.81 4.52 23.23
N GLN E 475 -22.20 3.57 22.51
CA GLN E 475 -21.31 2.62 23.17
C GLN E 475 -20.12 3.31 23.82
N GLU E 476 -19.57 4.34 23.16
CA GLU E 476 -18.48 5.09 23.76
C GLU E 476 -18.95 5.84 25.00
N ARG E 477 -20.19 6.32 24.99
CA ARG E 477 -20.72 7.03 26.16
C ARG E 477 -20.85 6.10 27.37
N THR E 478 -21.23 4.84 27.14
CA THR E 478 -21.36 3.85 28.20
C THR E 478 -20.57 2.61 27.78
N PRO E 479 -19.24 2.65 27.91
CA PRO E 479 -18.42 1.51 27.46
C PRO E 479 -18.66 0.22 28.24
N TRP E 480 -19.20 0.30 29.45
CA TRP E 480 -19.46 -0.89 30.25
C TRP E 480 -20.69 -1.66 29.78
N HIS E 481 -21.54 -1.05 28.96
CA HIS E 481 -22.78 -1.67 28.56
C HIS E 481 -22.51 -2.85 27.63
N VAL E 482 -23.02 -4.02 28.00
CA VAL E 482 -22.81 -5.26 27.25
C VAL E 482 -24.16 -5.93 27.00
N THR E 483 -24.13 -6.93 26.12
CA THR E 483 -25.35 -7.57 25.63
C THR E 483 -25.30 -9.06 25.90
N ILE E 484 -26.34 -9.60 26.51
CA ILE E 484 -26.42 -11.00 26.90
C ILE E 484 -27.67 -11.62 26.30
N LYS E 485 -27.49 -12.70 25.53
CA LYS E 485 -28.61 -13.46 24.98
C LYS E 485 -28.53 -14.90 25.47
N PRO E 486 -29.44 -15.37 26.32
CA PRO E 486 -29.50 -16.79 26.65
C PRO E 486 -30.19 -17.58 25.55
N LYS E 487 -30.35 -18.88 25.78
CA LYS E 487 -31.05 -19.74 24.82
C LYS E 487 -32.52 -19.35 24.68
N SER E 488 -33.11 -18.71 25.68
CA SER E 488 -34.52 -18.31 25.62
C SER E 488 -34.81 -17.31 24.51
N GLN E 489 -33.82 -16.93 23.71
CA GLN E 489 -33.92 -16.03 22.56
C GLN E 489 -34.24 -14.60 22.98
N GLU E 490 -34.44 -14.34 24.27
CA GLU E 490 -34.64 -12.99 24.76
C GLU E 490 -33.30 -12.30 24.97
N THR E 491 -33.32 -10.97 24.90
CA THR E 491 -32.13 -10.16 25.08
C THR E 491 -32.18 -9.45 26.42
N CYS E 492 -31.17 -9.68 27.26
CA CYS E 492 -30.97 -8.89 28.46
C CYS E 492 -29.64 -8.16 28.35
N ARG E 493 -29.39 -7.24 29.28
CA ARG E 493 -28.24 -6.37 29.15
C ARG E 493 -27.33 -6.61 30.35
N GLY E 494 -26.12 -6.07 30.30
CA GLY E 494 -25.20 -6.21 31.40
C GLY E 494 -24.19 -5.08 31.43
N ALA E 495 -23.38 -5.07 32.48
CA ALA E 495 -22.36 -4.06 32.68
C ALA E 495 -21.02 -4.74 32.94
N LEU E 496 -19.98 -4.29 32.23
CA LEU E 496 -18.62 -4.75 32.49
C LEU E 496 -18.09 -4.12 33.78
N ILE E 497 -17.48 -4.94 34.62
CA ILE E 497 -16.86 -4.46 35.84
C ILE E 497 -15.37 -4.81 35.92
N SER E 498 -14.90 -5.78 35.15
CA SER E 498 -13.48 -6.06 35.03
C SER E 498 -13.21 -6.51 33.61
N ASP E 499 -12.01 -7.07 33.37
CA ASP E 499 -11.66 -7.54 32.05
C ASP E 499 -12.36 -8.84 31.67
N GLN E 500 -12.89 -9.58 32.67
CA GLN E 500 -13.51 -10.86 32.37
C GLN E 500 -14.76 -11.12 33.20
N TRP E 501 -15.33 -10.12 33.86
CA TRP E 501 -16.47 -10.29 34.75
C TRP E 501 -17.64 -9.46 34.27
N VAL E 502 -18.83 -10.05 34.26
CA VAL E 502 -20.04 -9.39 33.78
C VAL E 502 -21.13 -9.54 34.84
N LEU E 503 -21.83 -8.44 35.13
CA LEU E 503 -22.95 -8.45 36.05
C LEU E 503 -24.26 -8.35 35.29
N THR E 504 -25.26 -9.11 35.73
CA THR E 504 -26.59 -9.08 35.12
C THR E 504 -27.60 -9.51 36.17
N ALA E 505 -28.84 -9.74 35.72
CA ALA E 505 -29.91 -10.17 36.60
C ALA E 505 -30.08 -11.70 36.51
N ALA E 506 -30.49 -12.30 37.62
CA ALA E 506 -30.64 -13.75 37.67
C ALA E 506 -31.86 -14.22 36.90
N HIS E 507 -32.91 -13.38 36.81
CA HIS E 507 -34.16 -13.79 36.17
C HIS E 507 -34.00 -13.97 34.66
N CYS E 508 -32.93 -13.44 34.07
CA CYS E 508 -32.73 -13.55 32.62
C CYS E 508 -32.25 -14.93 32.19
N PHE E 509 -31.87 -15.80 33.11
CA PHE E 509 -31.49 -17.17 32.80
C PHE E 509 -32.57 -18.08 33.39
N ARG E 510 -33.63 -18.30 32.63
CA ARG E 510 -34.76 -19.12 33.04
C ARG E 510 -34.66 -20.56 32.55
N ASP E 511 -33.86 -20.82 31.51
CA ASP E 511 -33.75 -22.16 30.98
C ASP E 511 -32.98 -23.08 31.92
N GLY E 512 -32.05 -22.53 32.68
CA GLY E 512 -31.26 -23.31 33.61
C GLY E 512 -29.92 -22.63 33.86
N ASN E 513 -28.93 -23.45 34.22
CA ASN E 513 -27.58 -22.98 34.51
C ASN E 513 -26.58 -23.43 33.45
N ASP E 514 -27.05 -23.66 32.23
CA ASP E 514 -26.18 -24.07 31.12
C ASP E 514 -25.52 -22.81 30.55
N HIS E 515 -24.47 -22.37 31.23
CA HIS E 515 -23.77 -21.15 30.83
C HIS E 515 -22.98 -21.33 29.53
N SER E 516 -22.69 -22.56 29.13
CA SER E 516 -21.99 -22.80 27.88
C SER E 516 -22.86 -22.47 26.67
N LEU E 517 -24.17 -22.34 26.84
CA LEU E 517 -25.10 -22.07 25.76
C LEU E 517 -25.41 -20.58 25.61
N TRP E 518 -24.91 -19.75 26.51
CA TRP E 518 -25.17 -18.32 26.49
C TRP E 518 -24.04 -17.58 25.79
N ARG E 519 -24.37 -16.46 25.16
CA ARG E 519 -23.39 -15.63 24.48
C ARG E 519 -23.58 -14.17 24.87
N VAL E 520 -22.45 -13.47 25.07
CA VAL E 520 -22.44 -12.10 25.57
C VAL E 520 -21.68 -11.22 24.59
N ASN E 521 -22.30 -10.11 24.20
CA ASN E 521 -21.72 -9.17 23.25
C ASN E 521 -21.25 -7.92 23.97
N VAL E 522 -20.02 -7.51 23.68
CA VAL E 522 -19.41 -6.33 24.28
C VAL E 522 -19.03 -5.36 23.17
N GLY E 523 -19.10 -4.06 23.49
CA GLY E 523 -18.76 -3.05 22.50
C GLY E 523 -17.32 -3.17 22.04
N ASP E 524 -17.10 -2.96 20.74
CA ASP E 524 -15.78 -3.06 20.14
C ASP E 524 -15.63 -1.95 19.11
N PRO E 525 -14.48 -1.26 19.10
CA PRO E 525 -14.27 -0.20 18.11
C PRO E 525 -14.30 -0.68 16.67
N LYS E 526 -14.01 -1.96 16.42
CA LYS E 526 -13.90 -2.45 15.04
C LYS E 526 -15.26 -2.50 14.35
N SER E 527 -16.33 -2.81 15.08
CA SER E 527 -17.65 -2.92 14.48
C SER E 527 -18.71 -2.56 15.51
N GLN E 528 -19.84 -2.05 15.04
CA GLN E 528 -20.94 -1.71 15.94
C GLN E 528 -21.66 -2.94 16.46
N TRP E 529 -21.50 -4.10 15.80
CA TRP E 529 -22.09 -5.34 16.30
C TRP E 529 -21.37 -5.87 17.52
N GLY E 530 -20.16 -5.39 17.80
CA GLY E 530 -19.40 -5.85 18.94
C GLY E 530 -18.73 -7.18 18.68
N LYS E 531 -18.08 -7.69 19.73
CA LYS E 531 -17.36 -8.96 19.69
C LYS E 531 -18.04 -9.96 20.61
N GLU E 532 -18.25 -11.18 20.11
CA GLU E 532 -19.00 -12.18 20.84
C GLU E 532 -18.06 -13.08 21.64
N PHE E 533 -18.42 -13.32 22.90
CA PHE E 533 -17.60 -14.11 23.82
C PHE E 533 -18.42 -15.21 24.47
N LEU E 534 -17.74 -16.27 24.87
CA LEU E 534 -18.34 -17.36 25.60
C LEU E 534 -18.15 -17.14 27.10
N ILE E 535 -18.88 -17.90 27.91
CA ILE E 535 -18.89 -17.73 29.36
C ILE E 535 -18.19 -18.93 29.99
N GLU E 536 -17.11 -18.67 30.73
CA GLU E 536 -16.40 -19.75 31.42
C GLU E 536 -17.25 -20.38 32.51
N LYS E 537 -17.83 -19.56 33.38
CA LYS E 537 -18.65 -20.07 34.46
C LYS E 537 -19.68 -19.02 34.85
N ALA E 538 -20.75 -19.49 35.49
CA ALA E 538 -21.84 -18.63 35.92
C ALA E 538 -22.12 -18.86 37.40
N VAL E 539 -22.47 -17.79 38.10
CA VAL E 539 -22.88 -17.85 39.49
C VAL E 539 -24.23 -17.18 39.61
N ILE E 540 -25.23 -17.93 40.07
CA ILE E 540 -26.56 -17.40 40.34
C ILE E 540 -26.68 -17.19 41.83
N SER E 541 -27.47 -16.20 42.22
CA SER E 541 -27.71 -15.97 43.64
C SER E 541 -28.50 -17.14 44.20
N PRO E 542 -27.97 -17.86 45.19
CA PRO E 542 -28.70 -19.04 45.72
C PRO E 542 -30.04 -18.69 46.37
N GLY E 543 -30.19 -17.49 46.89
CA GLY E 543 -31.46 -17.05 47.44
C GLY E 543 -32.46 -16.58 46.41
N PHE E 544 -32.11 -16.65 45.12
CA PHE E 544 -33.03 -16.25 44.05
C PHE E 544 -33.96 -17.39 43.70
N ASP E 545 -35.26 -17.11 43.65
CA ASP E 545 -36.27 -18.08 43.22
C ASP E 545 -37.52 -17.31 42.82
N VAL E 546 -37.92 -17.44 41.57
CA VAL E 546 -39.08 -16.69 41.08
C VAL E 546 -40.35 -17.15 41.78
N PHE E 547 -40.53 -18.47 41.91
CA PHE E 547 -41.72 -19.04 42.55
C PHE E 547 -41.45 -19.43 44.00
N ALA E 548 -40.58 -18.69 44.70
CA ALA E 548 -40.32 -18.98 46.10
C ALA E 548 -41.55 -18.74 46.96
N LYS E 549 -42.30 -17.68 46.67
CA LYS E 549 -43.43 -17.26 47.49
C LYS E 549 -44.77 -17.56 46.80
N LYS E 550 -44.81 -18.57 45.94
CA LYS E 550 -46.06 -18.92 45.28
C LYS E 550 -47.10 -19.45 46.25
N ASN E 551 -46.68 -19.94 47.42
CA ASN E 551 -47.63 -20.39 48.42
C ASN E 551 -48.45 -19.25 49.00
N GLN E 552 -47.97 -18.02 48.89
CA GLN E 552 -48.65 -16.84 49.40
C GLN E 552 -49.37 -16.06 48.31
N GLY E 553 -49.53 -16.64 47.13
CA GLY E 553 -50.11 -15.93 46.01
C GLY E 553 -49.16 -15.06 45.23
N ILE E 554 -47.87 -15.10 45.54
CA ILE E 554 -46.87 -14.30 44.86
C ILE E 554 -46.36 -15.11 43.67
N LEU E 555 -46.74 -14.70 42.46
CA LEU E 555 -46.35 -15.44 41.26
C LEU E 555 -44.86 -15.31 40.98
N GLU E 556 -44.34 -14.08 41.06
CA GLU E 556 -42.93 -13.82 40.76
C GLU E 556 -42.34 -12.97 41.87
N PHE E 557 -41.28 -13.48 42.50
CA PHE E 557 -40.53 -12.77 43.52
C PHE E 557 -39.12 -12.55 43.02
N TYR E 558 -38.70 -11.29 42.96
CA TYR E 558 -37.41 -10.92 42.39
C TYR E 558 -36.34 -10.71 43.46
N GLY E 559 -36.45 -11.39 44.60
CA GLY E 559 -35.42 -11.32 45.60
C GLY E 559 -34.12 -11.93 45.12
N ASP E 560 -33.02 -11.23 45.38
CA ASP E 560 -31.69 -11.68 44.97
C ASP E 560 -31.60 -11.89 43.46
N ASP E 561 -32.23 -11.01 42.70
CA ASP E 561 -32.23 -11.09 41.24
C ASP E 561 -30.92 -10.51 40.72
N ILE E 562 -29.87 -11.32 40.84
CA ILE E 562 -28.53 -10.92 40.41
C ILE E 562 -27.78 -12.17 39.94
N ALA E 563 -27.09 -12.06 38.81
CA ALA E 563 -26.36 -13.18 38.23
C ALA E 563 -24.93 -12.75 37.92
N LEU E 564 -24.03 -13.71 37.97
CA LEU E 564 -22.60 -13.47 37.77
C LEU E 564 -22.08 -14.35 36.65
N LEU E 565 -21.21 -13.79 35.81
CA LEU E 565 -20.70 -14.49 34.64
C LEU E 565 -19.21 -14.25 34.49
N LYS E 566 -18.49 -15.29 34.10
CA LYS E 566 -17.06 -15.22 33.77
C LYS E 566 -16.89 -15.42 32.28
N LEU E 567 -16.33 -14.42 31.60
CA LEU E 567 -16.18 -14.49 30.15
C LEU E 567 -15.07 -15.46 29.76
N ALA E 568 -15.12 -15.93 28.51
CA ALA E 568 -14.17 -16.93 28.04
C ALA E 568 -12.75 -16.39 28.05
N GLN E 569 -12.55 -15.16 27.58
CA GLN E 569 -11.24 -14.53 27.57
C GLN E 569 -11.36 -13.11 28.11
N LYS E 570 -10.21 -12.52 28.42
CA LYS E 570 -10.20 -11.15 28.91
C LYS E 570 -10.63 -10.18 27.80
N VAL E 571 -11.39 -9.17 28.18
CA VAL E 571 -11.89 -8.19 27.23
C VAL E 571 -10.78 -7.19 26.93
N LYS E 572 -10.56 -6.92 25.65
CA LYS E 572 -9.58 -5.93 25.24
C LYS E 572 -10.11 -4.54 25.52
N MET E 573 -9.50 -3.86 26.49
CA MET E 573 -9.95 -2.52 26.88
C MET E 573 -9.77 -1.53 25.74
N SER E 574 -10.76 -0.67 25.57
CA SER E 574 -10.76 0.35 24.53
C SER E 574 -11.77 1.43 24.92
N THR E 575 -12.02 2.36 23.99
CA THR E 575 -13.02 3.39 24.25
C THR E 575 -14.42 2.79 24.38
N HIS E 576 -14.71 1.77 23.58
CA HIS E 576 -16.01 1.12 23.59
C HIS E 576 -16.13 0.01 24.63
N ALA E 577 -15.04 -0.35 25.30
CA ALA E 577 -15.04 -1.46 26.26
C ALA E 577 -14.24 -1.04 27.48
N ARG E 578 -14.94 -0.54 28.50
CA ARG E 578 -14.34 -0.11 29.75
C ARG E 578 -15.24 -0.55 30.89
N PRO E 579 -14.69 -1.03 31.99
CA PRO E 579 -15.52 -1.48 33.11
C PRO E 579 -16.08 -0.31 33.90
N ILE E 580 -17.04 -0.63 34.77
CA ILE E 580 -17.59 0.31 35.73
C ILE E 580 -17.36 -0.24 37.13
N CYS E 581 -16.81 0.58 38.01
CA CYS E 581 -16.35 0.11 39.31
C CYS E 581 -17.48 0.07 40.32
N LEU E 582 -17.53 -1.02 41.08
CA LEU E 582 -18.49 -1.14 42.16
C LEU E 582 -18.13 -0.18 43.29
N PRO E 583 -19.13 0.36 43.99
CA PRO E 583 -18.86 1.13 45.20
C PRO E 583 -18.25 0.24 46.27
N CYS E 584 -17.80 0.89 47.36
CA CYS E 584 -17.19 0.21 48.50
C CYS E 584 -15.91 -0.50 48.09
N THR E 585 -15.24 -0.01 47.05
CA THR E 585 -14.01 -0.59 46.54
C THR E 585 -12.93 0.46 46.43
N MET E 586 -11.68 0.03 46.51
CA MET E 586 -10.56 0.95 46.39
C MET E 586 -10.52 1.61 45.02
N GLU E 587 -10.91 0.88 43.97
CA GLU E 587 -10.97 1.47 42.64
C GLU E 587 -11.98 2.61 42.60
N ALA E 588 -13.15 2.41 43.21
CA ALA E 588 -14.12 3.49 43.31
C ALA E 588 -13.61 4.62 44.19
N ASN E 589 -12.83 4.30 45.22
CA ASN E 589 -12.28 5.33 46.08
C ASN E 589 -11.33 6.25 45.31
N LEU E 590 -10.46 5.67 44.49
CA LEU E 590 -9.63 6.49 43.61
C LEU E 590 -10.47 7.25 42.61
N ALA E 591 -11.51 6.60 42.07
CA ALA E 591 -12.40 7.27 41.13
C ALA E 591 -13.14 8.42 41.80
N LEU E 592 -13.45 8.30 43.09
CA LEU E 592 -14.06 9.38 43.85
C LEU E 592 -13.05 10.39 44.40
N ARG E 593 -11.75 10.13 44.23
CA ARG E 593 -10.71 11.02 44.73
C ARG E 593 -10.85 11.25 46.23
N ARG E 594 -11.15 10.17 46.94
CA ARG E 594 -11.48 10.18 48.36
C ARG E 594 -10.30 9.68 49.19
N PRO E 595 -10.22 10.07 50.46
CA PRO E 595 -9.17 9.53 51.34
C PRO E 595 -9.23 8.01 51.42
N GLN E 596 -8.09 7.43 51.81
CA GLN E 596 -7.96 5.98 51.81
C GLN E 596 -8.90 5.32 52.81
N GLY E 597 -9.05 5.91 54.00
CA GLY E 597 -9.86 5.31 55.04
C GLY E 597 -11.35 5.45 54.81
N SER E 598 -11.87 4.76 53.79
CA SER E 598 -13.28 4.79 53.46
C SER E 598 -13.93 3.45 53.78
N THR E 599 -15.23 3.50 54.04
CA THR E 599 -16.02 2.31 54.33
C THR E 599 -17.16 2.19 53.33
N CYS E 600 -17.79 1.01 53.32
CA CYS E 600 -18.90 0.78 52.41
C CYS E 600 -20.07 1.70 52.71
N ARG E 601 -20.40 1.86 53.99
CA ARG E 601 -21.48 2.77 54.38
C ARG E 601 -21.17 4.19 53.97
N ASP E 602 -19.90 4.60 54.10
CA ASP E 602 -19.51 5.95 53.69
C ASP E 602 -19.65 6.14 52.19
N HIS E 603 -19.30 5.12 51.40
CA HIS E 603 -19.49 5.21 49.95
C HIS E 603 -20.98 5.32 49.60
N GLU E 604 -21.82 4.54 50.28
CA GLU E 604 -23.26 4.63 50.04
C GLU E 604 -23.78 6.02 50.42
N ASN E 605 -23.27 6.58 51.51
CA ASN E 605 -23.65 7.93 51.90
C ASN E 605 -23.23 8.96 50.84
N GLU E 606 -22.02 8.82 50.31
CA GLU E 606 -21.55 9.75 49.29
C GLU E 606 -22.40 9.67 48.03
N LEU E 607 -22.75 8.45 47.61
CA LEU E 607 -23.55 8.30 46.40
C LEU E 607 -25.01 8.66 46.66
N LEU E 608 -25.66 7.96 47.59
CA LEU E 608 -27.05 8.22 47.92
C LEU E 608 -27.11 9.28 49.03
N ASN E 609 -26.73 10.50 48.65
CA ASN E 609 -26.65 11.61 49.57
C ASN E 609 -27.89 12.51 49.55
N LYS E 610 -28.89 12.20 48.74
CA LYS E 610 -30.06 13.04 48.60
C LYS E 610 -31.32 12.19 48.62
N GLN E 611 -32.43 12.81 48.97
CA GLN E 611 -33.73 12.14 48.94
C GLN E 611 -34.07 11.67 47.52
N SER E 612 -33.85 12.53 46.53
CA SER E 612 -34.09 12.20 45.12
C SER E 612 -32.76 12.33 44.39
N VAL E 613 -32.11 11.20 44.13
CA VAL E 613 -30.82 11.15 43.48
C VAL E 613 -31.02 10.76 42.02
N PRO E 614 -30.70 11.63 41.06
CA PRO E 614 -30.83 11.26 39.64
C PRO E 614 -29.92 10.09 39.30
N ALA E 615 -30.41 9.25 38.39
CA ALA E 615 -29.67 8.08 37.93
C ALA E 615 -29.95 7.85 36.46
N HIS E 616 -29.22 6.92 35.87
CA HIS E 616 -29.35 6.62 34.44
C HIS E 616 -29.35 5.13 34.22
N PHE E 617 -29.98 4.71 33.12
CA PHE E 617 -29.94 3.33 32.67
C PHE E 617 -29.89 3.34 31.15
N VAL E 618 -29.35 2.27 30.58
CA VAL E 618 -29.16 2.17 29.14
C VAL E 618 -30.33 1.43 28.52
N ALA E 619 -30.89 2.00 27.45
CA ALA E 619 -32.05 1.45 26.78
C ALA E 619 -31.63 0.38 25.77
N LEU E 620 -32.63 -0.14 25.03
CA LEU E 620 -32.34 -1.15 24.02
C LEU E 620 -31.45 -0.59 22.91
N ASN E 621 -31.73 0.63 22.46
CA ASN E 621 -30.97 1.26 21.40
C ASN E 621 -29.65 1.85 21.88
N GLY E 622 -29.28 1.65 23.14
CA GLY E 622 -28.08 2.22 23.70
C GLY E 622 -28.23 3.64 24.19
N SER E 623 -29.41 4.24 24.06
CA SER E 623 -29.63 5.59 24.54
C SER E 623 -29.61 5.64 26.06
N LYS E 624 -29.25 6.80 26.59
CA LYS E 624 -29.18 7.03 28.04
C LYS E 624 -30.40 7.81 28.48
N LEU E 625 -31.12 7.26 29.47
CA LEU E 625 -32.32 7.89 30.01
C LEU E 625 -32.07 8.26 31.47
N ASN E 626 -32.92 9.13 31.99
CA ASN E 626 -32.75 9.70 33.33
C ASN E 626 -33.86 9.22 34.25
N ILE E 627 -33.48 8.73 35.43
CA ILE E 627 -34.43 8.32 36.46
C ILE E 627 -33.97 8.90 37.79
N ASN E 628 -34.89 8.95 38.74
CA ASN E 628 -34.64 9.51 40.06
C ASN E 628 -34.75 8.40 41.11
N LEU E 629 -33.75 8.31 41.98
CA LEU E 629 -33.71 7.30 43.03
C LEU E 629 -34.30 7.88 44.32
N LYS E 630 -35.29 7.20 44.87
CA LYS E 630 -35.94 7.62 46.11
C LYS E 630 -35.56 6.65 47.22
N MET E 631 -35.15 7.20 48.36
CA MET E 631 -34.73 6.41 49.50
C MET E 631 -35.48 6.88 50.75
N GLY E 632 -35.17 6.26 51.88
CA GLY E 632 -35.72 6.67 53.16
C GLY E 632 -37.23 6.73 53.23
N VAL E 633 -37.76 7.91 53.57
CA VAL E 633 -39.20 8.06 53.74
C VAL E 633 -39.93 7.88 52.41
N GLU E 634 -39.40 8.47 51.33
CA GLU E 634 -40.05 8.34 50.03
C GLU E 634 -39.89 6.96 49.42
N TRP E 635 -38.94 6.17 49.93
CA TRP E 635 -38.79 4.80 49.45
C TRP E 635 -40.05 3.99 49.73
N THR E 636 -40.65 4.17 50.91
CA THR E 636 -41.92 3.54 51.20
C THR E 636 -43.02 4.06 50.27
N SER E 637 -42.94 5.33 49.88
CA SER E 637 -43.97 5.90 49.01
C SER E 637 -43.93 5.29 47.62
N CYS E 638 -42.72 5.03 47.09
CA CYS E 638 -42.66 4.50 45.73
C CYS E 638 -43.21 3.07 45.68
N ALA E 639 -43.03 2.31 46.76
CA ALA E 639 -43.42 0.91 46.80
C ALA E 639 -44.86 0.68 47.22
N GLU E 640 -45.59 1.72 47.64
CA GLU E 640 -46.98 1.53 48.03
C GLU E 640 -47.88 1.24 46.84
N VAL E 641 -47.43 1.51 45.62
CA VAL E 641 -48.27 1.34 44.43
C VAL E 641 -48.31 -0.10 43.92
N VAL E 642 -47.48 -0.99 44.47
CA VAL E 642 -47.52 -2.39 44.02
C VAL E 642 -48.80 -3.08 44.45
N SER E 643 -49.46 -2.59 45.50
CA SER E 643 -50.70 -3.20 45.95
C SER E 643 -51.85 -2.97 44.97
N GLN E 644 -51.70 -2.03 44.03
CA GLN E 644 -52.71 -1.76 43.02
C GLN E 644 -52.63 -2.73 41.84
N GLU E 645 -51.63 -3.61 41.81
CA GLU E 645 -51.46 -4.52 40.70
C GLU E 645 -52.59 -5.56 40.66
N LYS E 646 -52.92 -6.00 39.45
CA LYS E 646 -54.02 -6.93 39.23
C LYS E 646 -53.59 -8.29 38.69
N THR E 647 -52.38 -8.42 38.17
CA THR E 647 -51.96 -9.63 37.46
C THR E 647 -50.89 -10.42 38.20
N MET E 648 -49.74 -9.80 38.47
CA MET E 648 -48.62 -10.56 39.05
C MET E 648 -48.90 -10.96 40.49
N PHE E 649 -49.71 -10.19 41.22
CA PHE E 649 -49.99 -10.45 42.63
C PHE E 649 -51.50 -10.46 42.85
N PRO E 650 -52.18 -11.54 42.47
CA PRO E 650 -53.61 -11.65 42.79
C PRO E 650 -53.89 -11.64 44.28
N ASN E 651 -52.97 -12.17 45.10
CA ASN E 651 -53.14 -12.28 46.54
C ASN E 651 -51.94 -11.64 47.22
N LEU E 652 -52.05 -10.34 47.50
CA LEU E 652 -50.98 -9.59 48.15
C LEU E 652 -51.58 -8.77 49.29
N THR E 653 -50.94 -8.83 50.46
CA THR E 653 -51.45 -8.10 51.62
C THR E 653 -50.35 -7.26 52.26
N ASP E 654 -49.11 -7.71 52.19
CA ASP E 654 -47.97 -7.02 52.79
C ASP E 654 -47.04 -6.52 51.70
N VAL E 655 -46.75 -5.22 51.72
CA VAL E 655 -45.93 -4.61 50.67
C VAL E 655 -44.48 -5.08 50.78
N ARG E 656 -43.94 -5.11 52.01
CA ARG E 656 -42.52 -5.41 52.19
C ARG E 656 -42.17 -6.84 51.79
N GLU E 657 -43.15 -7.73 51.66
CA GLU E 657 -42.86 -9.11 51.30
C GLU E 657 -42.33 -9.25 49.88
N VAL E 658 -42.58 -8.28 49.02
CA VAL E 658 -42.09 -8.31 47.64
C VAL E 658 -41.02 -7.26 47.39
N VAL E 659 -41.19 -6.04 47.92
CA VAL E 659 -40.20 -5.00 47.71
C VAL E 659 -39.42 -4.83 49.00
N THR E 660 -38.31 -5.56 49.11
CA THR E 660 -37.49 -5.55 50.31
C THR E 660 -36.48 -4.41 50.22
N ASP E 661 -35.54 -4.38 51.17
CA ASP E 661 -34.49 -3.36 51.17
C ASP E 661 -33.56 -3.46 49.96
N GLN E 662 -33.63 -4.57 49.22
CA GLN E 662 -32.79 -4.78 48.05
C GLN E 662 -33.24 -3.99 46.83
N PHE E 663 -34.44 -3.41 46.86
CA PHE E 663 -35.04 -2.77 45.69
C PHE E 663 -35.01 -1.25 45.84
N LEU E 664 -34.60 -0.57 44.78
CA LEU E 664 -34.55 0.88 44.74
C LEU E 664 -35.87 1.43 44.20
N CYS E 665 -35.95 2.75 44.04
CA CYS E 665 -37.18 3.42 43.63
C CYS E 665 -36.91 4.18 42.34
N SER E 666 -37.78 3.97 41.34
CA SER E 666 -37.68 4.73 40.09
C SER E 666 -38.97 4.57 39.32
N GLY E 667 -39.22 5.53 38.43
CA GLY E 667 -40.43 5.56 37.62
C GLY E 667 -41.40 6.66 38.01
N THR E 668 -41.13 7.41 39.07
CA THR E 668 -42.02 8.48 39.49
C THR E 668 -41.89 9.70 38.57
N GLN E 669 -42.94 10.51 38.55
CA GLN E 669 -43.00 11.75 37.76
C GLN E 669 -42.81 11.39 36.29
N GLU E 670 -41.77 11.90 35.62
CA GLU E 670 -41.54 11.65 34.20
C GLU E 670 -40.45 10.62 33.96
N ASP E 671 -40.02 9.90 35.00
CA ASP E 671 -38.92 8.96 34.85
C ASP E 671 -39.28 7.83 33.90
N GLU E 672 -38.32 7.45 33.07
CA GLU E 672 -38.53 6.37 32.11
C GLU E 672 -38.57 5.02 32.82
N SER E 673 -39.28 4.07 32.21
CA SER E 673 -39.41 2.73 32.76
C SER E 673 -38.67 1.74 31.88
N PRO E 674 -37.60 1.12 32.34
CA PRO E 674 -36.95 0.07 31.55
C PRO E 674 -37.86 -1.14 31.39
N CYS E 675 -37.70 -1.82 30.26
CA CYS E 675 -38.50 -2.99 29.93
C CYS E 675 -37.65 -4.26 30.03
N LYS E 676 -38.28 -5.39 29.71
CA LYS E 676 -37.63 -6.68 29.90
C LYS E 676 -36.37 -6.80 29.05
N GLY E 677 -36.37 -6.22 27.85
CA GLY E 677 -35.19 -6.26 27.01
C GLY E 677 -33.99 -5.58 27.63
N GLU E 678 -34.22 -4.53 28.41
CA GLU E 678 -33.15 -3.81 29.09
C GLU E 678 -32.89 -4.33 30.49
N ALA E 679 -33.57 -5.40 30.91
CA ALA E 679 -33.37 -5.93 32.25
C ALA E 679 -31.94 -6.45 32.42
N GLY E 680 -31.39 -6.25 33.61
CA GLY E 680 -30.02 -6.61 33.89
C GLY E 680 -29.02 -5.51 33.60
N GLY E 681 -29.46 -4.38 33.06
CA GLY E 681 -28.56 -3.29 32.75
C GLY E 681 -28.07 -2.58 33.99
N ALA E 682 -27.14 -1.65 33.78
CA ALA E 682 -26.50 -0.93 34.87
C ALA E 682 -27.28 0.33 35.21
N VAL E 683 -27.58 0.52 36.49
CA VAL E 683 -28.11 1.76 37.01
C VAL E 683 -26.92 2.53 37.58
N PHE E 684 -26.50 3.57 36.88
CA PHE E 684 -25.23 4.22 37.17
C PHE E 684 -25.44 5.71 37.44
N LEU E 685 -24.47 6.28 38.16
CA LEU E 685 -24.47 7.68 38.55
C LEU E 685 -23.18 8.35 38.07
N GLU E 686 -23.29 9.63 37.74
CA GLU E 686 -22.16 10.42 37.27
C GLU E 686 -21.68 11.35 38.39
N ARG E 687 -20.38 11.31 38.66
CA ARG E 687 -19.79 12.19 39.67
C ARG E 687 -18.30 12.31 39.40
N ARG E 688 -17.79 13.54 39.42
CA ARG E 688 -16.37 13.82 39.17
C ARG E 688 -15.93 13.27 37.81
N PHE E 689 -16.82 13.38 36.81
CA PHE E 689 -16.60 12.80 35.49
C PHE E 689 -16.43 11.28 35.55
N ARG E 690 -17.04 10.64 36.54
CA ARG E 690 -16.89 9.20 36.75
C ARG E 690 -18.25 8.56 36.92
N PHE E 691 -18.35 7.31 36.46
CA PHE E 691 -19.60 6.56 36.50
C PHE E 691 -19.49 5.42 37.50
N PHE E 692 -20.54 5.24 38.31
CA PHE E 692 -20.58 4.21 39.34
C PHE E 692 -21.90 3.46 39.25
N GLN E 693 -21.83 2.14 39.18
CA GLN E 693 -23.05 1.33 39.11
C GLN E 693 -23.56 1.10 40.52
N VAL E 694 -24.75 1.64 40.82
CA VAL E 694 -25.36 1.49 42.13
C VAL E 694 -26.46 0.44 42.15
N GLY E 695 -26.92 -0.01 40.99
CA GLY E 695 -27.98 -1.01 40.95
C GLY E 695 -28.09 -1.61 39.57
N LEU E 696 -28.96 -2.60 39.46
CA LEU E 696 -29.23 -3.30 38.21
C LEU E 696 -30.74 -3.43 38.03
N VAL E 697 -31.19 -3.32 36.78
CA VAL E 697 -32.61 -3.40 36.49
C VAL E 697 -33.10 -4.82 36.72
N SER E 698 -34.15 -4.96 37.52
CA SER E 698 -34.72 -6.26 37.85
C SER E 698 -36.14 -6.41 37.30
N TRP E 699 -37.04 -5.49 37.63
CA TRP E 699 -38.43 -5.59 37.20
C TRP E 699 -39.08 -4.22 37.36
N GLY E 700 -40.31 -4.11 36.87
CA GLY E 700 -41.06 -2.87 36.97
C GLY E 700 -42.54 -3.15 36.81
N LEU E 701 -43.34 -2.12 37.10
CA LEU E 701 -44.79 -2.23 37.03
C LEU E 701 -45.35 -1.95 35.65
N TYR E 702 -44.54 -1.45 34.72
CA TYR E 702 -45.00 -1.09 33.40
C TYR E 702 -43.96 -1.53 32.37
N ASN E 703 -44.44 -1.91 31.18
CA ASN E 703 -43.60 -2.44 30.11
C ASN E 703 -43.78 -1.58 28.88
N PRO E 704 -42.97 -0.52 28.73
CA PRO E 704 -43.12 0.36 27.56
C PRO E 704 -42.84 -0.33 26.23
N CYS E 705 -41.90 -1.29 26.19
CA CYS E 705 -41.57 -1.95 24.95
C CYS E 705 -42.67 -2.89 24.46
N LEU E 706 -43.67 -3.17 25.28
CA LEU E 706 -44.77 -4.04 24.88
C LEU E 706 -45.62 -3.39 23.80
N ARG E 714 -36.77 1.39 20.38
CA ARG E 714 -36.83 2.69 19.73
C ARG E 714 -38.17 3.36 19.96
N LYS E 715 -39.17 2.57 20.35
CA LYS E 715 -40.52 3.06 20.56
C LYS E 715 -40.87 2.97 22.04
N ARG E 716 -41.32 4.09 22.60
CA ARG E 716 -41.72 4.19 23.99
C ARG E 716 -43.03 4.94 24.10
N ALA E 717 -43.89 4.53 25.02
CA ALA E 717 -45.19 5.16 25.18
C ALA E 717 -45.70 5.01 26.61
N PRO E 718 -45.94 6.10 27.32
CA PRO E 718 -46.47 6.03 28.68
C PRO E 718 -48.00 5.99 28.71
N ARG E 719 -48.53 5.78 29.90
CA ARG E 719 -49.96 5.74 30.13
C ARG E 719 -50.27 6.33 31.50
N SER E 720 -51.54 6.66 31.71
CA SER E 720 -52.00 7.30 32.95
C SER E 720 -53.14 6.50 33.57
N LYS E 721 -52.93 5.18 33.67
CA LYS E 721 -53.93 4.29 34.23
C LYS E 721 -53.30 3.44 35.33
N VAL E 722 -54.10 3.15 36.36
CA VAL E 722 -53.64 2.31 37.47
C VAL E 722 -53.26 0.93 36.95
N PRO E 723 -52.10 0.38 37.32
CA PRO E 723 -51.07 0.93 38.23
C PRO E 723 -50.16 1.96 37.55
N PRO E 724 -49.70 2.95 38.31
CA PRO E 724 -48.77 3.93 37.74
C PRO E 724 -47.43 3.29 37.45
N PRO E 725 -46.67 3.84 36.50
CA PRO E 725 -45.34 3.26 36.21
C PRO E 725 -44.42 3.37 37.40
N ARG E 726 -43.64 2.30 37.63
CA ARG E 726 -42.75 2.23 38.77
C ARG E 726 -41.76 1.10 38.53
N ASP E 727 -40.49 1.36 38.78
CA ASP E 727 -39.42 0.40 38.54
C ASP E 727 -38.65 0.12 39.82
N PHE E 728 -38.09 -1.08 39.92
CA PHE E 728 -37.34 -1.51 41.09
C PHE E 728 -36.02 -2.12 40.63
N HIS E 729 -34.92 -1.62 41.17
CA HIS E 729 -33.59 -2.09 40.82
C HIS E 729 -32.95 -2.76 42.03
N ILE E 730 -32.25 -3.87 41.78
CA ILE E 730 -31.56 -4.58 42.86
C ILE E 730 -30.44 -3.71 43.40
N ASN E 731 -30.43 -3.52 44.71
CA ASN E 731 -29.44 -2.66 45.35
C ASN E 731 -28.12 -3.42 45.49
N LEU E 732 -27.06 -2.88 44.89
CA LEU E 732 -25.75 -3.51 44.99
C LEU E 732 -25.15 -3.31 46.39
N PHE E 733 -25.54 -2.25 47.08
CA PHE E 733 -25.03 -2.02 48.43
C PHE E 733 -25.53 -3.08 49.41
N ARG E 734 -26.71 -3.65 49.14
CA ARG E 734 -27.26 -4.69 50.01
C ARG E 734 -26.73 -6.08 49.70
N MET E 735 -26.01 -6.24 48.59
CA MET E 735 -25.49 -7.54 48.17
C MET E 735 -23.97 -7.62 48.31
N GLN E 736 -23.38 -6.77 49.15
CA GLN E 736 -21.93 -6.76 49.31
C GLN E 736 -21.35 -8.09 49.76
N PRO E 737 -21.92 -8.83 50.72
CA PRO E 737 -21.28 -10.10 51.13
C PRO E 737 -21.00 -11.05 49.96
N TRP E 738 -22.02 -11.33 49.16
CA TRP E 738 -21.86 -12.33 48.10
C TRP E 738 -21.00 -11.79 46.96
N LEU E 739 -21.12 -10.49 46.67
CA LEU E 739 -20.26 -9.87 45.67
C LEU E 739 -18.79 -9.91 46.10
N ARG E 740 -18.54 -9.80 47.41
CA ARG E 740 -17.18 -9.95 47.90
C ARG E 740 -16.75 -11.41 47.90
N GLN E 741 -17.69 -12.33 48.10
CA GLN E 741 -17.37 -13.75 48.03
C GLN E 741 -16.86 -14.13 46.64
N HIS E 742 -17.50 -13.62 45.59
CA HIS E 742 -17.12 -14.00 44.24
C HIS E 742 -16.16 -13.01 43.56
N LEU E 743 -16.03 -11.80 44.08
CA LEU E 743 -15.17 -10.77 43.48
C LEU E 743 -14.03 -10.35 44.38
N GLY E 744 -13.79 -11.07 45.49
CA GLY E 744 -12.71 -10.69 46.38
C GLY E 744 -11.35 -10.74 45.70
N ASP E 745 -11.13 -11.75 44.87
CA ASP E 745 -9.88 -11.89 44.15
C ASP E 745 -9.82 -11.00 42.91
N VAL E 746 -10.92 -10.41 42.50
CA VAL E 746 -10.97 -9.53 41.33
C VAL E 746 -10.82 -8.07 41.72
N LEU E 747 -11.52 -7.64 42.76
CA LEU E 747 -11.47 -6.26 43.24
C LEU E 747 -11.11 -6.24 44.71
N ASN E 748 -10.36 -5.22 45.12
CA ASN E 748 -9.97 -5.04 46.52
C ASN E 748 -11.07 -4.25 47.21
N PHE E 749 -12.02 -4.98 47.81
CA PHE E 749 -13.15 -4.35 48.45
C PHE E 749 -12.73 -3.64 49.73
N LEU E 750 -13.32 -2.47 49.96
CA LEU E 750 -13.06 -1.71 51.18
C LEU E 750 -13.78 -2.35 52.36
N PRO E 751 -13.33 -2.07 53.58
CA PRO E 751 -14.02 -2.61 54.76
C PRO E 751 -15.46 -2.11 54.84
N LEU E 752 -16.31 -2.93 55.42
CA LEU E 752 -17.74 -2.64 55.55
C LEU E 752 -17.98 -1.31 56.27
#